data_1TGM
# 
_entry.id   1TGM 
# 
_audit_conform.dict_name       mmcif_pdbx.dic 
_audit_conform.dict_version    5.398 
_audit_conform.dict_location   http://mmcif.pdb.org/dictionaries/ascii/mmcif_pdbx.dic 
# 
loop_
_database_2.database_id 
_database_2.database_code 
_database_2.pdbx_database_accession 
_database_2.pdbx_DOI 
PDB   1TGM         pdb_00001tgm 10.2210/pdb1tgm/pdb 
RCSB  RCSB022628   ?            ?                   
WWPDB D_1000022628 ?            ?                   
# 
loop_
_pdbx_audit_revision_history.ordinal 
_pdbx_audit_revision_history.data_content_type 
_pdbx_audit_revision_history.major_revision 
_pdbx_audit_revision_history.minor_revision 
_pdbx_audit_revision_history.revision_date 
1 'Structure model' 1 0 2004-06-08 
2 'Structure model' 1 1 2008-04-30 
3 'Structure model' 1 2 2011-07-13 
4 'Structure model' 1 3 2023-08-23 
5 'Structure model' 1 4 2024-10-30 
# 
_pdbx_audit_revision_details.ordinal             1 
_pdbx_audit_revision_details.revision_ordinal    1 
_pdbx_audit_revision_details.data_content_type   'Structure model' 
_pdbx_audit_revision_details.provider            repository 
_pdbx_audit_revision_details.type                'Initial release' 
_pdbx_audit_revision_details.description         ? 
_pdbx_audit_revision_details.details             ? 
# 
loop_
_pdbx_audit_revision_group.ordinal 
_pdbx_audit_revision_group.revision_ordinal 
_pdbx_audit_revision_group.data_content_type 
_pdbx_audit_revision_group.group 
1 2 'Structure model' 'Version format compliance' 
2 3 'Structure model' 'Version format compliance' 
3 4 'Structure model' 'Data collection'           
4 4 'Structure model' 'Database references'       
5 4 'Structure model' 'Derived calculations'      
6 4 'Structure model' 'Refinement description'    
7 4 'Structure model' 'Structure summary'         
8 5 'Structure model' 'Structure summary'         
# 
loop_
_pdbx_audit_revision_category.ordinal 
_pdbx_audit_revision_category.revision_ordinal 
_pdbx_audit_revision_category.data_content_type 
_pdbx_audit_revision_category.category 
1  4 'Structure model' chem_comp                     
2  4 'Structure model' chem_comp_atom                
3  4 'Structure model' chem_comp_bond                
4  4 'Structure model' database_2                    
5  4 'Structure model' pdbx_initial_refinement_model 
6  4 'Structure model' pdbx_struct_conn_angle        
7  4 'Structure model' struct_conn                   
8  4 'Structure model' struct_ref_seq_dif            
9  4 'Structure model' struct_site                   
10 5 'Structure model' pdbx_entry_details            
11 5 'Structure model' pdbx_modification_feature     
# 
loop_
_pdbx_audit_revision_item.ordinal 
_pdbx_audit_revision_item.revision_ordinal 
_pdbx_audit_revision_item.data_content_type 
_pdbx_audit_revision_item.item 
1  4 'Structure model' '_chem_comp.pdbx_synonyms'                    
2  4 'Structure model' '_database_2.pdbx_DOI'                        
3  4 'Structure model' '_database_2.pdbx_database_accession'         
4  4 'Structure model' '_pdbx_struct_conn_angle.ptnr1_auth_comp_id'  
5  4 'Structure model' '_pdbx_struct_conn_angle.ptnr1_auth_seq_id'   
6  4 'Structure model' '_pdbx_struct_conn_angle.ptnr1_label_asym_id' 
7  4 'Structure model' '_pdbx_struct_conn_angle.ptnr1_label_atom_id' 
8  4 'Structure model' '_pdbx_struct_conn_angle.ptnr1_label_comp_id' 
9  4 'Structure model' '_pdbx_struct_conn_angle.ptnr1_label_seq_id'  
10 4 'Structure model' '_pdbx_struct_conn_angle.ptnr3_auth_comp_id'  
11 4 'Structure model' '_pdbx_struct_conn_angle.ptnr3_auth_seq_id'   
12 4 'Structure model' '_pdbx_struct_conn_angle.ptnr3_label_asym_id' 
13 4 'Structure model' '_pdbx_struct_conn_angle.ptnr3_label_atom_id' 
14 4 'Structure model' '_pdbx_struct_conn_angle.ptnr3_label_comp_id' 
15 4 'Structure model' '_pdbx_struct_conn_angle.ptnr3_label_seq_id'  
16 4 'Structure model' '_pdbx_struct_conn_angle.value'               
17 4 'Structure model' '_struct_conn.pdbx_dist_value'                
18 4 'Structure model' '_struct_conn.ptnr1_auth_comp_id'             
19 4 'Structure model' '_struct_conn.ptnr1_auth_seq_id'              
20 4 'Structure model' '_struct_conn.ptnr1_label_asym_id'            
21 4 'Structure model' '_struct_conn.ptnr1_label_atom_id'            
22 4 'Structure model' '_struct_conn.ptnr1_label_comp_id'            
23 4 'Structure model' '_struct_conn.ptnr1_label_seq_id'             
24 4 'Structure model' '_struct_conn.ptnr2_auth_comp_id'             
25 4 'Structure model' '_struct_conn.ptnr2_auth_seq_id'              
26 4 'Structure model' '_struct_conn.ptnr2_label_asym_id'            
27 4 'Structure model' '_struct_conn.ptnr2_label_atom_id'            
28 4 'Structure model' '_struct_conn.ptnr2_label_comp_id'            
29 4 'Structure model' '_struct_conn.ptnr2_label_seq_id'             
30 4 'Structure model' '_struct_ref_seq_dif.details'                 
31 4 'Structure model' '_struct_site.pdbx_auth_asym_id'              
32 4 'Structure model' '_struct_site.pdbx_auth_comp_id'              
33 4 'Structure model' '_struct_site.pdbx_auth_seq_id'               
# 
_pdbx_database_status.status_code                     REL 
_pdbx_database_status.entry_id                        1TGM 
_pdbx_database_status.recvd_initial_deposition_date   2004-05-28 
_pdbx_database_status.deposit_site                    RCSB 
_pdbx_database_status.process_site                    RCSB 
_pdbx_database_status.SG_entry                        . 
_pdbx_database_status.pdb_format_compatible           Y 
_pdbx_database_status.status_code_mr                  ? 
_pdbx_database_status.status_code_sf                  ? 
_pdbx_database_status.status_code_cs                  ? 
_pdbx_database_status.status_code_nmr_data            ? 
_pdbx_database_status.methods_development_category    ? 
# 
loop_
_pdbx_database_related.db_name 
_pdbx_database_related.db_id 
_pdbx_database_related.details 
_pdbx_database_related.content_type 
PDB 1Q7A 
;Crystal Structure Of The Complex Formed Between Russell'S Viper Phospholipase A2 and An Antiinflammatory Agent Oxyphenbutazone At 1.6A  
                  Resolution
;
unspecified 
PDB 1SV9 
;Crystal Structure Of The Complex Formed Between Groupii Phospholipase A2 and Anti-Inflammatory Agent 2-[(2,6- Dichlorophenyl)Amino]  
                  Benzeneacetic Acid At 2.7A Resolution
;
unspecified 
PDB 1TG1 
;Crystal Structure of the complex formed between russells viper phospholipase A2 and a designed peptide inhibitor Cbz-dehydro-Leu-Val-Arg-Tyr at 1.2A resolutio
;
unspecified 
PDB 1TG4 
;Design of specific inhibitors of groupII phospholipase A2(PLA2): Crystal structure of the complex formed between russells viper PLA2 and designed peptide Phe-Leu-Ala-Tyr-Lys at 1.7A resolution
;
unspecified 
PDB 1TH6 . unspecified 
PDB 1TI0 . unspecified 
PDB 1TJ9 . unspecified 
# 
loop_
_audit_author.name 
_audit_author.pdbx_ordinal 
'Singh, N.'   1 
'Jabeen, T.'  2 
'Sharma, S.'  3 
'Bhushan, A.' 4 
'Singh, T.P.' 5 
# 
_citation.id                        primary 
_citation.title                     
'Crystal structure of a complex formed between group II phospholipase A2 and aspirin at 1.86 A resolution' 
_citation.journal_abbrev            'To be Published' 
_citation.journal_volume            ? 
_citation.page_first                ? 
_citation.page_last                 ? 
_citation.year                      ? 
_citation.journal_id_ASTM           ? 
_citation.country                   ? 
_citation.journal_id_ISSN           ? 
_citation.journal_id_CSD            0353 
_citation.book_publisher            ? 
_citation.pdbx_database_id_PubMed   ? 
_citation.pdbx_database_id_DOI      ? 
# 
loop_
_citation_author.citation_id 
_citation_author.name 
_citation_author.ordinal 
_citation_author.identifier_ORCID 
primary 'Singh, N.'   1 ? 
primary 'Jabeen, T.'  2 ? 
primary 'Sharma, S.'  3 ? 
primary 'Bhushan, A.' 4 ? 
primary 'Singh, T.P.' 5 ? 
# 
loop_
_entity.id 
_entity.type 
_entity.src_method 
_entity.pdbx_description 
_entity.formula_weight 
_entity.pdbx_number_of_molecules 
_entity.pdbx_ec 
_entity.pdbx_mutation 
_entity.pdbx_fragment 
_entity.details 
1 polymer     nat 'Phospholipase A2'          13587.664 1   3.1.1.4 ? ? ? 
2 non-polymer syn '2-(ACETYLOXY)BENZOIC ACID' 180.157   1   ?       ? ? ? 
3 non-polymer syn 'CALCIUM ION'               40.078    1   ?       ? ? ? 
4 non-polymer syn 'SULFATE ION'               96.063    1   ?       ? ? ? 
5 water       nat water                       18.015    139 ?       ? ? ? 
# 
_entity_name_com.entity_id   1 
_entity_name_com.name        'Phosphatidylcholine 2- acylhydrolase, DPLA2' 
# 
_entity_poly.entity_id                      1 
_entity_poly.type                           'polypeptide(L)' 
_entity_poly.nstd_linkage                   no 
_entity_poly.nstd_monomer                   no 
_entity_poly.pdbx_seq_one_letter_code       
;SLLEFGKMILEETGKLAIPSYSSYGCYCGWGGSGTPKDATDRCCFVHDCCYGNLPDCNPKSDRYKYKRVNGAIVCEKGTS
CENRICECDKAAAICFRQNLNTYSKKYMLYPDFLCKGELKC
;
_entity_poly.pdbx_seq_one_letter_code_can   
;SLLEFGKMILEETGKLAIPSYSSYGCYCGWGGSGTPKDATDRCCFVHDCCYGNLPDCNPKSDRYKYKRVNGAIVCEKGTS
CENRICECDKAAAICFRQNLNTYSKKYMLYPDFLCKGELKC
;
_entity_poly.pdbx_strand_id                 A 
_entity_poly.pdbx_target_identifier         ? 
# 
loop_
_pdbx_entity_nonpoly.entity_id 
_pdbx_entity_nonpoly.name 
_pdbx_entity_nonpoly.comp_id 
2 '2-(ACETYLOXY)BENZOIC ACID' AIN 
3 'CALCIUM ION'               CA  
4 'SULFATE ION'               SO4 
5 water                       HOH 
# 
loop_
_entity_poly_seq.entity_id 
_entity_poly_seq.num 
_entity_poly_seq.mon_id 
_entity_poly_seq.hetero 
1 1   SER n 
1 2   LEU n 
1 3   LEU n 
1 4   GLU n 
1 5   PHE n 
1 6   GLY n 
1 7   LYS n 
1 8   MET n 
1 9   ILE n 
1 10  LEU n 
1 11  GLU n 
1 12  GLU n 
1 13  THR n 
1 14  GLY n 
1 15  LYS n 
1 16  LEU n 
1 17  ALA n 
1 18  ILE n 
1 19  PRO n 
1 20  SER n 
1 21  TYR n 
1 22  SER n 
1 23  SER n 
1 24  TYR n 
1 25  GLY n 
1 26  CYS n 
1 27  TYR n 
1 28  CYS n 
1 29  GLY n 
1 30  TRP n 
1 31  GLY n 
1 32  GLY n 
1 33  SER n 
1 34  GLY n 
1 35  THR n 
1 36  PRO n 
1 37  LYS n 
1 38  ASP n 
1 39  ALA n 
1 40  THR n 
1 41  ASP n 
1 42  ARG n 
1 43  CYS n 
1 44  CYS n 
1 45  PHE n 
1 46  VAL n 
1 47  HIS n 
1 48  ASP n 
1 49  CYS n 
1 50  CYS n 
1 51  TYR n 
1 52  GLY n 
1 53  ASN n 
1 54  LEU n 
1 55  PRO n 
1 56  ASP n 
1 57  CYS n 
1 58  ASN n 
1 59  PRO n 
1 60  LYS n 
1 61  SER n 
1 62  ASP n 
1 63  ARG n 
1 64  TYR n 
1 65  LYS n 
1 66  TYR n 
1 67  LYS n 
1 68  ARG n 
1 69  VAL n 
1 70  ASN n 
1 71  GLY n 
1 72  ALA n 
1 73  ILE n 
1 74  VAL n 
1 75  CYS n 
1 76  GLU n 
1 77  LYS n 
1 78  GLY n 
1 79  THR n 
1 80  SER n 
1 81  CYS n 
1 82  GLU n 
1 83  ASN n 
1 84  ARG n 
1 85  ILE n 
1 86  CYS n 
1 87  GLU n 
1 88  CYS n 
1 89  ASP n 
1 90  LYS n 
1 91  ALA n 
1 92  ALA n 
1 93  ALA n 
1 94  ILE n 
1 95  CYS n 
1 96  PHE n 
1 97  ARG n 
1 98  GLN n 
1 99  ASN n 
1 100 LEU n 
1 101 ASN n 
1 102 THR n 
1 103 TYR n 
1 104 SER n 
1 105 LYS n 
1 106 LYS n 
1 107 TYR n 
1 108 MET n 
1 109 LEU n 
1 110 TYR n 
1 111 PRO n 
1 112 ASP n 
1 113 PHE n 
1 114 LEU n 
1 115 CYS n 
1 116 LYS n 
1 117 GLY n 
1 118 GLU n 
1 119 LEU n 
1 120 LYS n 
1 121 CYS n 
# 
_entity_src_nat.entity_id                  1 
_entity_src_nat.pdbx_src_id                1 
_entity_src_nat.pdbx_alt_source_flag       sample 
_entity_src_nat.pdbx_beg_seq_num           ? 
_entity_src_nat.pdbx_end_seq_num           ? 
_entity_src_nat.common_name                ? 
_entity_src_nat.pdbx_organism_scientific   'Daboia russellii russellii' 
_entity_src_nat.pdbx_ncbi_taxonomy_id      31159 
_entity_src_nat.genus                      Daboia 
_entity_src_nat.species                    'Daboia russellii' 
_entity_src_nat.strain                     russellii 
_entity_src_nat.tissue                     'snake venom' 
_entity_src_nat.tissue_fraction            ? 
_entity_src_nat.pdbx_secretion             ? 
_entity_src_nat.pdbx_fragment              ? 
_entity_src_nat.pdbx_variant               ? 
_entity_src_nat.pdbx_cell_line             ? 
_entity_src_nat.pdbx_atcc                  ? 
_entity_src_nat.pdbx_cellular_location     ? 
_entity_src_nat.pdbx_organ                 ? 
_entity_src_nat.pdbx_organelle             ? 
_entity_src_nat.pdbx_cell                  ? 
_entity_src_nat.pdbx_plasmid_name          ? 
_entity_src_nat.pdbx_plasmid_details       ? 
_entity_src_nat.details                    ? 
# 
loop_
_chem_comp.id 
_chem_comp.type 
_chem_comp.mon_nstd_flag 
_chem_comp.name 
_chem_comp.pdbx_synonyms 
_chem_comp.formula 
_chem_comp.formula_weight 
AIN non-polymer         . '2-(ACETYLOXY)BENZOIC ACID' 'ACETYLSALICYLIC ACID; ASPIRIN' 'C9 H8 O4'       180.157 
ALA 'L-peptide linking' y ALANINE                     ?                               'C3 H7 N O2'     89.093  
ARG 'L-peptide linking' y ARGININE                    ?                               'C6 H15 N4 O2 1' 175.209 
ASN 'L-peptide linking' y ASPARAGINE                  ?                               'C4 H8 N2 O3'    132.118 
ASP 'L-peptide linking' y 'ASPARTIC ACID'             ?                               'C4 H7 N O4'     133.103 
CA  non-polymer         . 'CALCIUM ION'               ?                               'Ca 2'           40.078  
CYS 'L-peptide linking' y CYSTEINE                    ?                               'C3 H7 N O2 S'   121.158 
GLN 'L-peptide linking' y GLUTAMINE                   ?                               'C5 H10 N2 O3'   146.144 
GLU 'L-peptide linking' y 'GLUTAMIC ACID'             ?                               'C5 H9 N O4'     147.129 
GLY 'peptide linking'   y GLYCINE                     ?                               'C2 H5 N O2'     75.067  
HIS 'L-peptide linking' y HISTIDINE                   ?                               'C6 H10 N3 O2 1' 156.162 
HOH non-polymer         . WATER                       ?                               'H2 O'           18.015  
ILE 'L-peptide linking' y ISOLEUCINE                  ?                               'C6 H13 N O2'    131.173 
LEU 'L-peptide linking' y LEUCINE                     ?                               'C6 H13 N O2'    131.173 
LYS 'L-peptide linking' y LYSINE                      ?                               'C6 H15 N2 O2 1' 147.195 
MET 'L-peptide linking' y METHIONINE                  ?                               'C5 H11 N O2 S'  149.211 
PHE 'L-peptide linking' y PHENYLALANINE               ?                               'C9 H11 N O2'    165.189 
PRO 'L-peptide linking' y PROLINE                     ?                               'C5 H9 N O2'     115.130 
SER 'L-peptide linking' y SERINE                      ?                               'C3 H7 N O3'     105.093 
SO4 non-polymer         . 'SULFATE ION'               ?                               'O4 S -2'        96.063  
THR 'L-peptide linking' y THREONINE                   ?                               'C4 H9 N O3'     119.119 
TRP 'L-peptide linking' y TRYPTOPHAN                  ?                               'C11 H12 N2 O2'  204.225 
TYR 'L-peptide linking' y TYROSINE                    ?                               'C9 H11 N O3'    181.189 
VAL 'L-peptide linking' y VALINE                      ?                               'C5 H11 N O2'    117.146 
# 
loop_
_pdbx_poly_seq_scheme.asym_id 
_pdbx_poly_seq_scheme.entity_id 
_pdbx_poly_seq_scheme.seq_id 
_pdbx_poly_seq_scheme.mon_id 
_pdbx_poly_seq_scheme.ndb_seq_num 
_pdbx_poly_seq_scheme.pdb_seq_num 
_pdbx_poly_seq_scheme.auth_seq_num 
_pdbx_poly_seq_scheme.pdb_mon_id 
_pdbx_poly_seq_scheme.auth_mon_id 
_pdbx_poly_seq_scheme.pdb_strand_id 
_pdbx_poly_seq_scheme.pdb_ins_code 
_pdbx_poly_seq_scheme.hetero 
A 1 1   SER 1   1   1   SER SER A . n 
A 1 2   LEU 2   2   2   LEU LEU A . n 
A 1 3   LEU 3   3   3   LEU LEU A . n 
A 1 4   GLU 4   4   4   GLU GLU A . n 
A 1 5   PHE 5   5   5   PHE PHE A . n 
A 1 6   GLY 6   6   6   GLY GLY A . n 
A 1 7   LYS 7   7   7   LYS LYS A . n 
A 1 8   MET 8   8   8   MET MET A . n 
A 1 9   ILE 9   9   9   ILE ILE A . n 
A 1 10  LEU 10  10  10  LEU LEU A . n 
A 1 11  GLU 11  11  11  GLU GLU A . n 
A 1 12  GLU 12  12  12  GLU GLU A . n 
A 1 13  THR 13  13  13  THR THR A . n 
A 1 14  GLY 14  14  14  GLY GLY A . n 
A 1 15  LYS 15  16  16  LYS LYS A . n 
A 1 16  LEU 16  17  17  LEU LEU A . n 
A 1 17  ALA 17  18  18  ALA ALA A . n 
A 1 18  ILE 18  19  19  ILE ILE A . n 
A 1 19  PRO 19  20  20  PRO PRO A . n 
A 1 20  SER 20  21  21  SER SER A . n 
A 1 21  TYR 21  22  22  TYR TYR A . n 
A 1 22  SER 22  23  23  SER SER A . n 
A 1 23  SER 23  24  24  SER SER A . n 
A 1 24  TYR 24  25  25  TYR TYR A . n 
A 1 25  GLY 25  26  26  GLY GLY A . n 
A 1 26  CYS 26  27  27  CYS CYS A . n 
A 1 27  TYR 27  28  28  TYR TYR A . n 
A 1 28  CYS 28  29  29  CYS CYS A . n 
A 1 29  GLY 29  30  30  GLY GLY A . n 
A 1 30  TRP 30  31  31  TRP TRP A . n 
A 1 31  GLY 31  32  32  GLY GLY A . n 
A 1 32  GLY 32  33  33  GLY GLY A . n 
A 1 33  SER 33  34  34  SER SER A . n 
A 1 34  GLY 34  35  35  GLY GLY A . n 
A 1 35  THR 35  36  36  THR THR A . n 
A 1 36  PRO 36  37  37  PRO PRO A . n 
A 1 37  LYS 37  38  38  LYS LYS A . n 
A 1 38  ASP 38  39  39  ASP ASP A . n 
A 1 39  ALA 39  40  40  ALA ALA A . n 
A 1 40  THR 40  41  41  THR THR A . n 
A 1 41  ASP 41  42  42  ASP ASP A . n 
A 1 42  ARG 42  43  43  ARG ARG A . n 
A 1 43  CYS 43  44  44  CYS CYS A . n 
A 1 44  CYS 44  45  45  CYS CYS A . n 
A 1 45  PHE 45  46  46  PHE PHE A . n 
A 1 46  VAL 46  47  47  VAL VAL A . n 
A 1 47  HIS 47  48  48  HIS HIS A . n 
A 1 48  ASP 48  49  49  ASP ASP A . n 
A 1 49  CYS 49  50  50  CYS CYS A . n 
A 1 50  CYS 50  51  51  CYS CYS A . n 
A 1 51  TYR 51  52  52  TYR TYR A . n 
A 1 52  GLY 52  53  53  GLY GLY A . n 
A 1 53  ASN 53  54  54  ASN ASN A . n 
A 1 54  LEU 54  55  55  LEU LEU A . n 
A 1 55  PRO 55  56  56  PRO PRO A . n 
A 1 56  ASP 56  59  59  ASP ASP A . n 
A 1 57  CYS 57  61  61  CYS CYS A . n 
A 1 58  ASN 58  67  67  ASN ASN A . n 
A 1 59  PRO 59  68  68  PRO PRO A . n 
A 1 60  LYS 60  69  69  LYS LYS A . n 
A 1 61  SER 61  70  70  SER SER A . n 
A 1 62  ASP 62  71  71  ASP ASP A . n 
A 1 63  ARG 63  72  72  ARG ARG A . n 
A 1 64  TYR 64  73  73  TYR TYR A . n 
A 1 65  LYS 65  74  74  LYS LYS A . n 
A 1 66  TYR 66  75  75  TYR TYR A . n 
A 1 67  LYS 67  76  76  LYS LYS A . n 
A 1 68  ARG 68  77  77  ARG ARG A . n 
A 1 69  VAL 69  78  78  VAL VAL A . n 
A 1 70  ASN 70  79  79  ASN ASN A . n 
A 1 71  GLY 71  80  80  GLY GLY A . n 
A 1 72  ALA 72  81  81  ALA ALA A . n 
A 1 73  ILE 73  82  82  ILE ILE A . n 
A 1 74  VAL 74  83  83  VAL VAL A . n 
A 1 75  CYS 75  84  84  CYS CYS A . n 
A 1 76  GLU 76  85  85  GLU GLU A . n 
A 1 77  LYS 77  86  86  LYS LYS A . n 
A 1 78  GLY 78  88  88  GLY GLY A . n 
A 1 79  THR 79  89  89  THR THR A . n 
A 1 80  SER 80  90  90  SER SER A . n 
A 1 81  CYS 81  91  91  CYS CYS A . n 
A 1 82  GLU 82  92  92  GLU GLU A . n 
A 1 83  ASN 83  93  93  ASN ASN A . n 
A 1 84  ARG 84  94  94  ARG ARG A . n 
A 1 85  ILE 85  95  95  ILE ILE A . n 
A 1 86  CYS 86  96  96  CYS CYS A . n 
A 1 87  GLU 87  97  97  GLU GLU A . n 
A 1 88  CYS 88  98  98  CYS CYS A . n 
A 1 89  ASP 89  99  99  ASP ASP A . n 
A 1 90  LYS 90  100 100 LYS LYS A . n 
A 1 91  ALA 91  101 101 ALA ALA A . n 
A 1 92  ALA 92  102 102 ALA ALA A . n 
A 1 93  ALA 93  103 103 ALA ALA A . n 
A 1 94  ILE 94  104 104 ILE ILE A . n 
A 1 95  CYS 95  105 105 CYS CYS A . n 
A 1 96  PHE 96  106 106 PHE PHE A . n 
A 1 97  ARG 97  107 107 ARG ARG A . n 
A 1 98  GLN 98  108 108 GLN GLN A . n 
A 1 99  ASN 99  109 109 ASN ASN A . n 
A 1 100 LEU 100 110 110 LEU LEU A . n 
A 1 101 ASN 101 111 111 ASN ASN A . n 
A 1 102 THR 102 112 112 THR THR A . n 
A 1 103 TYR 103 113 113 TYR TYR A . n 
A 1 104 SER 104 114 114 SER SER A . n 
A 1 105 LYS 105 115 115 LYS LYS A . n 
A 1 106 LYS 106 116 116 LYS LYS A . n 
A 1 107 TYR 107 117 117 TYR TYR A . n 
A 1 108 MET 108 118 118 MET MET A . n 
A 1 109 LEU 109 119 119 LEU LEU A . n 
A 1 110 TYR 110 120 120 TYR TYR A . n 
A 1 111 PRO 111 121 121 PRO PRO A . n 
A 1 112 ASP 112 122 122 ASP ASP A . n 
A 1 113 PHE 113 124 124 PHE PHE A . n 
A 1 114 LEU 114 125 125 LEU LEU A . n 
A 1 115 CYS 115 126 126 CYS CYS A . n 
A 1 116 LYS 116 127 127 LYS LYS A . n 
A 1 117 GLY 117 128 128 GLY GLY A . n 
A 1 118 GLU 118 129 129 GLU GLU A . n 
A 1 119 LEU 119 130 130 LEU LEU A . n 
A 1 120 LYS 120 131 131 LYS LYS A . n 
A 1 121 CYS 121 133 133 CYS CYS A . n 
# 
loop_
_pdbx_nonpoly_scheme.asym_id 
_pdbx_nonpoly_scheme.entity_id 
_pdbx_nonpoly_scheme.mon_id 
_pdbx_nonpoly_scheme.ndb_seq_num 
_pdbx_nonpoly_scheme.pdb_seq_num 
_pdbx_nonpoly_scheme.auth_seq_num 
_pdbx_nonpoly_scheme.pdb_mon_id 
_pdbx_nonpoly_scheme.auth_mon_id 
_pdbx_nonpoly_scheme.pdb_strand_id 
_pdbx_nonpoly_scheme.pdb_ins_code 
B 2 AIN 1   202 202 AIN AIN A . 
C 3 CA  1   201 201 CA  CA  A . 
D 4 SO4 1   203 203 SO4 SO4 A . 
E 5 HOH 1   204 1   HOH HOH A . 
E 5 HOH 2   205 2   HOH HOH A . 
E 5 HOH 3   206 3   HOH HOH A . 
E 5 HOH 4   207 4   HOH HOH A . 
E 5 HOH 5   208 5   HOH HOH A . 
E 5 HOH 6   209 6   HOH HOH A . 
E 5 HOH 7   210 7   HOH HOH A . 
E 5 HOH 8   211 8   HOH HOH A . 
E 5 HOH 9   212 9   HOH HOH A . 
E 5 HOH 10  213 10  HOH HOH A . 
E 5 HOH 11  214 11  HOH HOH A . 
E 5 HOH 12  215 12  HOH HOH A . 
E 5 HOH 13  216 13  HOH HOH A . 
E 5 HOH 14  217 14  HOH HOH A . 
E 5 HOH 15  218 15  HOH HOH A . 
E 5 HOH 16  219 16  HOH HOH A . 
E 5 HOH 17  220 17  HOH HOH A . 
E 5 HOH 18  221 18  HOH HOH A . 
E 5 HOH 19  222 19  HOH HOH A . 
E 5 HOH 20  223 20  HOH HOH A . 
E 5 HOH 21  224 21  HOH HOH A . 
E 5 HOH 22  225 22  HOH HOH A . 
E 5 HOH 23  226 23  HOH HOH A . 
E 5 HOH 24  227 24  HOH HOH A . 
E 5 HOH 25  228 25  HOH HOH A . 
E 5 HOH 26  229 26  HOH HOH A . 
E 5 HOH 27  230 27  HOH HOH A . 
E 5 HOH 28  231 28  HOH HOH A . 
E 5 HOH 29  232 29  HOH HOH A . 
E 5 HOH 30  233 30  HOH HOH A . 
E 5 HOH 31  234 31  HOH HOH A . 
E 5 HOH 32  235 32  HOH HOH A . 
E 5 HOH 33  236 33  HOH HOH A . 
E 5 HOH 34  237 34  HOH HOH A . 
E 5 HOH 35  238 35  HOH HOH A . 
E 5 HOH 36  239 36  HOH HOH A . 
E 5 HOH 37  240 37  HOH HOH A . 
E 5 HOH 38  241 38  HOH HOH A . 
E 5 HOH 39  242 39  HOH HOH A . 
E 5 HOH 40  243 40  HOH HOH A . 
E 5 HOH 41  244 41  HOH HOH A . 
E 5 HOH 42  245 42  HOH HOH A . 
E 5 HOH 43  246 43  HOH HOH A . 
E 5 HOH 44  247 44  HOH HOH A . 
E 5 HOH 45  248 45  HOH HOH A . 
E 5 HOH 46  249 46  HOH HOH A . 
E 5 HOH 47  250 47  HOH HOH A . 
E 5 HOH 48  251 48  HOH HOH A . 
E 5 HOH 49  252 49  HOH HOH A . 
E 5 HOH 50  253 50  HOH HOH A . 
E 5 HOH 51  254 51  HOH HOH A . 
E 5 HOH 52  255 52  HOH HOH A . 
E 5 HOH 53  256 53  HOH HOH A . 
E 5 HOH 54  257 54  HOH HOH A . 
E 5 HOH 55  258 55  HOH HOH A . 
E 5 HOH 56  259 56  HOH HOH A . 
E 5 HOH 57  260 57  HOH HOH A . 
E 5 HOH 58  261 58  HOH HOH A . 
E 5 HOH 59  262 59  HOH HOH A . 
E 5 HOH 60  263 60  HOH HOH A . 
E 5 HOH 61  264 61  HOH HOH A . 
E 5 HOH 62  265 62  HOH HOH A . 
E 5 HOH 63  266 63  HOH HOH A . 
E 5 HOH 64  267 64  HOH HOH A . 
E 5 HOH 65  268 65  HOH HOH A . 
E 5 HOH 66  269 66  HOH HOH A . 
E 5 HOH 67  270 67  HOH HOH A . 
E 5 HOH 68  271 68  HOH HOH A . 
E 5 HOH 69  272 69  HOH HOH A . 
E 5 HOH 70  273 70  HOH HOH A . 
E 5 HOH 71  274 71  HOH HOH A . 
E 5 HOH 72  275 72  HOH HOH A . 
E 5 HOH 73  276 73  HOH HOH A . 
E 5 HOH 74  277 74  HOH HOH A . 
E 5 HOH 75  278 75  HOH HOH A . 
E 5 HOH 76  279 76  HOH HOH A . 
E 5 HOH 77  280 77  HOH HOH A . 
E 5 HOH 78  281 78  HOH HOH A . 
E 5 HOH 79  282 79  HOH HOH A . 
E 5 HOH 80  283 80  HOH HOH A . 
E 5 HOH 81  284 81  HOH HOH A . 
E 5 HOH 82  285 82  HOH HOH A . 
E 5 HOH 83  286 83  HOH HOH A . 
E 5 HOH 84  287 84  HOH HOH A . 
E 5 HOH 85  288 85  HOH HOH A . 
E 5 HOH 86  289 86  HOH HOH A . 
E 5 HOH 87  290 87  HOH HOH A . 
E 5 HOH 88  291 88  HOH HOH A . 
E 5 HOH 89  292 89  HOH HOH A . 
E 5 HOH 90  293 90  HOH HOH A . 
E 5 HOH 91  294 91  HOH HOH A . 
E 5 HOH 92  295 92  HOH HOH A . 
E 5 HOH 93  296 93  HOH HOH A . 
E 5 HOH 94  297 94  HOH HOH A . 
E 5 HOH 95  298 95  HOH HOH A . 
E 5 HOH 96  299 96  HOH HOH A . 
E 5 HOH 97  300 97  HOH HOH A . 
E 5 HOH 98  301 98  HOH HOH A . 
E 5 HOH 99  302 99  HOH HOH A . 
E 5 HOH 100 303 100 HOH HOH A . 
E 5 HOH 101 304 101 HOH HOH A . 
E 5 HOH 102 305 102 HOH HOH A . 
E 5 HOH 103 306 103 HOH HOH A . 
E 5 HOH 104 307 104 HOH HOH A . 
E 5 HOH 105 308 105 HOH HOH A . 
E 5 HOH 106 309 106 HOH HOH A . 
E 5 HOH 107 310 107 HOH HOH A . 
E 5 HOH 108 311 108 HOH HOH A . 
E 5 HOH 109 312 109 HOH HOH A . 
E 5 HOH 110 313 110 HOH HOH A . 
E 5 HOH 111 314 111 HOH HOH A . 
E 5 HOH 112 315 112 HOH HOH A . 
E 5 HOH 113 316 113 HOH HOH A . 
E 5 HOH 114 317 114 HOH HOH A . 
E 5 HOH 115 318 115 HOH HOH A . 
E 5 HOH 116 319 116 HOH HOH A . 
E 5 HOH 117 320 117 HOH HOH A . 
E 5 HOH 118 321 118 HOH HOH A . 
E 5 HOH 119 322 119 HOH HOH A . 
E 5 HOH 120 323 120 HOH HOH A . 
E 5 HOH 121 324 121 HOH HOH A . 
E 5 HOH 122 325 122 HOH HOH A . 
E 5 HOH 123 326 123 HOH HOH A . 
E 5 HOH 124 327 124 HOH HOH A . 
E 5 HOH 125 328 125 HOH HOH A . 
E 5 HOH 126 329 126 HOH HOH A . 
E 5 HOH 127 330 127 HOH HOH A . 
E 5 HOH 128 331 128 HOH HOH A . 
E 5 HOH 129 332 129 HOH HOH A . 
E 5 HOH 130 333 130 HOH HOH A . 
E 5 HOH 131 334 131 HOH HOH A . 
E 5 HOH 132 335 132 HOH HOH A . 
E 5 HOH 133 336 133 HOH HOH A . 
E 5 HOH 134 337 134 HOH HOH A . 
E 5 HOH 135 338 135 HOH HOH A . 
E 5 HOH 136 339 136 HOH HOH A . 
E 5 HOH 137 340 137 HOH HOH A . 
E 5 HOH 138 341 138 HOH HOH A . 
E 5 HOH 139 342 139 HOH HOH A . 
# 
loop_
_software.name 
_software.classification 
_software.version 
_software.citation_id 
_software.pdbx_ordinal 
REFMAC    refinement       5.0 ? 1 
DENZO     'data reduction' .   ? 2 
SCALEPACK 'data scaling'   .   ? 3 
AMoRE     phasing          .   ? 4 
# 
_cell.entry_id           1TGM 
_cell.length_a           53.314 
_cell.length_b           53.314 
_cell.length_c           48.453 
_cell.angle_alpha        90.00 
_cell.angle_beta         90.00 
_cell.angle_gamma        90.00 
_cell.Z_PDB              4 
_cell.pdbx_unique_axis   ? 
# 
_symmetry.entry_id                         1TGM 
_symmetry.space_group_name_H-M             'P 43' 
_symmetry.pdbx_full_space_group_name_H-M   ? 
_symmetry.cell_setting                     ? 
_symmetry.Int_Tables_number                78 
# 
_exptl.entry_id          1TGM 
_exptl.method            'X-RAY DIFFRACTION' 
_exptl.crystals_number   1 
# 
_exptl_crystal.id                    1 
_exptl_crystal.density_meas          ? 
_exptl_crystal.density_Matthews      2.5 
_exptl_crystal.density_percent_sol   49.6 
_exptl_crystal.description           ? 
# 
_exptl_crystal_grow.crystal_id      1 
_exptl_crystal_grow.method          'VAPOR DIFFUSION, SITTING DROP' 
_exptl_crystal_grow.temp            293 
_exptl_crystal_grow.temp_details    ? 
_exptl_crystal_grow.pH              6.0 
_exptl_crystal_grow.pdbx_details    
'Polyethylene glycol, ammonium sulphate, pH 6.0, VAPOR DIFFUSION, SITTING DROP, temperature 293K' 
_exptl_crystal_grow.pdbx_pH_range   . 
# 
_diffrn.id                     1 
_diffrn.ambient_temp           298 
_diffrn.ambient_temp_details   ? 
_diffrn.crystal_id             1 
# 
_diffrn_detector.diffrn_id              1 
_diffrn_detector.detector               'IMAGE PLATE' 
_diffrn_detector.type                   MARRESEARCH 
_diffrn_detector.pdbx_collection_date   2004-05-20 
_diffrn_detector.details                monochromator 
# 
_diffrn_radiation.diffrn_id                        1 
_diffrn_radiation.wavelength_id                    1 
_diffrn_radiation.pdbx_monochromatic_or_laue_m_l   M 
_diffrn_radiation.monochromator                    graphite 
_diffrn_radiation.pdbx_diffrn_protocol             'SINGLE WAVELENGTH' 
_diffrn_radiation.pdbx_scattering_type             x-ray 
# 
_diffrn_radiation_wavelength.id           1 
_diffrn_radiation_wavelength.wavelength   1.5418 
_diffrn_radiation_wavelength.wt           1.0 
# 
_diffrn_source.diffrn_id                   1 
_diffrn_source.source                      'ROTATING ANODE' 
_diffrn_source.type                        'RIGAKU RU200' 
_diffrn_source.pdbx_synchrotron_site       ? 
_diffrn_source.pdbx_synchrotron_beamline   ? 
_diffrn_source.pdbx_wavelength             ? 
_diffrn_source.pdbx_wavelength_list        1.5418 
# 
_reflns.entry_id                     1TGM 
_reflns.observed_criterion_sigma_F   0 
_reflns.observed_criterion_sigma_I   0 
_reflns.d_resolution_high            1.86 
_reflns.d_resolution_low             20.0 
_reflns.number_all                   ? 
_reflns.number_obs                   11524 
_reflns.percent_possible_obs         98.5 
_reflns.pdbx_Rmerge_I_obs            ? 
_reflns.pdbx_Rsym_value              0.092 
_reflns.pdbx_netI_over_sigmaI        6.5 
_reflns.B_iso_Wilson_estimate        ? 
_reflns.pdbx_redundancy              ? 
_reflns.R_free_details               ? 
_reflns.limit_h_max                  ? 
_reflns.limit_h_min                  ? 
_reflns.limit_k_max                  ? 
_reflns.limit_k_min                  ? 
_reflns.limit_l_max                  ? 
_reflns.limit_l_min                  ? 
_reflns.observed_criterion_F_max     ? 
_reflns.observed_criterion_F_min     ? 
_reflns.pdbx_diffrn_id               1 
_reflns.pdbx_ordinal                 1 
# 
_reflns_shell.d_res_high             1.86 
_reflns_shell.d_res_low              1.89 
_reflns_shell.percent_possible_all   97.9 
_reflns_shell.Rmerge_I_obs           ? 
_reflns_shell.pdbx_Rsym_value        0.32 
_reflns_shell.meanI_over_sigI_obs    2.5 
_reflns_shell.pdbx_redundancy        ? 
_reflns_shell.percent_possible_obs   ? 
_reflns_shell.number_unique_all      ? 
_reflns_shell.pdbx_diffrn_id         ? 
_reflns_shell.pdbx_ordinal           1 
# 
_refine.entry_id                                 1TGM 
_refine.ls_number_reflns_obs                     10807 
_refine.ls_number_reflns_all                     ? 
_refine.pdbx_ls_sigma_I                          0 
_refine.pdbx_ls_sigma_F                          0 
_refine.pdbx_data_cutoff_high_absF               ? 
_refine.pdbx_data_cutoff_low_absF                ? 
_refine.pdbx_data_cutoff_high_rms_absF           ? 
_refine.ls_d_res_low                             20.0 
_refine.ls_d_res_high                            1.86 
_refine.ls_percent_reflns_obs                    98.51 
_refine.ls_R_factor_obs                          0.1986 
_refine.ls_R_factor_all                          0.1986 
_refine.ls_R_factor_R_work                       0.19733 
_refine.ls_R_factor_R_free                       0.22403 
_refine.ls_R_factor_R_free_error                 ? 
_refine.ls_R_factor_R_free_error_details         ? 
_refine.ls_percent_reflns_R_free                 4.8 
_refine.ls_number_reflns_R_free                  545 
_refine.ls_number_parameters                     ? 
_refine.ls_number_restraints                     ? 
_refine.occupancy_min                            ? 
_refine.occupancy_max                            ? 
_refine.correlation_coeff_Fo_to_Fc               0.949 
_refine.correlation_coeff_Fo_to_Fc_free          0.932 
_refine.B_iso_mean                               23.501 
_refine.aniso_B[1][1]                            0.22 
_refine.aniso_B[2][2]                            0.22 
_refine.aniso_B[3][3]                            -0.44 
_refine.aniso_B[1][2]                            0.00 
_refine.aniso_B[1][3]                            0.00 
_refine.aniso_B[2][3]                            0.00 
_refine.solvent_model_details                    'BABINET MODEL WITH MASK' 
_refine.solvent_model_param_ksol                 ? 
_refine.solvent_model_param_bsol                 ? 
_refine.pdbx_solvent_vdw_probe_radii             1.40 
_refine.pdbx_solvent_ion_probe_radii             0.80 
_refine.pdbx_solvent_shrinkage_radii             0.80 
_refine.pdbx_ls_cross_valid_method               THROUGHOUT 
_refine.details                                  'HYDROGENS HAVE BEEN ADDED IN THE RIDING POSITIONS' 
_refine.pdbx_starting_model                      'pdb entry 1Q7A' 
_refine.pdbx_method_to_determine_struct          'MOLECULAR REPLACEMENT' 
_refine.pdbx_isotropic_thermal_model             ? 
_refine.pdbx_stereochemistry_target_values       'MAXIMUM LIKELIHOOD' 
_refine.pdbx_stereochem_target_val_spec_case     ? 
_refine.pdbx_R_Free_selection_details            RANDOM 
_refine.pdbx_overall_ESU_R                       0.155 
_refine.pdbx_overall_ESU_R_Free                  0.136 
_refine.overall_SU_ML                            0.125 
_refine.overall_SU_B                             4.110 
_refine.ls_redundancy_reflns_obs                 ? 
_refine.B_iso_min                                ? 
_refine.B_iso_max                                ? 
_refine.overall_SU_R_Cruickshank_DPI             ? 
_refine.overall_SU_R_free                        ? 
_refine.pdbx_refine_id                           'X-RAY DIFFRACTION' 
_refine.pdbx_diffrn_id                           1 
_refine.pdbx_TLS_residual_ADP_flag               ? 
_refine.pdbx_overall_phase_error                 ? 
_refine.pdbx_overall_SU_R_free_Cruickshank_DPI   ? 
_refine.pdbx_overall_SU_R_Blow_DPI               ? 
_refine.pdbx_overall_SU_R_free_Blow_DPI          ? 
# 
_refine_analyze.entry_id                        1TGM 
_refine_analyze.Luzzati_coordinate_error_obs    ? 
_refine_analyze.Luzzati_sigma_a_obs             ? 
_refine_analyze.Luzzati_d_res_low_obs           ? 
_refine_analyze.Luzzati_coordinate_error_free   0.136 
_refine_analyze.Luzzati_sigma_a_free            ? 
_refine_analyze.Luzzati_d_res_low_free          ? 
_refine_analyze.number_disordered_residues      ? 
_refine_analyze.occupancy_sum_non_hydrogen      ? 
_refine_analyze.occupancy_sum_hydrogen          ? 
_refine_analyze.pdbx_Luzzati_d_res_high_obs     ? 
_refine_analyze.pdbx_refine_id                  'X-RAY DIFFRACTION' 
# 
_refine_hist.pdbx_refine_id                   'X-RAY DIFFRACTION' 
_refine_hist.cycle_id                         LAST 
_refine_hist.pdbx_number_atoms_protein        940 
_refine_hist.pdbx_number_atoms_nucleic_acid   0 
_refine_hist.pdbx_number_atoms_ligand         19 
_refine_hist.number_atoms_solvent             139 
_refine_hist.number_atoms_total               1098 
_refine_hist.d_res_high                       1.86 
_refine_hist.d_res_low                        20.0 
# 
loop_
_refine_ls_restr.type 
_refine_ls_restr.dev_ideal 
_refine_ls_restr.dev_ideal_target 
_refine_ls_restr.weight 
_refine_ls_restr.number 
_refine_ls_restr.pdbx_refine_id 
_refine_ls_restr.pdbx_restraint_function 
r_bond_refined_d         0.008  0.021  ? 977  'X-RAY DIFFRACTION' ? 
r_bond_other_d           0.001  0.020  ? 820  'X-RAY DIFFRACTION' ? 
r_angle_refined_deg      1.524  2.005  ? 1305 'X-RAY DIFFRACTION' ? 
r_angle_other_deg        0.737  3.000  ? 1935 'X-RAY DIFFRACTION' ? 
r_dihedral_angle_1_deg   2.925  3.000  ? 113  'X-RAY DIFFRACTION' ? 
r_dihedral_angle_3_deg   20.163 15.000 ? 181  'X-RAY DIFFRACTION' ? 
r_chiral_restr           0.076  0.200  ? 132  'X-RAY DIFFRACTION' ? 
r_gen_planes_refined     0.004  0.020  ? 1035 'X-RAY DIFFRACTION' ? 
r_gen_planes_other       0.002  0.020  ? 195  'X-RAY DIFFRACTION' ? 
r_nbd_refined            0.457  0.300  ? 258  'X-RAY DIFFRACTION' ? 
r_nbd_other              0.219  0.300  ? 766  'X-RAY DIFFRACTION' ? 
r_xyhbond_nbd_refined    0.197  0.500  ? 109  'X-RAY DIFFRACTION' ? 
r_xyhbond_nbd_other      0.114  0.500  ? 1    'X-RAY DIFFRACTION' ? 
r_symmetry_vdw_refined   0.136  0.300  ? 4    'X-RAY DIFFRACTION' ? 
r_symmetry_vdw_other     0.259  0.300  ? 29   'X-RAY DIFFRACTION' ? 
r_symmetry_hbond_refined 0.198  0.500  ? 15   'X-RAY DIFFRACTION' ? 
r_mcbond_it              0.590  1.500  ? 591  'X-RAY DIFFRACTION' ? 
r_mcangle_it             1.142  2.000  ? 933  'X-RAY DIFFRACTION' ? 
r_scbond_it              1.576  3.000  ? 386  'X-RAY DIFFRACTION' ? 
r_scangle_it             2.607  4.500  ? 372  'X-RAY DIFFRACTION' ? 
# 
_refine_ls_shell.pdbx_total_number_of_bins_used   20 
_refine_ls_shell.d_res_high                       1.86 
_refine_ls_shell.d_res_low                        1.89 
_refine_ls_shell.number_reflns_R_work             756 
_refine_ls_shell.R_factor_R_work                  0.284 
_refine_ls_shell.percent_reflns_obs               ? 
_refine_ls_shell.R_factor_R_free                  0.246 
_refine_ls_shell.R_factor_R_free_error            ? 
_refine_ls_shell.percent_reflns_R_free            ? 
_refine_ls_shell.number_reflns_R_free             30 
_refine_ls_shell.number_reflns_obs                11524 
_refine_ls_shell.redundancy_reflns_obs            ? 
_refine_ls_shell.number_reflns_all                ? 
_refine_ls_shell.pdbx_refine_id                   'X-RAY DIFFRACTION' 
_refine_ls_shell.R_factor_all                     ? 
# 
_struct.entry_id                  1TGM 
_struct.title                     
'Crystal structure of a complex formed between group II phospholipase A2 and aspirin at 1.86 A resolution' 
_struct.pdbx_model_details        ? 
_struct.pdbx_CASP_flag            ? 
_struct.pdbx_model_type_details   ? 
# 
_struct_keywords.entry_id        1TGM 
_struct_keywords.pdbx_keywords   HYDROLASE 
_struct_keywords.text            'phospholipase A2, enzyme, complex, HYDROLASE' 
# 
loop_
_struct_asym.id 
_struct_asym.pdbx_blank_PDB_chainid_flag 
_struct_asym.pdbx_modified 
_struct_asym.entity_id 
_struct_asym.details 
A N N 1 ? 
B N N 2 ? 
C N N 3 ? 
D N N 4 ? 
E N N 5 ? 
# 
_struct_ref.id                         1 
_struct_ref.db_name                    UNP 
_struct_ref.db_code                    PA28_DABRP 
_struct_ref.pdbx_db_accession          P59071 
_struct_ref.entity_id                  1 
_struct_ref.pdbx_seq_one_letter_code   
;SLLEFGKMILEETGKLAIPSYSSYGCYCGWGGKGTPKDATDRCCFVHDCCYGNLPDCNPKSDRYKYKRVNGAIVCEKGTS
CENRICECDKAAAICFRQNLNTYSKKYMLYPDFLCKGELKC
;
_struct_ref.pdbx_align_begin           1 
_struct_ref.pdbx_db_isoform            ? 
# 
_struct_ref_seq.align_id                      1 
_struct_ref_seq.ref_id                        1 
_struct_ref_seq.pdbx_PDB_id_code              1TGM 
_struct_ref_seq.pdbx_strand_id                A 
_struct_ref_seq.seq_align_beg                 1 
_struct_ref_seq.pdbx_seq_align_beg_ins_code   ? 
_struct_ref_seq.seq_align_end                 121 
_struct_ref_seq.pdbx_seq_align_end_ins_code   ? 
_struct_ref_seq.pdbx_db_accession             P59071 
_struct_ref_seq.db_align_beg                  1 
_struct_ref_seq.pdbx_db_align_beg_ins_code    ? 
_struct_ref_seq.db_align_end                  121 
_struct_ref_seq.pdbx_db_align_end_ins_code    ? 
_struct_ref_seq.pdbx_auth_seq_align_beg       1 
_struct_ref_seq.pdbx_auth_seq_align_end       133 
# 
_struct_ref_seq_dif.align_id                     1 
_struct_ref_seq_dif.pdbx_pdb_id_code             1TGM 
_struct_ref_seq_dif.mon_id                       SER 
_struct_ref_seq_dif.pdbx_pdb_strand_id           A 
_struct_ref_seq_dif.seq_num                      33 
_struct_ref_seq_dif.pdbx_pdb_ins_code            ? 
_struct_ref_seq_dif.pdbx_seq_db_name             UNP 
_struct_ref_seq_dif.pdbx_seq_db_accession_code   P59071 
_struct_ref_seq_dif.db_mon_id                    LYS 
_struct_ref_seq_dif.pdbx_seq_db_seq_num          33 
_struct_ref_seq_dif.details                      conflict 
_struct_ref_seq_dif.pdbx_auth_seq_num            34 
_struct_ref_seq_dif.pdbx_ordinal                 1 
# 
_pdbx_struct_assembly.id                   1 
_pdbx_struct_assembly.details              author_defined_assembly 
_pdbx_struct_assembly.method_details       ? 
_pdbx_struct_assembly.oligomeric_details   monomeric 
_pdbx_struct_assembly.oligomeric_count     1 
# 
_pdbx_struct_assembly_gen.assembly_id       1 
_pdbx_struct_assembly_gen.oper_expression   1 
_pdbx_struct_assembly_gen.asym_id_list      A,B,C,D,E 
# 
_pdbx_struct_oper_list.id                   1 
_pdbx_struct_oper_list.type                 'identity operation' 
_pdbx_struct_oper_list.name                 1_555 
_pdbx_struct_oper_list.symmetry_operation   x,y,z 
_pdbx_struct_oper_list.matrix[1][1]         1.0000000000 
_pdbx_struct_oper_list.matrix[1][2]         0.0000000000 
_pdbx_struct_oper_list.matrix[1][3]         0.0000000000 
_pdbx_struct_oper_list.vector[1]            0.0000000000 
_pdbx_struct_oper_list.matrix[2][1]         0.0000000000 
_pdbx_struct_oper_list.matrix[2][2]         1.0000000000 
_pdbx_struct_oper_list.matrix[2][3]         0.0000000000 
_pdbx_struct_oper_list.vector[2]            0.0000000000 
_pdbx_struct_oper_list.matrix[3][1]         0.0000000000 
_pdbx_struct_oper_list.matrix[3][2]         0.0000000000 
_pdbx_struct_oper_list.matrix[3][3]         1.0000000000 
_pdbx_struct_oper_list.vector[3]            0.0000000000 
# 
loop_
_struct_conf.conf_type_id 
_struct_conf.id 
_struct_conf.pdbx_PDB_helix_id 
_struct_conf.beg_label_comp_id 
_struct_conf.beg_label_asym_id 
_struct_conf.beg_label_seq_id 
_struct_conf.pdbx_beg_PDB_ins_code 
_struct_conf.end_label_comp_id 
_struct_conf.end_label_asym_id 
_struct_conf.end_label_seq_id 
_struct_conf.pdbx_end_PDB_ins_code 
_struct_conf.beg_auth_comp_id 
_struct_conf.beg_auth_asym_id 
_struct_conf.beg_auth_seq_id 
_struct_conf.end_auth_comp_id 
_struct_conf.end_auth_asym_id 
_struct_conf.end_auth_seq_id 
_struct_conf.pdbx_PDB_helix_class 
_struct_conf.details 
_struct_conf.pdbx_PDB_helix_length 
HELX_P HELX_P1 1 SER A 1   ? GLY A 14  ? SER A 1   GLY A 14  1 ? 14 
HELX_P HELX_P2 2 LEU A 16  ? TYR A 21  ? LEU A 17  TYR A 22  1 ? 6  
HELX_P HELX_P3 3 ASP A 38  ? ASN A 53  ? ASP A 39  ASN A 54  1 ? 16 
HELX_P HELX_P4 4 THR A 79  ? ASN A 99  ? THR A 89  ASN A 109 1 ? 21 
HELX_P HELX_P5 5 LEU A 100 ? TYR A 103 ? LEU A 110 TYR A 113 5 ? 4  
HELX_P HELX_P6 6 SER A 104 ? MET A 108 ? SER A 114 MET A 118 5 ? 5  
HELX_P HELX_P7 7 PRO A 111 ? CYS A 115 ? PRO A 121 CYS A 126 5 ? 5  
# 
_struct_conf_type.id          HELX_P 
_struct_conf_type.criteria    ? 
_struct_conf_type.reference   ? 
# 
loop_
_struct_conn.id 
_struct_conn.conn_type_id 
_struct_conn.pdbx_leaving_atom_flag 
_struct_conn.pdbx_PDB_id 
_struct_conn.ptnr1_label_asym_id 
_struct_conn.ptnr1_label_comp_id 
_struct_conn.ptnr1_label_seq_id 
_struct_conn.ptnr1_label_atom_id 
_struct_conn.pdbx_ptnr1_label_alt_id 
_struct_conn.pdbx_ptnr1_PDB_ins_code 
_struct_conn.pdbx_ptnr1_standard_comp_id 
_struct_conn.ptnr1_symmetry 
_struct_conn.ptnr2_label_asym_id 
_struct_conn.ptnr2_label_comp_id 
_struct_conn.ptnr2_label_seq_id 
_struct_conn.ptnr2_label_atom_id 
_struct_conn.pdbx_ptnr2_label_alt_id 
_struct_conn.pdbx_ptnr2_PDB_ins_code 
_struct_conn.ptnr1_auth_asym_id 
_struct_conn.ptnr1_auth_comp_id 
_struct_conn.ptnr1_auth_seq_id 
_struct_conn.ptnr2_auth_asym_id 
_struct_conn.ptnr2_auth_comp_id 
_struct_conn.ptnr2_auth_seq_id 
_struct_conn.ptnr2_symmetry 
_struct_conn.pdbx_ptnr3_label_atom_id 
_struct_conn.pdbx_ptnr3_label_seq_id 
_struct_conn.pdbx_ptnr3_label_comp_id 
_struct_conn.pdbx_ptnr3_label_asym_id 
_struct_conn.pdbx_ptnr3_label_alt_id 
_struct_conn.pdbx_ptnr3_PDB_ins_code 
_struct_conn.details 
_struct_conn.pdbx_dist_value 
_struct_conn.pdbx_value_order 
_struct_conn.pdbx_role 
disulf1 disulf ? ? A CYS 26 SG  ? ? ? 1_555 A CYS 115 SG ? ? A CYS 27  A CYS 126 1_555 ? ? ? ? ? ? ? 2.034 ? ? 
disulf2 disulf ? ? A CYS 28 SG  ? ? ? 1_555 A CYS 44  SG ? ? A CYS 29  A CYS 45  1_555 ? ? ? ? ? ? ? 2.041 ? ? 
disulf3 disulf ? ? A CYS 43 SG  ? ? ? 1_555 A CYS 95  SG ? ? A CYS 44  A CYS 105 1_555 ? ? ? ? ? ? ? 2.015 ? ? 
disulf4 disulf ? ? A CYS 49 SG  ? ? ? 1_555 A CYS 121 SG ? ? A CYS 50  A CYS 133 1_555 ? ? ? ? ? ? ? 1.837 ? ? 
disulf5 disulf ? ? A CYS 50 SG  ? ? ? 1_555 A CYS 88  SG ? ? A CYS 51  A CYS 98  1_555 ? ? ? ? ? ? ? 2.020 ? ? 
disulf6 disulf ? ? A CYS 57 SG  ? ? ? 1_555 A CYS 81  SG ? ? A CYS 61  A CYS 91  1_555 ? ? ? ? ? ? ? 1.516 ? ? 
disulf7 disulf ? ? A CYS 75 SG  ? ? ? 1_555 A CYS 86  SG ? ? A CYS 84  A CYS 96  1_555 ? ? ? ? ? ? ? 2.020 ? ? 
metalc1 metalc ? ? A TYR 27 O   ? ? ? 1_555 C CA  .   CA ? ? A TYR 28  A CA  201 1_555 ? ? ? ? ? ? ? 2.589 ? ? 
metalc2 metalc ? ? A GLY 29 O   ? ? ? 1_555 C CA  .   CA ? ? A GLY 30  A CA  201 1_555 ? ? ? ? ? ? ? 2.614 ? ? 
metalc3 metalc ? ? A GLY 31 O   ? ? ? 1_555 C CA  .   CA ? ? A GLY 32  A CA  201 1_555 ? ? ? ? ? ? ? 2.479 ? ? 
metalc4 metalc ? ? A ASP 48 OD1 ? ? ? 1_555 C CA  .   CA ? ? A ASP 49  A CA  201 1_555 ? ? ? ? ? ? ? 2.864 ? ? 
metalc5 metalc ? ? A ASP 48 OD2 ? ? ? 1_555 C CA  .   CA ? ? A ASP 49  A CA  201 1_555 ? ? ? ? ? ? ? 2.381 ? ? 
metalc6 metalc ? ? C CA  .  CA  ? ? ? 1_555 E HOH .   O  ? ? A CA  201 A HOH 340 1_555 ? ? ? ? ? ? ? 2.622 ? ? 
# 
loop_
_struct_conn_type.id 
_struct_conn_type.criteria 
_struct_conn_type.reference 
disulf ? ? 
metalc ? ? 
# 
loop_
_pdbx_struct_conn_angle.id 
_pdbx_struct_conn_angle.ptnr1_label_atom_id 
_pdbx_struct_conn_angle.ptnr1_label_alt_id 
_pdbx_struct_conn_angle.ptnr1_label_asym_id 
_pdbx_struct_conn_angle.ptnr1_label_comp_id 
_pdbx_struct_conn_angle.ptnr1_label_seq_id 
_pdbx_struct_conn_angle.ptnr1_auth_atom_id 
_pdbx_struct_conn_angle.ptnr1_auth_asym_id 
_pdbx_struct_conn_angle.ptnr1_auth_comp_id 
_pdbx_struct_conn_angle.ptnr1_auth_seq_id 
_pdbx_struct_conn_angle.ptnr1_PDB_ins_code 
_pdbx_struct_conn_angle.ptnr1_symmetry 
_pdbx_struct_conn_angle.ptnr2_label_atom_id 
_pdbx_struct_conn_angle.ptnr2_label_alt_id 
_pdbx_struct_conn_angle.ptnr2_label_asym_id 
_pdbx_struct_conn_angle.ptnr2_label_comp_id 
_pdbx_struct_conn_angle.ptnr2_label_seq_id 
_pdbx_struct_conn_angle.ptnr2_auth_atom_id 
_pdbx_struct_conn_angle.ptnr2_auth_asym_id 
_pdbx_struct_conn_angle.ptnr2_auth_comp_id 
_pdbx_struct_conn_angle.ptnr2_auth_seq_id 
_pdbx_struct_conn_angle.ptnr2_PDB_ins_code 
_pdbx_struct_conn_angle.ptnr2_symmetry 
_pdbx_struct_conn_angle.ptnr3_label_atom_id 
_pdbx_struct_conn_angle.ptnr3_label_alt_id 
_pdbx_struct_conn_angle.ptnr3_label_asym_id 
_pdbx_struct_conn_angle.ptnr3_label_comp_id 
_pdbx_struct_conn_angle.ptnr3_label_seq_id 
_pdbx_struct_conn_angle.ptnr3_auth_atom_id 
_pdbx_struct_conn_angle.ptnr3_auth_asym_id 
_pdbx_struct_conn_angle.ptnr3_auth_comp_id 
_pdbx_struct_conn_angle.ptnr3_auth_seq_id 
_pdbx_struct_conn_angle.ptnr3_PDB_ins_code 
_pdbx_struct_conn_angle.ptnr3_symmetry 
_pdbx_struct_conn_angle.value 
_pdbx_struct_conn_angle.value_esd 
1  O   ? A TYR 27 ? A TYR 28 ? 1_555 CA ? C CA . ? A CA 201 ? 1_555 O   ? A GLY 29 ? A GLY 30  ? 1_555 77.3  ? 
2  O   ? A TYR 27 ? A TYR 28 ? 1_555 CA ? C CA . ? A CA 201 ? 1_555 O   ? A GLY 31 ? A GLY 32  ? 1_555 95.6  ? 
3  O   ? A GLY 29 ? A GLY 30 ? 1_555 CA ? C CA . ? A CA 201 ? 1_555 O   ? A GLY 31 ? A GLY 32  ? 1_555 91.4  ? 
4  O   ? A TYR 27 ? A TYR 28 ? 1_555 CA ? C CA . ? A CA 201 ? 1_555 OD1 ? A ASP 48 ? A ASP 49  ? 1_555 95.5  ? 
5  O   ? A GLY 29 ? A GLY 30 ? 1_555 CA ? C CA . ? A CA 201 ? 1_555 OD1 ? A ASP 48 ? A ASP 49  ? 1_555 146.0 ? 
6  O   ? A GLY 31 ? A GLY 32 ? 1_555 CA ? C CA . ? A CA 201 ? 1_555 OD1 ? A ASP 48 ? A ASP 49  ? 1_555 122.5 ? 
7  O   ? A TYR 27 ? A TYR 28 ? 1_555 CA ? C CA . ? A CA 201 ? 1_555 OD2 ? A ASP 48 ? A ASP 49  ? 1_555 88.9  ? 
8  O   ? A GLY 29 ? A GLY 30 ? 1_555 CA ? C CA . ? A CA 201 ? 1_555 OD2 ? A ASP 48 ? A ASP 49  ? 1_555 160.9 ? 
9  O   ? A GLY 31 ? A GLY 32 ? 1_555 CA ? C CA . ? A CA 201 ? 1_555 OD2 ? A ASP 48 ? A ASP 49  ? 1_555 76.6  ? 
10 OD1 ? A ASP 48 ? A ASP 49 ? 1_555 CA ? C CA . ? A CA 201 ? 1_555 OD2 ? A ASP 48 ? A ASP 49  ? 1_555 47.4  ? 
11 O   ? A TYR 27 ? A TYR 28 ? 1_555 CA ? C CA . ? A CA 201 ? 1_555 O   ? E HOH .  ? A HOH 340 ? 1_555 78.9  ? 
12 O   ? A GLY 29 ? A GLY 30 ? 1_555 CA ? C CA . ? A CA 201 ? 1_555 O   ? E HOH .  ? A HOH 340 ? 1_555 72.4  ? 
13 O   ? A GLY 31 ? A GLY 32 ? 1_555 CA ? C CA . ? A CA 201 ? 1_555 O   ? E HOH .  ? A HOH 340 ? 1_555 163.7 ? 
14 OD1 ? A ASP 48 ? A ASP 49 ? 1_555 CA ? C CA . ? A CA 201 ? 1_555 O   ? E HOH .  ? A HOH 340 ? 1_555 73.6  ? 
15 OD2 ? A ASP 48 ? A ASP 49 ? 1_555 CA ? C CA . ? A CA 201 ? 1_555 O   ? E HOH .  ? A HOH 340 ? 1_555 118.3 ? 
# 
loop_
_pdbx_modification_feature.ordinal 
_pdbx_modification_feature.label_comp_id 
_pdbx_modification_feature.label_asym_id 
_pdbx_modification_feature.label_seq_id 
_pdbx_modification_feature.label_alt_id 
_pdbx_modification_feature.modified_residue_label_comp_id 
_pdbx_modification_feature.modified_residue_label_asym_id 
_pdbx_modification_feature.modified_residue_label_seq_id 
_pdbx_modification_feature.modified_residue_label_alt_id 
_pdbx_modification_feature.auth_comp_id 
_pdbx_modification_feature.auth_asym_id 
_pdbx_modification_feature.auth_seq_id 
_pdbx_modification_feature.PDB_ins_code 
_pdbx_modification_feature.symmetry 
_pdbx_modification_feature.modified_residue_auth_comp_id 
_pdbx_modification_feature.modified_residue_auth_asym_id 
_pdbx_modification_feature.modified_residue_auth_seq_id 
_pdbx_modification_feature.modified_residue_PDB_ins_code 
_pdbx_modification_feature.modified_residue_symmetry 
_pdbx_modification_feature.comp_id_linking_atom 
_pdbx_modification_feature.modified_residue_id_linking_atom 
_pdbx_modification_feature.modified_residue_id 
_pdbx_modification_feature.ref_pcm_id 
_pdbx_modification_feature.ref_comp_id 
_pdbx_modification_feature.type 
_pdbx_modification_feature.category 
1 CYS A 26 ? CYS A 115 ? CYS A 27 ? 1_555 CYS A 126 ? 1_555 SG SG . . . None 'Disulfide bridge' 
2 CYS A 28 ? CYS A 44  ? CYS A 29 ? 1_555 CYS A 45  ? 1_555 SG SG . . . None 'Disulfide bridge' 
3 CYS A 43 ? CYS A 95  ? CYS A 44 ? 1_555 CYS A 105 ? 1_555 SG SG . . . None 'Disulfide bridge' 
4 CYS A 49 ? CYS A 121 ? CYS A 50 ? 1_555 CYS A 133 ? 1_555 SG SG . . . None 'Disulfide bridge' 
5 CYS A 50 ? CYS A 88  ? CYS A 51 ? 1_555 CYS A 98  ? 1_555 SG SG . . . None 'Disulfide bridge' 
6 CYS A 57 ? CYS A 81  ? CYS A 61 ? 1_555 CYS A 91  ? 1_555 SG SG . . . None 'Disulfide bridge' 
7 CYS A 75 ? CYS A 86  ? CYS A 84 ? 1_555 CYS A 96  ? 1_555 SG SG . . . None 'Disulfide bridge' 
# 
_struct_mon_prot_cis.pdbx_id                1 
_struct_mon_prot_cis.label_comp_id          ILE 
_struct_mon_prot_cis.label_seq_id           18 
_struct_mon_prot_cis.label_asym_id          A 
_struct_mon_prot_cis.label_alt_id           . 
_struct_mon_prot_cis.pdbx_PDB_ins_code      ? 
_struct_mon_prot_cis.auth_comp_id           ILE 
_struct_mon_prot_cis.auth_seq_id            19 
_struct_mon_prot_cis.auth_asym_id           A 
_struct_mon_prot_cis.pdbx_label_comp_id_2   PRO 
_struct_mon_prot_cis.pdbx_label_seq_id_2    19 
_struct_mon_prot_cis.pdbx_label_asym_id_2   A 
_struct_mon_prot_cis.pdbx_PDB_ins_code_2    ? 
_struct_mon_prot_cis.pdbx_auth_comp_id_2    PRO 
_struct_mon_prot_cis.pdbx_auth_seq_id_2     20 
_struct_mon_prot_cis.pdbx_auth_asym_id_2    A 
_struct_mon_prot_cis.pdbx_PDB_model_num     1 
_struct_mon_prot_cis.pdbx_omega_angle       1.17 
# 
_struct_sheet.id               A 
_struct_sheet.type             ? 
_struct_sheet.number_strands   2 
_struct_sheet.details          ? 
# 
_struct_sheet_order.sheet_id     A 
_struct_sheet_order.range_id_1   1 
_struct_sheet_order.range_id_2   2 
_struct_sheet_order.offset       ? 
_struct_sheet_order.sense        anti-parallel 
# 
loop_
_struct_sheet_range.sheet_id 
_struct_sheet_range.id 
_struct_sheet_range.beg_label_comp_id 
_struct_sheet_range.beg_label_asym_id 
_struct_sheet_range.beg_label_seq_id 
_struct_sheet_range.pdbx_beg_PDB_ins_code 
_struct_sheet_range.end_label_comp_id 
_struct_sheet_range.end_label_asym_id 
_struct_sheet_range.end_label_seq_id 
_struct_sheet_range.pdbx_end_PDB_ins_code 
_struct_sheet_range.beg_auth_comp_id 
_struct_sheet_range.beg_auth_asym_id 
_struct_sheet_range.beg_auth_seq_id 
_struct_sheet_range.end_auth_comp_id 
_struct_sheet_range.end_auth_asym_id 
_struct_sheet_range.end_auth_seq_id 
A 1 TYR A 66 ? VAL A 69 ? TYR A 75 VAL A 78 
A 2 ALA A 72 ? CYS A 75 ? ALA A 81 CYS A 84 
# 
_pdbx_struct_sheet_hbond.sheet_id                A 
_pdbx_struct_sheet_hbond.range_id_1              1 
_pdbx_struct_sheet_hbond.range_id_2              2 
_pdbx_struct_sheet_hbond.range_1_label_atom_id   N 
_pdbx_struct_sheet_hbond.range_1_label_comp_id   LYS 
_pdbx_struct_sheet_hbond.range_1_label_asym_id   A 
_pdbx_struct_sheet_hbond.range_1_label_seq_id    67 
_pdbx_struct_sheet_hbond.range_1_PDB_ins_code    ? 
_pdbx_struct_sheet_hbond.range_1_auth_atom_id    N 
_pdbx_struct_sheet_hbond.range_1_auth_comp_id    LYS 
_pdbx_struct_sheet_hbond.range_1_auth_asym_id    A 
_pdbx_struct_sheet_hbond.range_1_auth_seq_id     76 
_pdbx_struct_sheet_hbond.range_2_label_atom_id   O 
_pdbx_struct_sheet_hbond.range_2_label_comp_id   VAL 
_pdbx_struct_sheet_hbond.range_2_label_asym_id   A 
_pdbx_struct_sheet_hbond.range_2_label_seq_id    74 
_pdbx_struct_sheet_hbond.range_2_PDB_ins_code    ? 
_pdbx_struct_sheet_hbond.range_2_auth_atom_id    O 
_pdbx_struct_sheet_hbond.range_2_auth_comp_id    VAL 
_pdbx_struct_sheet_hbond.range_2_auth_asym_id    A 
_pdbx_struct_sheet_hbond.range_2_auth_seq_id     83 
# 
loop_
_struct_site.id 
_struct_site.pdbx_evidence_code 
_struct_site.pdbx_auth_asym_id 
_struct_site.pdbx_auth_comp_id 
_struct_site.pdbx_auth_seq_id 
_struct_site.pdbx_auth_ins_code 
_struct_site.pdbx_num_residues 
_struct_site.details 
AC1 Software A AIN 202 ? 6 'BINDING SITE FOR RESIDUE AIN A 202' 
AC2 Software A CA  201 ? 5 'BINDING SITE FOR RESIDUE CA A 201'  
AC3 Software A SO4 203 ? 1 'BINDING SITE FOR RESIDUE SO4 A 203' 
# 
loop_
_struct_site_gen.id 
_struct_site_gen.site_id 
_struct_site_gen.pdbx_num_res 
_struct_site_gen.label_comp_id 
_struct_site_gen.label_asym_id 
_struct_site_gen.label_seq_id 
_struct_site_gen.pdbx_auth_ins_code 
_struct_site_gen.auth_comp_id 
_struct_site_gen.auth_asym_id 
_struct_site_gen.auth_seq_id 
_struct_site_gen.label_atom_id 
_struct_site_gen.label_alt_id 
_struct_site_gen.symmetry 
_struct_site_gen.details 
1  AC1 6 LEU A 2   ? LEU A 2   . ? 1_555 ? 
2  AC1 6 ALA A 17  ? ALA A 18  . ? 1_555 ? 
3  AC1 6 ILE A 18  ? ILE A 19  . ? 1_555 ? 
4  AC1 6 ASN A 101 ? ASN A 111 . ? 2_765 ? 
5  AC1 6 HOH E .   ? HOH A 303 . ? 2_765 ? 
6  AC1 6 HOH E .   ? HOH A 341 . ? 1_555 ? 
7  AC2 5 TYR A 27  ? TYR A 28  . ? 1_555 ? 
8  AC2 5 GLY A 29  ? GLY A 30  . ? 1_555 ? 
9  AC2 5 GLY A 31  ? GLY A 32  . ? 1_555 ? 
10 AC2 5 ASP A 48  ? ASP A 49  . ? 1_555 ? 
11 AC2 5 HOH E .   ? HOH A 340 . ? 1_555 ? 
12 AC3 1 LYS A 65  ? LYS A 74  . ? 1_555 ? 
# 
_pdbx_entry_details.entry_id                   1TGM 
_pdbx_entry_details.compound_details           ? 
_pdbx_entry_details.source_details             ? 
_pdbx_entry_details.nonpolymer_details         ? 
_pdbx_entry_details.sequence_details           ? 
_pdbx_entry_details.has_ligand_of_interest     ? 
_pdbx_entry_details.has_protein_modification   Y 
# 
loop_
_pdbx_validate_torsion.id 
_pdbx_validate_torsion.PDB_model_num 
_pdbx_validate_torsion.auth_comp_id 
_pdbx_validate_torsion.auth_asym_id 
_pdbx_validate_torsion.auth_seq_id 
_pdbx_validate_torsion.PDB_ins_code 
_pdbx_validate_torsion.label_alt_id 
_pdbx_validate_torsion.phi 
_pdbx_validate_torsion.psi 
1 1 SER A 24 ? ? -143.34 30.25   
2 1 ASN A 79 ? ? 66.77   -122.81 
# 
loop_
_chem_comp_atom.comp_id 
_chem_comp_atom.atom_id 
_chem_comp_atom.type_symbol 
_chem_comp_atom.pdbx_aromatic_flag 
_chem_comp_atom.pdbx_stereo_config 
_chem_comp_atom.pdbx_ordinal 
AIN O1   O  N N 1   
AIN C7   C  N N 2   
AIN O2   O  N N 3   
AIN C3   C  Y N 4   
AIN C4   C  Y N 5   
AIN C5   C  Y N 6   
AIN C6   C  Y N 7   
AIN C1   C  Y N 8   
AIN C2   C  Y N 9   
AIN O3   O  N N 10  
AIN C8   C  N N 11  
AIN O4   O  N N 12  
AIN C9   C  N N 13  
AIN HO1  H  N N 14  
AIN H4   H  N N 15  
AIN H5   H  N N 16  
AIN H6   H  N N 17  
AIN H1   H  N N 18  
AIN H91  H  N N 19  
AIN H92  H  N N 20  
AIN H93  H  N N 21  
ALA N    N  N N 22  
ALA CA   C  N S 23  
ALA C    C  N N 24  
ALA O    O  N N 25  
ALA CB   C  N N 26  
ALA OXT  O  N N 27  
ALA H    H  N N 28  
ALA H2   H  N N 29  
ALA HA   H  N N 30  
ALA HB1  H  N N 31  
ALA HB2  H  N N 32  
ALA HB3  H  N N 33  
ALA HXT  H  N N 34  
ARG N    N  N N 35  
ARG CA   C  N S 36  
ARG C    C  N N 37  
ARG O    O  N N 38  
ARG CB   C  N N 39  
ARG CG   C  N N 40  
ARG CD   C  N N 41  
ARG NE   N  N N 42  
ARG CZ   C  N N 43  
ARG NH1  N  N N 44  
ARG NH2  N  N N 45  
ARG OXT  O  N N 46  
ARG H    H  N N 47  
ARG H2   H  N N 48  
ARG HA   H  N N 49  
ARG HB2  H  N N 50  
ARG HB3  H  N N 51  
ARG HG2  H  N N 52  
ARG HG3  H  N N 53  
ARG HD2  H  N N 54  
ARG HD3  H  N N 55  
ARG HE   H  N N 56  
ARG HH11 H  N N 57  
ARG HH12 H  N N 58  
ARG HH21 H  N N 59  
ARG HH22 H  N N 60  
ARG HXT  H  N N 61  
ASN N    N  N N 62  
ASN CA   C  N S 63  
ASN C    C  N N 64  
ASN O    O  N N 65  
ASN CB   C  N N 66  
ASN CG   C  N N 67  
ASN OD1  O  N N 68  
ASN ND2  N  N N 69  
ASN OXT  O  N N 70  
ASN H    H  N N 71  
ASN H2   H  N N 72  
ASN HA   H  N N 73  
ASN HB2  H  N N 74  
ASN HB3  H  N N 75  
ASN HD21 H  N N 76  
ASN HD22 H  N N 77  
ASN HXT  H  N N 78  
ASP N    N  N N 79  
ASP CA   C  N S 80  
ASP C    C  N N 81  
ASP O    O  N N 82  
ASP CB   C  N N 83  
ASP CG   C  N N 84  
ASP OD1  O  N N 85  
ASP OD2  O  N N 86  
ASP OXT  O  N N 87  
ASP H    H  N N 88  
ASP H2   H  N N 89  
ASP HA   H  N N 90  
ASP HB2  H  N N 91  
ASP HB3  H  N N 92  
ASP HD2  H  N N 93  
ASP HXT  H  N N 94  
CA  CA   CA N N 95  
CYS N    N  N N 96  
CYS CA   C  N R 97  
CYS C    C  N N 98  
CYS O    O  N N 99  
CYS CB   C  N N 100 
CYS SG   S  N N 101 
CYS OXT  O  N N 102 
CYS H    H  N N 103 
CYS H2   H  N N 104 
CYS HA   H  N N 105 
CYS HB2  H  N N 106 
CYS HB3  H  N N 107 
CYS HG   H  N N 108 
CYS HXT  H  N N 109 
GLN N    N  N N 110 
GLN CA   C  N S 111 
GLN C    C  N N 112 
GLN O    O  N N 113 
GLN CB   C  N N 114 
GLN CG   C  N N 115 
GLN CD   C  N N 116 
GLN OE1  O  N N 117 
GLN NE2  N  N N 118 
GLN OXT  O  N N 119 
GLN H    H  N N 120 
GLN H2   H  N N 121 
GLN HA   H  N N 122 
GLN HB2  H  N N 123 
GLN HB3  H  N N 124 
GLN HG2  H  N N 125 
GLN HG3  H  N N 126 
GLN HE21 H  N N 127 
GLN HE22 H  N N 128 
GLN HXT  H  N N 129 
GLU N    N  N N 130 
GLU CA   C  N S 131 
GLU C    C  N N 132 
GLU O    O  N N 133 
GLU CB   C  N N 134 
GLU CG   C  N N 135 
GLU CD   C  N N 136 
GLU OE1  O  N N 137 
GLU OE2  O  N N 138 
GLU OXT  O  N N 139 
GLU H    H  N N 140 
GLU H2   H  N N 141 
GLU HA   H  N N 142 
GLU HB2  H  N N 143 
GLU HB3  H  N N 144 
GLU HG2  H  N N 145 
GLU HG3  H  N N 146 
GLU HE2  H  N N 147 
GLU HXT  H  N N 148 
GLY N    N  N N 149 
GLY CA   C  N N 150 
GLY C    C  N N 151 
GLY O    O  N N 152 
GLY OXT  O  N N 153 
GLY H    H  N N 154 
GLY H2   H  N N 155 
GLY HA2  H  N N 156 
GLY HA3  H  N N 157 
GLY HXT  H  N N 158 
HIS N    N  N N 159 
HIS CA   C  N S 160 
HIS C    C  N N 161 
HIS O    O  N N 162 
HIS CB   C  N N 163 
HIS CG   C  Y N 164 
HIS ND1  N  Y N 165 
HIS CD2  C  Y N 166 
HIS CE1  C  Y N 167 
HIS NE2  N  Y N 168 
HIS OXT  O  N N 169 
HIS H    H  N N 170 
HIS H2   H  N N 171 
HIS HA   H  N N 172 
HIS HB2  H  N N 173 
HIS HB3  H  N N 174 
HIS HD1  H  N N 175 
HIS HD2  H  N N 176 
HIS HE1  H  N N 177 
HIS HE2  H  N N 178 
HIS HXT  H  N N 179 
HOH O    O  N N 180 
HOH H1   H  N N 181 
HOH H2   H  N N 182 
ILE N    N  N N 183 
ILE CA   C  N S 184 
ILE C    C  N N 185 
ILE O    O  N N 186 
ILE CB   C  N S 187 
ILE CG1  C  N N 188 
ILE CG2  C  N N 189 
ILE CD1  C  N N 190 
ILE OXT  O  N N 191 
ILE H    H  N N 192 
ILE H2   H  N N 193 
ILE HA   H  N N 194 
ILE HB   H  N N 195 
ILE HG12 H  N N 196 
ILE HG13 H  N N 197 
ILE HG21 H  N N 198 
ILE HG22 H  N N 199 
ILE HG23 H  N N 200 
ILE HD11 H  N N 201 
ILE HD12 H  N N 202 
ILE HD13 H  N N 203 
ILE HXT  H  N N 204 
LEU N    N  N N 205 
LEU CA   C  N S 206 
LEU C    C  N N 207 
LEU O    O  N N 208 
LEU CB   C  N N 209 
LEU CG   C  N N 210 
LEU CD1  C  N N 211 
LEU CD2  C  N N 212 
LEU OXT  O  N N 213 
LEU H    H  N N 214 
LEU H2   H  N N 215 
LEU HA   H  N N 216 
LEU HB2  H  N N 217 
LEU HB3  H  N N 218 
LEU HG   H  N N 219 
LEU HD11 H  N N 220 
LEU HD12 H  N N 221 
LEU HD13 H  N N 222 
LEU HD21 H  N N 223 
LEU HD22 H  N N 224 
LEU HD23 H  N N 225 
LEU HXT  H  N N 226 
LYS N    N  N N 227 
LYS CA   C  N S 228 
LYS C    C  N N 229 
LYS O    O  N N 230 
LYS CB   C  N N 231 
LYS CG   C  N N 232 
LYS CD   C  N N 233 
LYS CE   C  N N 234 
LYS NZ   N  N N 235 
LYS OXT  O  N N 236 
LYS H    H  N N 237 
LYS H2   H  N N 238 
LYS HA   H  N N 239 
LYS HB2  H  N N 240 
LYS HB3  H  N N 241 
LYS HG2  H  N N 242 
LYS HG3  H  N N 243 
LYS HD2  H  N N 244 
LYS HD3  H  N N 245 
LYS HE2  H  N N 246 
LYS HE3  H  N N 247 
LYS HZ1  H  N N 248 
LYS HZ2  H  N N 249 
LYS HZ3  H  N N 250 
LYS HXT  H  N N 251 
MET N    N  N N 252 
MET CA   C  N S 253 
MET C    C  N N 254 
MET O    O  N N 255 
MET CB   C  N N 256 
MET CG   C  N N 257 
MET SD   S  N N 258 
MET CE   C  N N 259 
MET OXT  O  N N 260 
MET H    H  N N 261 
MET H2   H  N N 262 
MET HA   H  N N 263 
MET HB2  H  N N 264 
MET HB3  H  N N 265 
MET HG2  H  N N 266 
MET HG3  H  N N 267 
MET HE1  H  N N 268 
MET HE2  H  N N 269 
MET HE3  H  N N 270 
MET HXT  H  N N 271 
PHE N    N  N N 272 
PHE CA   C  N S 273 
PHE C    C  N N 274 
PHE O    O  N N 275 
PHE CB   C  N N 276 
PHE CG   C  Y N 277 
PHE CD1  C  Y N 278 
PHE CD2  C  Y N 279 
PHE CE1  C  Y N 280 
PHE CE2  C  Y N 281 
PHE CZ   C  Y N 282 
PHE OXT  O  N N 283 
PHE H    H  N N 284 
PHE H2   H  N N 285 
PHE HA   H  N N 286 
PHE HB2  H  N N 287 
PHE HB3  H  N N 288 
PHE HD1  H  N N 289 
PHE HD2  H  N N 290 
PHE HE1  H  N N 291 
PHE HE2  H  N N 292 
PHE HZ   H  N N 293 
PHE HXT  H  N N 294 
PRO N    N  N N 295 
PRO CA   C  N S 296 
PRO C    C  N N 297 
PRO O    O  N N 298 
PRO CB   C  N N 299 
PRO CG   C  N N 300 
PRO CD   C  N N 301 
PRO OXT  O  N N 302 
PRO H    H  N N 303 
PRO HA   H  N N 304 
PRO HB2  H  N N 305 
PRO HB3  H  N N 306 
PRO HG2  H  N N 307 
PRO HG3  H  N N 308 
PRO HD2  H  N N 309 
PRO HD3  H  N N 310 
PRO HXT  H  N N 311 
SER N    N  N N 312 
SER CA   C  N S 313 
SER C    C  N N 314 
SER O    O  N N 315 
SER CB   C  N N 316 
SER OG   O  N N 317 
SER OXT  O  N N 318 
SER H    H  N N 319 
SER H2   H  N N 320 
SER HA   H  N N 321 
SER HB2  H  N N 322 
SER HB3  H  N N 323 
SER HG   H  N N 324 
SER HXT  H  N N 325 
SO4 S    S  N N 326 
SO4 O1   O  N N 327 
SO4 O2   O  N N 328 
SO4 O3   O  N N 329 
SO4 O4   O  N N 330 
THR N    N  N N 331 
THR CA   C  N S 332 
THR C    C  N N 333 
THR O    O  N N 334 
THR CB   C  N R 335 
THR OG1  O  N N 336 
THR CG2  C  N N 337 
THR OXT  O  N N 338 
THR H    H  N N 339 
THR H2   H  N N 340 
THR HA   H  N N 341 
THR HB   H  N N 342 
THR HG1  H  N N 343 
THR HG21 H  N N 344 
THR HG22 H  N N 345 
THR HG23 H  N N 346 
THR HXT  H  N N 347 
TRP N    N  N N 348 
TRP CA   C  N S 349 
TRP C    C  N N 350 
TRP O    O  N N 351 
TRP CB   C  N N 352 
TRP CG   C  Y N 353 
TRP CD1  C  Y N 354 
TRP CD2  C  Y N 355 
TRP NE1  N  Y N 356 
TRP CE2  C  Y N 357 
TRP CE3  C  Y N 358 
TRP CZ2  C  Y N 359 
TRP CZ3  C  Y N 360 
TRP CH2  C  Y N 361 
TRP OXT  O  N N 362 
TRP H    H  N N 363 
TRP H2   H  N N 364 
TRP HA   H  N N 365 
TRP HB2  H  N N 366 
TRP HB3  H  N N 367 
TRP HD1  H  N N 368 
TRP HE1  H  N N 369 
TRP HE3  H  N N 370 
TRP HZ2  H  N N 371 
TRP HZ3  H  N N 372 
TRP HH2  H  N N 373 
TRP HXT  H  N N 374 
TYR N    N  N N 375 
TYR CA   C  N S 376 
TYR C    C  N N 377 
TYR O    O  N N 378 
TYR CB   C  N N 379 
TYR CG   C  Y N 380 
TYR CD1  C  Y N 381 
TYR CD2  C  Y N 382 
TYR CE1  C  Y N 383 
TYR CE2  C  Y N 384 
TYR CZ   C  Y N 385 
TYR OH   O  N N 386 
TYR OXT  O  N N 387 
TYR H    H  N N 388 
TYR H2   H  N N 389 
TYR HA   H  N N 390 
TYR HB2  H  N N 391 
TYR HB3  H  N N 392 
TYR HD1  H  N N 393 
TYR HD2  H  N N 394 
TYR HE1  H  N N 395 
TYR HE2  H  N N 396 
TYR HH   H  N N 397 
TYR HXT  H  N N 398 
VAL N    N  N N 399 
VAL CA   C  N S 400 
VAL C    C  N N 401 
VAL O    O  N N 402 
VAL CB   C  N N 403 
VAL CG1  C  N N 404 
VAL CG2  C  N N 405 
VAL OXT  O  N N 406 
VAL H    H  N N 407 
VAL H2   H  N N 408 
VAL HA   H  N N 409 
VAL HB   H  N N 410 
VAL HG11 H  N N 411 
VAL HG12 H  N N 412 
VAL HG13 H  N N 413 
VAL HG21 H  N N 414 
VAL HG22 H  N N 415 
VAL HG23 H  N N 416 
VAL HXT  H  N N 417 
# 
loop_
_chem_comp_bond.comp_id 
_chem_comp_bond.atom_id_1 
_chem_comp_bond.atom_id_2 
_chem_comp_bond.value_order 
_chem_comp_bond.pdbx_aromatic_flag 
_chem_comp_bond.pdbx_stereo_config 
_chem_comp_bond.pdbx_ordinal 
AIN O1  C7   sing N N 1   
AIN O1  HO1  sing N N 2   
AIN C7  O2   doub N N 3   
AIN C7  C3   sing N N 4   
AIN C3  C4   sing Y N 5   
AIN C3  C2   doub Y N 6   
AIN C4  C5   doub Y N 7   
AIN C4  H4   sing N N 8   
AIN C5  C6   sing Y N 9   
AIN C5  H5   sing N N 10  
AIN C6  C1   doub Y N 11  
AIN C6  H6   sing N N 12  
AIN C1  C2   sing Y N 13  
AIN C1  H1   sing N N 14  
AIN C2  O3   sing N N 15  
AIN O3  C8   sing N N 16  
AIN C8  O4   doub N N 17  
AIN C8  C9   sing N N 18  
AIN C9  H91  sing N N 19  
AIN C9  H92  sing N N 20  
AIN C9  H93  sing N N 21  
ALA N   CA   sing N N 22  
ALA N   H    sing N N 23  
ALA N   H2   sing N N 24  
ALA CA  C    sing N N 25  
ALA CA  CB   sing N N 26  
ALA CA  HA   sing N N 27  
ALA C   O    doub N N 28  
ALA C   OXT  sing N N 29  
ALA CB  HB1  sing N N 30  
ALA CB  HB2  sing N N 31  
ALA CB  HB3  sing N N 32  
ALA OXT HXT  sing N N 33  
ARG N   CA   sing N N 34  
ARG N   H    sing N N 35  
ARG N   H2   sing N N 36  
ARG CA  C    sing N N 37  
ARG CA  CB   sing N N 38  
ARG CA  HA   sing N N 39  
ARG C   O    doub N N 40  
ARG C   OXT  sing N N 41  
ARG CB  CG   sing N N 42  
ARG CB  HB2  sing N N 43  
ARG CB  HB3  sing N N 44  
ARG CG  CD   sing N N 45  
ARG CG  HG2  sing N N 46  
ARG CG  HG3  sing N N 47  
ARG CD  NE   sing N N 48  
ARG CD  HD2  sing N N 49  
ARG CD  HD3  sing N N 50  
ARG NE  CZ   sing N N 51  
ARG NE  HE   sing N N 52  
ARG CZ  NH1  sing N N 53  
ARG CZ  NH2  doub N N 54  
ARG NH1 HH11 sing N N 55  
ARG NH1 HH12 sing N N 56  
ARG NH2 HH21 sing N N 57  
ARG NH2 HH22 sing N N 58  
ARG OXT HXT  sing N N 59  
ASN N   CA   sing N N 60  
ASN N   H    sing N N 61  
ASN N   H2   sing N N 62  
ASN CA  C    sing N N 63  
ASN CA  CB   sing N N 64  
ASN CA  HA   sing N N 65  
ASN C   O    doub N N 66  
ASN C   OXT  sing N N 67  
ASN CB  CG   sing N N 68  
ASN CB  HB2  sing N N 69  
ASN CB  HB3  sing N N 70  
ASN CG  OD1  doub N N 71  
ASN CG  ND2  sing N N 72  
ASN ND2 HD21 sing N N 73  
ASN ND2 HD22 sing N N 74  
ASN OXT HXT  sing N N 75  
ASP N   CA   sing N N 76  
ASP N   H    sing N N 77  
ASP N   H2   sing N N 78  
ASP CA  C    sing N N 79  
ASP CA  CB   sing N N 80  
ASP CA  HA   sing N N 81  
ASP C   O    doub N N 82  
ASP C   OXT  sing N N 83  
ASP CB  CG   sing N N 84  
ASP CB  HB2  sing N N 85  
ASP CB  HB3  sing N N 86  
ASP CG  OD1  doub N N 87  
ASP CG  OD2  sing N N 88  
ASP OD2 HD2  sing N N 89  
ASP OXT HXT  sing N N 90  
CYS N   CA   sing N N 91  
CYS N   H    sing N N 92  
CYS N   H2   sing N N 93  
CYS CA  C    sing N N 94  
CYS CA  CB   sing N N 95  
CYS CA  HA   sing N N 96  
CYS C   O    doub N N 97  
CYS C   OXT  sing N N 98  
CYS CB  SG   sing N N 99  
CYS CB  HB2  sing N N 100 
CYS CB  HB3  sing N N 101 
CYS SG  HG   sing N N 102 
CYS OXT HXT  sing N N 103 
GLN N   CA   sing N N 104 
GLN N   H    sing N N 105 
GLN N   H2   sing N N 106 
GLN CA  C    sing N N 107 
GLN CA  CB   sing N N 108 
GLN CA  HA   sing N N 109 
GLN C   O    doub N N 110 
GLN C   OXT  sing N N 111 
GLN CB  CG   sing N N 112 
GLN CB  HB2  sing N N 113 
GLN CB  HB3  sing N N 114 
GLN CG  CD   sing N N 115 
GLN CG  HG2  sing N N 116 
GLN CG  HG3  sing N N 117 
GLN CD  OE1  doub N N 118 
GLN CD  NE2  sing N N 119 
GLN NE2 HE21 sing N N 120 
GLN NE2 HE22 sing N N 121 
GLN OXT HXT  sing N N 122 
GLU N   CA   sing N N 123 
GLU N   H    sing N N 124 
GLU N   H2   sing N N 125 
GLU CA  C    sing N N 126 
GLU CA  CB   sing N N 127 
GLU CA  HA   sing N N 128 
GLU C   O    doub N N 129 
GLU C   OXT  sing N N 130 
GLU CB  CG   sing N N 131 
GLU CB  HB2  sing N N 132 
GLU CB  HB3  sing N N 133 
GLU CG  CD   sing N N 134 
GLU CG  HG2  sing N N 135 
GLU CG  HG3  sing N N 136 
GLU CD  OE1  doub N N 137 
GLU CD  OE2  sing N N 138 
GLU OE2 HE2  sing N N 139 
GLU OXT HXT  sing N N 140 
GLY N   CA   sing N N 141 
GLY N   H    sing N N 142 
GLY N   H2   sing N N 143 
GLY CA  C    sing N N 144 
GLY CA  HA2  sing N N 145 
GLY CA  HA3  sing N N 146 
GLY C   O    doub N N 147 
GLY C   OXT  sing N N 148 
GLY OXT HXT  sing N N 149 
HIS N   CA   sing N N 150 
HIS N   H    sing N N 151 
HIS N   H2   sing N N 152 
HIS CA  C    sing N N 153 
HIS CA  CB   sing N N 154 
HIS CA  HA   sing N N 155 
HIS C   O    doub N N 156 
HIS C   OXT  sing N N 157 
HIS CB  CG   sing N N 158 
HIS CB  HB2  sing N N 159 
HIS CB  HB3  sing N N 160 
HIS CG  ND1  sing Y N 161 
HIS CG  CD2  doub Y N 162 
HIS ND1 CE1  doub Y N 163 
HIS ND1 HD1  sing N N 164 
HIS CD2 NE2  sing Y N 165 
HIS CD2 HD2  sing N N 166 
HIS CE1 NE2  sing Y N 167 
HIS CE1 HE1  sing N N 168 
HIS NE2 HE2  sing N N 169 
HIS OXT HXT  sing N N 170 
HOH O   H1   sing N N 171 
HOH O   H2   sing N N 172 
ILE N   CA   sing N N 173 
ILE N   H    sing N N 174 
ILE N   H2   sing N N 175 
ILE CA  C    sing N N 176 
ILE CA  CB   sing N N 177 
ILE CA  HA   sing N N 178 
ILE C   O    doub N N 179 
ILE C   OXT  sing N N 180 
ILE CB  CG1  sing N N 181 
ILE CB  CG2  sing N N 182 
ILE CB  HB   sing N N 183 
ILE CG1 CD1  sing N N 184 
ILE CG1 HG12 sing N N 185 
ILE CG1 HG13 sing N N 186 
ILE CG2 HG21 sing N N 187 
ILE CG2 HG22 sing N N 188 
ILE CG2 HG23 sing N N 189 
ILE CD1 HD11 sing N N 190 
ILE CD1 HD12 sing N N 191 
ILE CD1 HD13 sing N N 192 
ILE OXT HXT  sing N N 193 
LEU N   CA   sing N N 194 
LEU N   H    sing N N 195 
LEU N   H2   sing N N 196 
LEU CA  C    sing N N 197 
LEU CA  CB   sing N N 198 
LEU CA  HA   sing N N 199 
LEU C   O    doub N N 200 
LEU C   OXT  sing N N 201 
LEU CB  CG   sing N N 202 
LEU CB  HB2  sing N N 203 
LEU CB  HB3  sing N N 204 
LEU CG  CD1  sing N N 205 
LEU CG  CD2  sing N N 206 
LEU CG  HG   sing N N 207 
LEU CD1 HD11 sing N N 208 
LEU CD1 HD12 sing N N 209 
LEU CD1 HD13 sing N N 210 
LEU CD2 HD21 sing N N 211 
LEU CD2 HD22 sing N N 212 
LEU CD2 HD23 sing N N 213 
LEU OXT HXT  sing N N 214 
LYS N   CA   sing N N 215 
LYS N   H    sing N N 216 
LYS N   H2   sing N N 217 
LYS CA  C    sing N N 218 
LYS CA  CB   sing N N 219 
LYS CA  HA   sing N N 220 
LYS C   O    doub N N 221 
LYS C   OXT  sing N N 222 
LYS CB  CG   sing N N 223 
LYS CB  HB2  sing N N 224 
LYS CB  HB3  sing N N 225 
LYS CG  CD   sing N N 226 
LYS CG  HG2  sing N N 227 
LYS CG  HG3  sing N N 228 
LYS CD  CE   sing N N 229 
LYS CD  HD2  sing N N 230 
LYS CD  HD3  sing N N 231 
LYS CE  NZ   sing N N 232 
LYS CE  HE2  sing N N 233 
LYS CE  HE3  sing N N 234 
LYS NZ  HZ1  sing N N 235 
LYS NZ  HZ2  sing N N 236 
LYS NZ  HZ3  sing N N 237 
LYS OXT HXT  sing N N 238 
MET N   CA   sing N N 239 
MET N   H    sing N N 240 
MET N   H2   sing N N 241 
MET CA  C    sing N N 242 
MET CA  CB   sing N N 243 
MET CA  HA   sing N N 244 
MET C   O    doub N N 245 
MET C   OXT  sing N N 246 
MET CB  CG   sing N N 247 
MET CB  HB2  sing N N 248 
MET CB  HB3  sing N N 249 
MET CG  SD   sing N N 250 
MET CG  HG2  sing N N 251 
MET CG  HG3  sing N N 252 
MET SD  CE   sing N N 253 
MET CE  HE1  sing N N 254 
MET CE  HE2  sing N N 255 
MET CE  HE3  sing N N 256 
MET OXT HXT  sing N N 257 
PHE N   CA   sing N N 258 
PHE N   H    sing N N 259 
PHE N   H2   sing N N 260 
PHE CA  C    sing N N 261 
PHE CA  CB   sing N N 262 
PHE CA  HA   sing N N 263 
PHE C   O    doub N N 264 
PHE C   OXT  sing N N 265 
PHE CB  CG   sing N N 266 
PHE CB  HB2  sing N N 267 
PHE CB  HB3  sing N N 268 
PHE CG  CD1  doub Y N 269 
PHE CG  CD2  sing Y N 270 
PHE CD1 CE1  sing Y N 271 
PHE CD1 HD1  sing N N 272 
PHE CD2 CE2  doub Y N 273 
PHE CD2 HD2  sing N N 274 
PHE CE1 CZ   doub Y N 275 
PHE CE1 HE1  sing N N 276 
PHE CE2 CZ   sing Y N 277 
PHE CE2 HE2  sing N N 278 
PHE CZ  HZ   sing N N 279 
PHE OXT HXT  sing N N 280 
PRO N   CA   sing N N 281 
PRO N   CD   sing N N 282 
PRO N   H    sing N N 283 
PRO CA  C    sing N N 284 
PRO CA  CB   sing N N 285 
PRO CA  HA   sing N N 286 
PRO C   O    doub N N 287 
PRO C   OXT  sing N N 288 
PRO CB  CG   sing N N 289 
PRO CB  HB2  sing N N 290 
PRO CB  HB3  sing N N 291 
PRO CG  CD   sing N N 292 
PRO CG  HG2  sing N N 293 
PRO CG  HG3  sing N N 294 
PRO CD  HD2  sing N N 295 
PRO CD  HD3  sing N N 296 
PRO OXT HXT  sing N N 297 
SER N   CA   sing N N 298 
SER N   H    sing N N 299 
SER N   H2   sing N N 300 
SER CA  C    sing N N 301 
SER CA  CB   sing N N 302 
SER CA  HA   sing N N 303 
SER C   O    doub N N 304 
SER C   OXT  sing N N 305 
SER CB  OG   sing N N 306 
SER CB  HB2  sing N N 307 
SER CB  HB3  sing N N 308 
SER OG  HG   sing N N 309 
SER OXT HXT  sing N N 310 
SO4 S   O1   doub N N 311 
SO4 S   O2   doub N N 312 
SO4 S   O3   sing N N 313 
SO4 S   O4   sing N N 314 
THR N   CA   sing N N 315 
THR N   H    sing N N 316 
THR N   H2   sing N N 317 
THR CA  C    sing N N 318 
THR CA  CB   sing N N 319 
THR CA  HA   sing N N 320 
THR C   O    doub N N 321 
THR C   OXT  sing N N 322 
THR CB  OG1  sing N N 323 
THR CB  CG2  sing N N 324 
THR CB  HB   sing N N 325 
THR OG1 HG1  sing N N 326 
THR CG2 HG21 sing N N 327 
THR CG2 HG22 sing N N 328 
THR CG2 HG23 sing N N 329 
THR OXT HXT  sing N N 330 
TRP N   CA   sing N N 331 
TRP N   H    sing N N 332 
TRP N   H2   sing N N 333 
TRP CA  C    sing N N 334 
TRP CA  CB   sing N N 335 
TRP CA  HA   sing N N 336 
TRP C   O    doub N N 337 
TRP C   OXT  sing N N 338 
TRP CB  CG   sing N N 339 
TRP CB  HB2  sing N N 340 
TRP CB  HB3  sing N N 341 
TRP CG  CD1  doub Y N 342 
TRP CG  CD2  sing Y N 343 
TRP CD1 NE1  sing Y N 344 
TRP CD1 HD1  sing N N 345 
TRP CD2 CE2  doub Y N 346 
TRP CD2 CE3  sing Y N 347 
TRP NE1 CE2  sing Y N 348 
TRP NE1 HE1  sing N N 349 
TRP CE2 CZ2  sing Y N 350 
TRP CE3 CZ3  doub Y N 351 
TRP CE3 HE3  sing N N 352 
TRP CZ2 CH2  doub Y N 353 
TRP CZ2 HZ2  sing N N 354 
TRP CZ3 CH2  sing Y N 355 
TRP CZ3 HZ3  sing N N 356 
TRP CH2 HH2  sing N N 357 
TRP OXT HXT  sing N N 358 
TYR N   CA   sing N N 359 
TYR N   H    sing N N 360 
TYR N   H2   sing N N 361 
TYR CA  C    sing N N 362 
TYR CA  CB   sing N N 363 
TYR CA  HA   sing N N 364 
TYR C   O    doub N N 365 
TYR C   OXT  sing N N 366 
TYR CB  CG   sing N N 367 
TYR CB  HB2  sing N N 368 
TYR CB  HB3  sing N N 369 
TYR CG  CD1  doub Y N 370 
TYR CG  CD2  sing Y N 371 
TYR CD1 CE1  sing Y N 372 
TYR CD1 HD1  sing N N 373 
TYR CD2 CE2  doub Y N 374 
TYR CD2 HD2  sing N N 375 
TYR CE1 CZ   doub Y N 376 
TYR CE1 HE1  sing N N 377 
TYR CE2 CZ   sing Y N 378 
TYR CE2 HE2  sing N N 379 
TYR CZ  OH   sing N N 380 
TYR OH  HH   sing N N 381 
TYR OXT HXT  sing N N 382 
VAL N   CA   sing N N 383 
VAL N   H    sing N N 384 
VAL N   H2   sing N N 385 
VAL CA  C    sing N N 386 
VAL CA  CB   sing N N 387 
VAL CA  HA   sing N N 388 
VAL C   O    doub N N 389 
VAL C   OXT  sing N N 390 
VAL CB  CG1  sing N N 391 
VAL CB  CG2  sing N N 392 
VAL CB  HB   sing N N 393 
VAL CG1 HG11 sing N N 394 
VAL CG1 HG12 sing N N 395 
VAL CG1 HG13 sing N N 396 
VAL CG2 HG21 sing N N 397 
VAL CG2 HG22 sing N N 398 
VAL CG2 HG23 sing N N 399 
VAL OXT HXT  sing N N 400 
# 
_pdbx_initial_refinement_model.id               1 
_pdbx_initial_refinement_model.entity_id_list   ? 
_pdbx_initial_refinement_model.type             'experimental model' 
_pdbx_initial_refinement_model.source_name      PDB 
_pdbx_initial_refinement_model.accession_code   1Q7A 
_pdbx_initial_refinement_model.details          'pdb entry 1Q7A' 
# 
_atom_sites.entry_id                    1TGM 
_atom_sites.fract_transf_matrix[1][1]   0.01715667 
_atom_sites.fract_transf_matrix[1][2]   0.00748504 
_atom_sites.fract_transf_matrix[1][3]   -0.00120325 
_atom_sites.fract_transf_matrix[2][1]   -0.00754960 
_atom_sites.fract_transf_matrix[2][2]   0.01659751 
_atom_sites.fract_transf_matrix[2][3]   -0.00439901 
_atom_sites.fract_transf_matrix[3][1]   -0.00076002 
_atom_sites.fract_transf_matrix[3][2]   0.00496031 
_atom_sites.fract_transf_matrix[3][3]   0.02001964 
_atom_sites.fract_transf_vector[1]      0.971135 
_atom_sites.fract_transf_vector[2]      0.663261 
_atom_sites.fract_transf_vector[3]      0.000888 
# 
loop_
_atom_type.symbol 
C  
CA 
N  
O  
S  
# 
loop_
_atom_site.group_PDB 
_atom_site.id 
_atom_site.type_symbol 
_atom_site.label_atom_id 
_atom_site.label_alt_id 
_atom_site.label_comp_id 
_atom_site.label_asym_id 
_atom_site.label_entity_id 
_atom_site.label_seq_id 
_atom_site.pdbx_PDB_ins_code 
_atom_site.Cartn_x 
_atom_site.Cartn_y 
_atom_site.Cartn_z 
_atom_site.occupancy 
_atom_site.B_iso_or_equiv 
_atom_site.pdbx_formal_charge 
_atom_site.auth_seq_id 
_atom_site.auth_comp_id 
_atom_site.auth_asym_id 
_atom_site.auth_atom_id 
_atom_site.pdbx_PDB_model_num 
ATOM   1    N  N   . SER A 1 1   ? -10.954 1.709   2.680   1.00 22.00 ? 1   SER A N   1 
ATOM   2    C  CA  . SER A 1 1   ? -10.502 1.277   4.033   1.00 22.77 ? 1   SER A CA  1 
ATOM   3    C  C   . SER A 1 1   ? -9.560  0.081   3.970   1.00 23.23 ? 1   SER A C   1 
ATOM   4    O  O   . SER A 1 1   ? -9.404  -0.562  2.924   1.00 22.53 ? 1   SER A O   1 
ATOM   5    C  CB  . SER A 1 1   ? -11.711 0.949   4.926   1.00 22.90 ? 1   SER A CB  1 
ATOM   6    O  OG  . SER A 1 1   ? -12.334 -0.265  4.543   1.00 23.68 ? 1   SER A OG  1 
ATOM   7    N  N   . LEU A 1 2   ? -8.866  -0.167  5.074   1.00 24.06 ? 2   LEU A N   1 
ATOM   8    C  CA  . LEU A 1 2   ? -8.003  -1.338  5.190   1.00 25.08 ? 2   LEU A CA  1 
ATOM   9    C  C   . LEU A 1 2   ? -8.679  -2.621  4.741   1.00 25.21 ? 2   LEU A C   1 
ATOM   10   O  O   . LEU A 1 2   ? -8.016  -3.539  4.266   1.00 25.44 ? 2   LEU A O   1 
ATOM   11   C  CB  . LEU A 1 2   ? -7.506  -1.483  6.623   1.00 26.02 ? 2   LEU A CB  1 
ATOM   12   C  CG  . LEU A 1 2   ? -6.255  -0.672  6.934   1.00 27.91 ? 2   LEU A CG  1 
ATOM   13   C  CD1 . LEU A 1 2   ? -6.402  0.758   6.491   1.00 29.80 ? 2   LEU A CD1 1 
ATOM   14   C  CD2 . LEU A 1 2   ? -5.974  -0.732  8.415   1.00 29.69 ? 2   LEU A CD2 1 
ATOM   15   N  N   . LEU A 1 3   ? -9.999  -2.676  4.864   1.00 25.28 ? 3   LEU A N   1 
ATOM   16   C  CA  . LEU A 1 3   ? -10.750 -3.854  4.462   1.00 25.46 ? 3   LEU A CA  1 
ATOM   17   C  C   . LEU A 1 3   ? -10.691 -4.051  2.955   1.00 24.83 ? 3   LEU A C   1 
ATOM   18   O  O   . LEU A 1 3   ? -10.481 -5.169  2.487   1.00 24.87 ? 3   LEU A O   1 
ATOM   19   C  CB  . LEU A 1 3   ? -12.207 -3.763  4.925   1.00 25.96 ? 3   LEU A CB  1 
ATOM   20   C  CG  . LEU A 1 3   ? -12.583 -4.653  6.114   1.00 28.46 ? 3   LEU A CG  1 
ATOM   21   C  CD1 . LEU A 1 3   ? -11.712 -5.905  6.184   1.00 30.66 ? 3   LEU A CD1 1 
ATOM   22   C  CD2 . LEU A 1 3   ? -12.504 -3.898  7.421   1.00 30.99 ? 3   LEU A CD2 1 
ATOM   23   N  N   . GLU A 1 4   ? -10.865 -2.974  2.191   1.00 23.74 ? 4   GLU A N   1 
ATOM   24   C  CA  . GLU A 1 4   ? -10.812 -3.075  0.746   1.00 23.49 ? 4   GLU A CA  1 
ATOM   25   C  C   . GLU A 1 4   ? -9.367  -3.234  0.291   1.00 22.83 ? 4   GLU A C   1 
ATOM   26   O  O   . GLU A 1 4   ? -9.087  -3.983  -0.649  1.00 22.85 ? 4   GLU A O   1 
ATOM   27   C  CB  . GLU A 1 4   ? -11.408 -1.842  0.065   1.00 23.24 ? 4   GLU A CB  1 
ATOM   28   C  CG  . GLU A 1 4   ? -12.924 -1.729  0.141   1.00 24.23 ? 4   GLU A CG  1 
ATOM   29   C  CD  . GLU A 1 4   ? -13.403 -1.226  1.487   1.00 25.87 ? 4   GLU A CD  1 
ATOM   30   O  OE1 . GLU A 1 4   ? -12.801 -0.254  1.992   1.00 26.27 ? 4   GLU A OE1 1 
ATOM   31   O  OE2 . GLU A 1 4   ? -14.361 -1.810  2.052   1.00 27.20 ? 4   GLU A OE2 1 
ATOM   32   N  N   . PHE A 1 5   ? -8.450  -2.529  0.942   1.00 21.84 ? 5   PHE A N   1 
ATOM   33   C  CA  . PHE A 1 5   ? -7.046  -2.599  0.559   1.00 21.37 ? 5   PHE A CA  1 
ATOM   34   C  C   . PHE A 1 5   ? -6.494  -4.024  0.713   1.00 21.60 ? 5   PHE A C   1 
ATOM   35   O  O   . PHE A 1 5   ? -5.835  -4.543  -0.190  1.00 20.72 ? 5   PHE A O   1 
ATOM   36   C  CB  . PHE A 1 5   ? -6.212  -1.610  1.373   1.00 21.03 ? 5   PHE A CB  1 
ATOM   37   C  CG  . PHE A 1 5   ? -4.817  -1.423  0.862   1.00 20.08 ? 5   PHE A CG  1 
ATOM   38   C  CD1 . PHE A 1 5   ? -4.547  -1.396  -0.492  1.00 20.24 ? 5   PHE A CD1 1 
ATOM   39   C  CD2 . PHE A 1 5   ? -3.772  -1.295  1.734   1.00 21.45 ? 5   PHE A CD2 1 
ATOM   40   C  CE1 . PHE A 1 5   ? -3.254  -1.234  -0.949  1.00 20.58 ? 5   PHE A CE1 1 
ATOM   41   C  CE2 . PHE A 1 5   ? -2.480  -1.129  1.287   1.00 21.13 ? 5   PHE A CE2 1 
ATOM   42   C  CZ  . PHE A 1 5   ? -2.219  -1.102  -0.060  1.00 20.91 ? 5   PHE A CZ  1 
ATOM   43   N  N   . GLY A 1 6   ? -6.766  -4.654  1.859   1.00 21.92 ? 6   GLY A N   1 
ATOM   44   C  CA  . GLY A 1 6   ? -6.326  -6.017  2.110   1.00 22.80 ? 6   GLY A CA  1 
ATOM   45   C  C   . GLY A 1 6   ? -6.869  -6.996  1.099   1.00 23.29 ? 6   GLY A C   1 
ATOM   46   O  O   . GLY A 1 6   ? -6.176  -7.927  0.692   1.00 23.92 ? 6   GLY A O   1 
ATOM   47   N  N   . LYS A 1 7   ? -8.108  -6.794  0.672   1.00 23.90 ? 7   LYS A N   1 
ATOM   48   C  CA  . LYS A 1 7   ? -8.714  -7.680  -0.304  1.00 24.36 ? 7   LYS A CA  1 
ATOM   49   C  C   . LYS A 1 7   ? -8.068  -7.509  -1.677  1.00 23.79 ? 7   LYS A C   1 
ATOM   50   O  O   . LYS A 1 7   ? -7.809  -8.482  -2.387  1.00 23.67 ? 7   LYS A O   1 
ATOM   51   C  CB  . LYS A 1 7   ? -10.210 -7.419  -0.417  1.00 24.92 ? 7   LYS A CB  1 
ATOM   52   C  CG  . LYS A 1 7   ? -10.900 -8.484  -1.246  1.00 27.38 ? 7   LYS A CG  1 
ATOM   53   C  CD  . LYS A 1 7   ? -12.058 -7.949  -2.036  1.00 30.63 ? 7   LYS A CD  1 
ATOM   54   C  CE  . LYS A 1 7   ? -13.368 -8.175  -1.320  1.00 32.04 ? 7   LYS A CE  1 
ATOM   55   N  NZ  . LYS A 1 7   ? -14.525 -7.981  -2.249  1.00 34.80 ? 7   LYS A NZ  1 
ATOM   56   N  N   . MET A 1 8   ? -7.807  -6.261  -2.037  1.00 23.02 ? 8   MET A N   1 
ATOM   57   C  CA  . MET A 1 8   ? -7.171  -5.933  -3.300  1.00 22.26 ? 8   MET A CA  1 
ATOM   58   C  C   . MET A 1 8   ? -5.790  -6.595  -3.361  1.00 21.81 ? 8   MET A C   1 
ATOM   59   O  O   . MET A 1 8   ? -5.388  -7.149  -4.395  1.00 21.29 ? 8   MET A O   1 
ATOM   60   C  CB  . MET A 1 8   ? -7.040  -4.414  -3.386  1.00 21.95 ? 8   MET A CB  1 
ATOM   61   C  CG  . MET A 1 8   ? -6.956  -3.848  -4.750  1.00 23.30 ? 8   MET A CG  1 
ATOM   62   S  SD  . MET A 1 8   ? -6.911  -2.045  -4.634  1.00 22.93 ? 8   MET A SD  1 
ATOM   63   C  CE  . MET A 1 8   ? -8.628  -1.636  -4.710  1.00 24.41 ? 8   MET A CE  1 
ATOM   64   N  N   . ILE A 1 9   ? -5.064  -6.528  -2.251  1.00 21.18 ? 9   ILE A N   1 
ATOM   65   C  CA  . ILE A 1 9   ? -3.721  -7.095  -2.165  1.00 21.36 ? 9   ILE A CA  1 
ATOM   66   C  C   . ILE A 1 9   ? -3.760  -8.606  -2.388  1.00 21.60 ? 9   ILE A C   1 
ATOM   67   O  O   . ILE A 1 9   ? -3.024  -9.142  -3.226  1.00 20.80 ? 9   ILE A O   1 
ATOM   68   C  CB  . ILE A 1 9   ? -3.074  -6.754  -0.806  1.00 21.42 ? 9   ILE A CB  1 
ATOM   69   C  CG1 . ILE A 1 9   ? -2.835  -5.241  -0.713  1.00 21.70 ? 9   ILE A CG1 1 
ATOM   70   C  CG2 . ILE A 1 9   ? -1.761  -7.512  -0.628  1.00 21.55 ? 9   ILE A CG2 1 
ATOM   71   C  CD1 . ILE A 1 9   ? -2.290  -4.774  0.615   1.00 22.20 ? 9   ILE A CD1 1 
ATOM   72   N  N   . LEU A 1 10  ? -4.637  -9.276  -1.647  1.00 22.05 ? 10  LEU A N   1 
ATOM   73   C  CA  . LEU A 1 10  ? -4.801  -10.725 -1.747  1.00 22.93 ? 10  LEU A CA  1 
ATOM   74   C  C   . LEU A 1 10  ? -5.153  -11.143 -3.171  1.00 23.07 ? 10  LEU A C   1 
ATOM   75   O  O   . LEU A 1 10  ? -4.566  -12.092 -3.715  1.00 22.65 ? 10  LEU A O   1 
ATOM   76   C  CB  . LEU A 1 10  ? -5.876  -11.195 -0.757  1.00 23.14 ? 10  LEU A CB  1 
ATOM   77   C  CG  . LEU A 1 10  ? -6.148  -12.704 -0.692  1.00 24.51 ? 10  LEU A CG  1 
ATOM   78   C  CD1 . LEU A 1 10  ? -4.887  -13.496 -0.378  1.00 25.71 ? 10  LEU A CD1 1 
ATOM   79   C  CD2 . LEU A 1 10  ? -7.230  -12.972 0.337   1.00 26.49 ? 10  LEU A CD2 1 
ATOM   80   N  N   . GLU A 1 11  ? -6.096  -10.431 -3.787  1.00 23.41 ? 11  GLU A N   1 
ATOM   81   C  CA  . GLU A 1 11  ? -6.514  -10.750 -5.147  1.00 24.01 ? 11  GLU A CA  1 
ATOM   82   C  C   . GLU A 1 11  ? -5.353  -10.578 -6.117  1.00 24.33 ? 11  GLU A C   1 
ATOM   83   O  O   . GLU A 1 11  ? -5.140  -11.401 -7.001  1.00 24.58 ? 11  GLU A O   1 
ATOM   84   C  CB  . GLU A 1 11  ? -7.663  -9.853  -5.596  1.00 24.21 ? 11  GLU A CB  1 
ATOM   85   C  CG  . GLU A 1 11  ? -8.964  -10.029 -4.829  1.00 25.27 ? 11  GLU A CG  1 
ATOM   86   C  CD  . GLU A 1 11  ? -10.029 -9.055  -5.290  1.00 26.76 ? 11  GLU A CD  1 
ATOM   87   O  OE1 . GLU A 1 11  ? -9.669  -7.959  -5.779  1.00 25.10 ? 11  GLU A OE1 1 
ATOM   88   O  OE2 . GLU A 1 11  ? -11.228 -9.380  -5.163  1.00 28.83 ? 11  GLU A OE2 1 
ATOM   89   N  N   . GLU A 1 12  ? -4.597  -9.502  -5.942  1.00 24.71 ? 12  GLU A N   1 
ATOM   90   C  CA  . GLU A 1 12  ? -3.512  -9.186  -6.862  1.00 24.85 ? 12  GLU A CA  1 
ATOM   91   C  C   . GLU A 1 12  ? -2.282  -10.086 -6.696  1.00 25.02 ? 12  GLU A C   1 
ATOM   92   O  O   . GLU A 1 12  ? -1.732  -10.558 -7.694  1.00 25.19 ? 12  GLU A O   1 
ATOM   93   C  CB  . GLU A 1 12  ? -3.115  -7.713  -6.715  1.00 24.77 ? 12  GLU A CB  1 
ATOM   94   C  CG  . GLU A 1 12  ? -2.584  -7.082  -7.989  1.00 25.43 ? 12  GLU A CG  1 
ATOM   95   C  CD  . GLU A 1 12  ? -3.651  -6.795  -9.029  1.00 24.67 ? 12  GLU A CD  1 
ATOM   96   O  OE1 . GLU A 1 12  ? -3.282  -6.377  -10.137 1.00 28.29 ? 12  GLU A OE1 1 
ATOM   97   O  OE2 . GLU A 1 12  ? -4.851  -6.973  -8.762  1.00 25.69 ? 12  GLU A OE2 1 
ATOM   98   N  N   . THR A 1 13  ? -1.861  -10.341 -5.458  1.00 25.06 ? 13  THR A N   1 
ATOM   99   C  CA  . THR A 1 13  ? -0.610  -11.067 -5.213  1.00 25.43 ? 13  THR A CA  1 
ATOM   100  C  C   . THR A 1 13  ? -0.713  -12.492 -4.689  1.00 25.82 ? 13  THR A C   1 
ATOM   101  O  O   . THR A 1 13  ? 0.264   -13.233 -4.760  1.00 25.58 ? 13  THR A O   1 
ATOM   102  C  CB  . THR A 1 13  ? 0.260   -10.305 -4.206  1.00 25.37 ? 13  THR A CB  1 
ATOM   103  O  OG1 . THR A 1 13  ? -0.338  -10.380 -2.905  1.00 24.78 ? 13  THR A OG1 1 
ATOM   104  C  CG2 . THR A 1 13  ? 0.344   -8.835  -4.529  1.00 25.65 ? 13  THR A CG2 1 
ATOM   105  N  N   . GLY A 1 14  ? -1.878  -12.838 -4.148  1.00 26.03 ? 14  GLY A N   1 
ATOM   106  C  CA  . GLY A 1 14  ? -2.040  -14.158 -3.565  1.00 26.50 ? 14  GLY A CA  1 
ATOM   107  C  C   . GLY A 1 14  ? -1.461  -14.190 -2.148  1.00 26.95 ? 14  GLY A C   1 
ATOM   108  O  O   . GLY A 1 14  ? -1.440  -15.227 -1.493  1.00 27.99 ? 14  GLY A O   1 
ATOM   109  N  N   . LYS A 1 15  ? -1.006  -13.036 -1.660  1.00 29.84 ? 16  LYS A N   1 
ATOM   110  C  CA  . LYS A 1 15  ? -0.471  -12.916 -0.307  1.00 30.01 ? 16  LYS A CA  1 
ATOM   111  C  C   . LYS A 1 15  ? -1.433  -12.137 0.585   1.00 30.05 ? 16  LYS A C   1 
ATOM   112  O  O   . LYS A 1 15  ? -2.050  -11.169 0.156   1.00 29.65 ? 16  LYS A O   1 
ATOM   113  C  CB  . LYS A 1 15  ? 0.864   -12.189 -0.297  1.00 30.16 ? 16  LYS A CB  1 
ATOM   114  C  CG  . LYS A 1 15  ? 2.046   -12.966 -0.849  1.00 30.74 ? 16  LYS A CG  1 
ATOM   115  C  CD  . LYS A 1 15  ? 3.273   -12.077 -0.979  1.00 31.58 ? 16  LYS A CD  1 
ATOM   116  C  CE  . LYS A 1 15  ? 4.513   -12.878 -1.337  1.00 32.35 ? 16  LYS A CE  1 
ATOM   117  N  NZ  . LYS A 1 15  ? 4.853   -13.878 -0.284  1.00 32.75 ? 16  LYS A NZ  1 
ATOM   118  N  N   . LEU A 1 16  ? -1.546  -12.558 1.836   1.00 30.01 ? 17  LEU A N   1 
ATOM   119  C  CA  . LEU A 1 16  ? -2.406  -11.881 2.786   1.00 30.11 ? 17  LEU A CA  1 
ATOM   120  C  C   . LEU A 1 16  ? -1.687  -10.623 3.248   1.00 30.13 ? 17  LEU A C   1 
ATOM   121  O  O   . LEU A 1 16  ? -0.498  -10.662 3.572   1.00 29.47 ? 17  LEU A O   1 
ATOM   122  C  CB  . LEU A 1 16  ? -2.680  -12.793 3.976   1.00 30.36 ? 17  LEU A CB  1 
ATOM   123  C  CG  . LEU A 1 16  ? -3.415  -14.085 3.621   1.00 30.91 ? 17  LEU A CG  1 
ATOM   124  C  CD1 . LEU A 1 16  ? -3.044  -15.201 4.620   1.00 31.64 ? 17  LEU A CD1 1 
ATOM   125  C  CD2 . LEU A 1 16  ? -4.921  -13.857 3.559   1.00 31.07 ? 17  LEU A CD2 1 
ATOM   126  N  N   . ALA A 1 17  ? -2.411  -9.510  3.307   1.00 30.34 ? 18  ALA A N   1 
ATOM   127  C  CA  . ALA A 1 17  ? -1.832  -8.232  3.730   1.00 30.66 ? 18  ALA A CA  1 
ATOM   128  C  C   . ALA A 1 17  ? -1.118  -8.348  5.074   1.00 31.07 ? 18  ALA A C   1 
ATOM   129  O  O   . ALA A 1 17  ? 0.001   -7.867  5.224   1.00 31.13 ? 18  ALA A O   1 
ATOM   130  C  CB  . ALA A 1 17  ? -2.900  -7.163  3.771   1.00 30.74 ? 18  ALA A CB  1 
ATOM   131  N  N   . ILE A 1 18  ? -1.771  -8.971  6.052   1.00 31.61 ? 19  ILE A N   1 
ATOM   132  C  CA  . ILE A 1 18  ? -1.132  -9.275  7.329   1.00 31.94 ? 19  ILE A CA  1 
ATOM   133  C  C   . ILE A 1 18  ? -0.863  -10.764 7.242   1.00 31.94 ? 19  ILE A C   1 
ATOM   134  O  O   . ILE A 1 18  ? -1.803  -11.525 7.030   1.00 32.29 ? 19  ILE A O   1 
ATOM   135  C  CB  . ILE A 1 18  ? -2.067  -9.029  8.541   1.00 32.06 ? 19  ILE A CB  1 
ATOM   136  C  CG1 . ILE A 1 18  ? -2.509  -7.578  8.616   1.00 33.25 ? 19  ILE A CG1 1 
ATOM   137  C  CG2 . ILE A 1 18  ? -1.376  -9.418  9.839   1.00 32.04 ? 19  ILE A CG2 1 
ATOM   138  C  CD1 . ILE A 1 18  ? -3.555  -7.255  7.615   1.00 34.37 ? 19  ILE A CD1 1 
ATOM   139  N  N   . PRO A 1 19  ? 0.368   -11.224 7.430   1.00 31.94 ? 20  PRO A N   1 
ATOM   140  C  CA  . PRO A 1 19  ? 1.552   -10.429 7.751   1.00 31.68 ? 20  PRO A CA  1 
ATOM   141  C  C   . PRO A 1 19  ? 2.565   -10.152 6.639   1.00 31.30 ? 20  PRO A C   1 
ATOM   142  O  O   . PRO A 1 19  ? 3.676   -9.745  6.974   1.00 31.95 ? 20  PRO A O   1 
ATOM   143  C  CB  . PRO A 1 19  ? 2.241   -11.345 8.744   1.00 31.95 ? 20  PRO A CB  1 
ATOM   144  C  CG  . PRO A 1 19  ? 2.053   -12.707 8.091   1.00 31.95 ? 20  PRO A CG  1 
ATOM   145  C  CD  . PRO A 1 19  ? 0.672   -12.666 7.461   1.00 31.86 ? 20  PRO A CD  1 
ATOM   146  N  N   . SER A 1 20  ? 2.220   -10.343 5.375   1.00 30.43 ? 21  SER A N   1 
ATOM   147  C  CA  . SER A 1 20  ? 3.183   -10.129 4.296   1.00 29.76 ? 21  SER A CA  1 
ATOM   148  C  C   . SER A 1 20  ? 3.530   -8.667  4.040   1.00 29.41 ? 21  SER A C   1 
ATOM   149  O  O   . SER A 1 20  ? 4.688   -8.346  3.774   1.00 29.29 ? 21  SER A O   1 
ATOM   150  C  CB  . SER A 1 20  ? 2.671   -10.753 3.012   1.00 30.00 ? 21  SER A CB  1 
ATOM   151  O  OG  . SER A 1 20  ? 2.609   -12.157 3.148   1.00 29.41 ? 21  SER A OG  1 
ATOM   152  N  N   . TYR A 1 21  ? 2.544   -7.779  4.145   1.00 28.65 ? 22  TYR A N   1 
ATOM   153  C  CA  . TYR A 1 21  ? 2.782   -6.369  3.857   1.00 28.39 ? 22  TYR A CA  1 
ATOM   154  C  C   . TYR A 1 21  ? 2.501   -5.422  5.025   1.00 28.63 ? 22  TYR A C   1 
ATOM   155  O  O   . TYR A 1 21  ? 2.406   -4.206  4.824   1.00 29.40 ? 22  TYR A O   1 
ATOM   156  C  CB  . TYR A 1 21  ? 1.938   -5.942  2.655   1.00 28.00 ? 22  TYR A CB  1 
ATOM   157  C  CG  . TYR A 1 21  ? 2.340   -6.611  1.378   1.00 26.93 ? 22  TYR A CG  1 
ATOM   158  C  CD1 . TYR A 1 21  ? 3.444   -6.167  0.663   1.00 26.93 ? 22  TYR A CD1 1 
ATOM   159  C  CD2 . TYR A 1 21  ? 1.626   -7.692  0.883   1.00 25.51 ? 22  TYR A CD2 1 
ATOM   160  C  CE1 . TYR A 1 21  ? 3.816   -6.775  -0.518  1.00 25.15 ? 22  TYR A CE1 1 
ATOM   161  C  CE2 . TYR A 1 21  ? 1.991   -8.300  -0.292  1.00 25.56 ? 22  TYR A CE2 1 
ATOM   162  C  CZ  . TYR A 1 21  ? 3.088   -7.837  -0.988  1.00 25.13 ? 22  TYR A CZ  1 
ATOM   163  O  OH  . TYR A 1 21  ? 3.451   -8.448  -2.159  1.00 25.22 ? 22  TYR A OH  1 
ATOM   164  N  N   . SER A 1 22  ? 2.387   -5.958  6.237   1.00 28.33 ? 23  SER A N   1 
ATOM   165  C  CA  . SER A 1 22  ? 2.081   -5.128  7.402   1.00 28.04 ? 23  SER A CA  1 
ATOM   166  C  C   . SER A 1 22  ? 3.305   -4.753  8.248   1.00 27.63 ? 23  SER A C   1 
ATOM   167  O  O   . SER A 1 22  ? 3.217   -3.855  9.076   1.00 27.28 ? 23  SER A O   1 
ATOM   168  C  CB  . SER A 1 22  ? 1.032   -5.817  8.285   1.00 28.06 ? 23  SER A CB  1 
ATOM   169  O  OG  . SER A 1 22  ? 1.441   -7.124  8.642   1.00 29.47 ? 23  SER A OG  1 
ATOM   170  N  N   . SER A 1 23  ? 4.436   -5.433  8.053   1.00 27.04 ? 24  SER A N   1 
ATOM   171  C  CA  . SER A 1 23  ? 5.655   -5.125  8.808   1.00 27.16 ? 24  SER A CA  1 
ATOM   172  C  C   . SER A 1 23  ? 6.892   -5.286  7.927   1.00 26.21 ? 24  SER A C   1 
ATOM   173  O  O   . SER A 1 23  ? 7.988   -5.598  8.401   1.00 26.74 ? 24  SER A O   1 
ATOM   174  C  CB  . SER A 1 23  ? 5.770   -6.011  10.058  1.00 27.22 ? 24  SER A CB  1 
ATOM   175  O  OG  . SER A 1 23  ? 5.761   -7.385  9.717   1.00 28.93 ? 24  SER A OG  1 
ATOM   176  N  N   . TYR A 1 24  ? 6.710   -5.042  6.637   1.00 24.95 ? 25  TYR A N   1 
ATOM   177  C  CA  . TYR A 1 24  ? 7.770   -5.203  5.660   1.00 23.85 ? 25  TYR A CA  1 
ATOM   178  C  C   . TYR A 1 24  ? 8.572   -3.908  5.471   1.00 23.64 ? 25  TYR A C   1 
ATOM   179  O  O   . TYR A 1 24  ? 8.005   -2.832  5.257   1.00 23.20 ? 25  TYR A O   1 
ATOM   180  C  CB  . TYR A 1 24  ? 7.124   -5.651  4.344   1.00 23.40 ? 25  TYR A CB  1 
ATOM   181  C  CG  . TYR A 1 24  ? 8.078   -6.100  3.263   1.00 22.16 ? 25  TYR A CG  1 
ATOM   182  C  CD1 . TYR A 1 24  ? 8.715   -5.166  2.460   1.00 20.92 ? 25  TYR A CD1 1 
ATOM   183  C  CD2 . TYR A 1 24  ? 8.307   -7.443  3.019   1.00 20.86 ? 25  TYR A CD2 1 
ATOM   184  C  CE1 . TYR A 1 24  ? 9.585   -5.544  1.456   1.00 21.25 ? 25  TYR A CE1 1 
ATOM   185  C  CE2 . TYR A 1 24  ? 9.180   -7.840  2.005   1.00 21.95 ? 25  TYR A CE2 1 
ATOM   186  C  CZ  . TYR A 1 24  ? 9.813   -6.878  1.228   1.00 21.64 ? 25  TYR A CZ  1 
ATOM   187  O  OH  . TYR A 1 24  ? 10.684  -7.245  0.219   1.00 22.47 ? 25  TYR A OH  1 
ATOM   188  N  N   . GLY A 1 25  ? 9.894   -4.019  5.554   1.00 23.02 ? 26  GLY A N   1 
ATOM   189  C  CA  . GLY A 1 25  ? 10.782  -2.892  5.325   1.00 23.28 ? 26  GLY A CA  1 
ATOM   190  C  C   . GLY A 1 25  ? 10.617  -1.714  6.264   1.00 23.38 ? 26  GLY A C   1 
ATOM   191  O  O   . GLY A 1 25  ? 10.399  -1.879  7.463   1.00 23.46 ? 26  GLY A O   1 
ATOM   192  N  N   . CYS A 1 26  ? 10.738  -0.510  5.716   1.00 23.31 ? 27  CYS A N   1 
ATOM   193  C  CA  . CYS A 1 26  ? 10.602  0.703   6.512   1.00 23.50 ? 27  CYS A CA  1 
ATOM   194  C  C   . CYS A 1 26  ? 9.267   1.417   6.350   1.00 23.37 ? 27  CYS A C   1 
ATOM   195  O  O   . CYS A 1 26  ? 8.880   2.198   7.213   1.00 23.24 ? 27  CYS A O   1 
ATOM   196  C  CB  . CYS A 1 26  ? 11.732  1.668   6.178   1.00 23.84 ? 27  CYS A CB  1 
ATOM   197  S  SG  . CYS A 1 26  ? 13.347  0.956   6.497   1.00 25.53 ? 27  CYS A SG  1 
ATOM   198  N  N   . TYR A 1 27  ? 8.546   1.128   5.274   1.00 23.50 ? 28  TYR A N   1 
ATOM   199  C  CA  . TYR A 1 27  ? 7.303   1.841   4.993   1.00 23.88 ? 28  TYR A CA  1 
ATOM   200  C  C   . TYR A 1 27  ? 6.031   1.011   4.960   1.00 24.55 ? 28  TYR A C   1 
ATOM   201  O  O   . TYR A 1 27  ? 4.946   1.573   5.097   1.00 24.37 ? 28  TYR A O   1 
ATOM   202  C  CB  . TYR A 1 27  ? 7.464   2.641   3.694   1.00 23.29 ? 28  TYR A CB  1 
ATOM   203  C  CG  . TYR A 1 27  ? 8.359   3.819   3.938   1.00 23.32 ? 28  TYR A CG  1 
ATOM   204  C  CD1 . TYR A 1 27  ? 9.730   3.730   3.734   1.00 23.19 ? 28  TYR A CD1 1 
ATOM   205  C  CD2 . TYR A 1 27  ? 7.849   5.002   4.445   1.00 23.56 ? 28  TYR A CD2 1 
ATOM   206  C  CE1 . TYR A 1 27  ? 10.555  4.804   3.991   1.00 24.67 ? 28  TYR A CE1 1 
ATOM   207  C  CE2 . TYR A 1 27  ? 8.667   6.075   4.710   1.00 25.31 ? 28  TYR A CE2 1 
ATOM   208  C  CZ  . TYR A 1 27  ? 10.019  5.973   4.482   1.00 24.53 ? 28  TYR A CZ  1 
ATOM   209  O  OH  . TYR A 1 27  ? 10.830  7.054   4.746   1.00 26.18 ? 28  TYR A OH  1 
ATOM   210  N  N   . CYS A 1 28  ? 6.139   -0.302  4.770   1.00 25.48 ? 29  CYS A N   1 
ATOM   211  C  CA  . CYS A 1 28  ? 4.949   -1.141  4.729   1.00 26.50 ? 29  CYS A CA  1 
ATOM   212  C  C   . CYS A 1 28  ? 4.372   -1.344  6.117   1.00 29.04 ? 29  CYS A C   1 
ATOM   213  O  O   . CYS A 1 28  ? 4.871   -2.158  6.920   1.00 29.52 ? 29  CYS A O   1 
ATOM   214  C  CB  . CYS A 1 28  ? 5.244   -2.487  4.085   1.00 26.03 ? 29  CYS A CB  1 
ATOM   215  S  SG  . CYS A 1 28  ? 5.792   -2.325  2.379   1.00 22.80 ? 29  CYS A SG  1 
ATOM   216  N  N   . GLY A 1 29  ? 3.310   -0.603  6.382   1.00 31.52 ? 30  GLY A N   1 
ATOM   217  C  CA  . GLY A 1 29  ? 2.616   -0.676  7.645   1.00 33.69 ? 30  GLY A CA  1 
ATOM   218  C  C   . GLY A 1 29  ? 3.134   0.407   8.539   1.00 35.57 ? 30  GLY A C   1 
ATOM   219  O  O   . GLY A 1 29  ? 3.680   1.415   8.086   1.00 36.03 ? 30  GLY A O   1 
ATOM   220  N  N   . TRP A 1 30  ? 2.955   0.200   9.828   1.00 37.91 ? 31  TRP A N   1 
ATOM   221  C  CA  . TRP A 1 30  ? 3.463   1.135   10.788  1.00 39.59 ? 31  TRP A CA  1 
ATOM   222  C  C   . TRP A 1 30  ? 4.865   1.543   10.322  1.00 40.10 ? 31  TRP A C   1 
ATOM   223  O  O   . TRP A 1 30  ? 5.771   0.706   10.268  1.00 41.01 ? 31  TRP A O   1 
ATOM   224  C  CB  . TRP A 1 30  ? 3.457   0.491   12.166  1.00 40.19 ? 31  TRP A CB  1 
ATOM   225  C  CG  . TRP A 1 30  ? 3.062   1.487   13.130  1.00 42.63 ? 31  TRP A CG  1 
ATOM   226  C  CD1 . TRP A 1 30  ? 1.891   2.182   13.147  1.00 44.78 ? 31  TRP A CD1 1 
ATOM   227  C  CD2 . TRP A 1 30  ? 3.859   2.010   14.181  1.00 45.40 ? 31  TRP A CD2 1 
ATOM   228  N  NE1 . TRP A 1 30  ? 1.898   3.088   14.178  1.00 45.94 ? 31  TRP A NE1 1 
ATOM   229  C  CE2 . TRP A 1 30  ? 3.101   3.001   14.829  1.00 46.09 ? 31  TRP A CE2 1 
ATOM   230  C  CE3 . TRP A 1 30  ? 5.139   1.724   14.659  1.00 46.33 ? 31  TRP A CE3 1 
ATOM   231  C  CZ2 . TRP A 1 30  ? 3.578   3.702   15.927  1.00 46.97 ? 31  TRP A CZ2 1 
ATOM   232  C  CZ3 . TRP A 1 30  ? 5.612   2.417   15.742  1.00 47.13 ? 31  TRP A CZ3 1 
ATOM   233  C  CH2 . TRP A 1 30  ? 4.834   3.397   16.368  1.00 47.19 ? 31  TRP A CH2 1 
ATOM   234  N  N   . GLY A 1 31  ? 5.034   2.808   9.939   1.00 40.35 ? 32  GLY A N   1 
ATOM   235  C  CA  . GLY A 1 31  ? 6.308   3.228   9.363   1.00 40.39 ? 32  GLY A CA  1 
ATOM   236  C  C   . GLY A 1 31  ? 6.309   4.427   8.431   1.00 40.35 ? 32  GLY A C   1 
ATOM   237  O  O   . GLY A 1 31  ? 5.594   4.448   7.427   1.00 40.87 ? 32  GLY A O   1 
ATOM   238  N  N   . GLY A 1 32  ? 7.153   5.407   8.754   1.00 40.00 ? 33  GLY A N   1 
ATOM   239  C  CA  . GLY A 1 32  ? 7.304   6.612   7.960   1.00 39.70 ? 33  GLY A CA  1 
ATOM   240  C  C   . GLY A 1 32  ? 8.676   7.265   8.040   1.00 39.21 ? 33  GLY A C   1 
ATOM   241  O  O   . GLY A 1 32  ? 8.756   8.489   8.183   1.00 39.72 ? 33  GLY A O   1 
ATOM   242  N  N   . SER A 1 33  ? 9.757   6.482   7.960   1.00 38.55 ? 34  SER A N   1 
ATOM   243  C  CA  . SER A 1 33  ? 11.110  7.069   7.919   1.00 37.85 ? 34  SER A CA  1 
ATOM   244  C  C   . SER A 1 33  ? 12.186  6.141   7.362   1.00 36.85 ? 34  SER A C   1 
ATOM   245  O  O   . SER A 1 33  ? 12.010  4.923   7.275   1.00 36.44 ? 34  SER A O   1 
ATOM   246  C  CB  . SER A 1 33  ? 11.549  7.569   9.294   1.00 38.10 ? 34  SER A CB  1 
ATOM   247  O  OG  . SER A 1 33  ? 11.587  6.514   10.235  1.00 39.21 ? 34  SER A OG  1 
ATOM   248  N  N   . GLY A 1 34  ? 13.308  6.741   6.980   1.00 35.68 ? 35  GLY A N   1 
ATOM   249  C  CA  . GLY A 1 34  ? 14.415  6.000   6.416   1.00 35.07 ? 35  GLY A CA  1 
ATOM   250  C  C   . GLY A 1 34  ? 14.335  5.894   4.906   1.00 34.15 ? 35  GLY A C   1 
ATOM   251  O  O   . GLY A 1 34  ? 13.486  6.516   4.267   1.00 34.31 ? 35  GLY A O   1 
ATOM   252  N  N   . THR A 1 35  ? 15.238  5.102   4.346   1.00 33.22 ? 36  THR A N   1 
ATOM   253  C  CA  . THR A 1 35  ? 15.300  4.848   2.916   1.00 32.50 ? 36  THR A CA  1 
ATOM   254  C  C   . THR A 1 35  ? 14.602  3.519   2.638   1.00 31.30 ? 36  THR A C   1 
ATOM   255  O  O   . THR A 1 35  ? 14.889  2.529   3.306   1.00 30.85 ? 36  THR A O   1 
ATOM   256  C  CB  . THR A 1 35  ? 16.771  4.735   2.496   1.00 32.63 ? 36  THR A CB  1 
ATOM   257  O  OG1 . THR A 1 35  ? 17.454  5.965   2.767   1.00 33.91 ? 36  THR A OG1 1 
ATOM   258  C  CG2 . THR A 1 35  ? 16.906  4.557   1.007   1.00 33.01 ? 36  THR A CG2 1 
ATOM   259  N  N   . PRO A 1 36  ? 13.687  3.478   1.667   1.00 29.90 ? 37  PRO A N   1 
ATOM   260  C  CA  . PRO A 1 36  ? 12.988  2.232   1.369   1.00 29.00 ? 37  PRO A CA  1 
ATOM   261  C  C   . PRO A 1 36  ? 13.986  1.147   1.024   1.00 28.28 ? 37  PRO A C   1 
ATOM   262  O  O   . PRO A 1 36  ? 14.917  1.434   0.271   1.00 27.81 ? 37  PRO A O   1 
ATOM   263  C  CB  . PRO A 1 36  ? 12.117  2.598   0.163   1.00 29.09 ? 37  PRO A CB  1 
ATOM   264  C  CG  . PRO A 1 36  ? 11.901  4.059   0.316   1.00 29.43 ? 37  PRO A CG  1 
ATOM   265  C  CD  . PRO A 1 36  ? 13.217  4.581   0.813   1.00 29.70 ? 37  PRO A CD  1 
ATOM   266  N  N   . LYS A 1 37  ? 13.801  -0.062  1.550   1.00 27.40 ? 38  LYS A N   1 
ATOM   267  C  CA  . LYS A 1 37  ? 14.758  -1.151  1.358   1.00 26.79 ? 38  LYS A CA  1 
ATOM   268  C  C   . LYS A 1 37  ? 14.810  -1.772  -0.046  1.00 26.09 ? 38  LYS A C   1 
ATOM   269  O  O   . LYS A 1 37  ? 15.884  -2.169  -0.511  1.00 25.12 ? 38  LYS A O   1 
ATOM   270  C  CB  . LYS A 1 37  ? 14.489  -2.247  2.395   1.00 27.23 ? 38  LYS A CB  1 
ATOM   271  C  CG  . LYS A 1 37  ? 14.613  -1.763  3.840   1.00 28.14 ? 38  LYS A CG  1 
ATOM   272  C  CD  . LYS A 1 37  ? 15.936  -1.059  4.099   1.00 29.42 ? 38  LYS A CD  1 
ATOM   273  C  CE  . LYS A 1 37  ? 17.114  -1.960  3.765   1.00 30.86 ? 38  LYS A CE  1 
ATOM   274  N  NZ  . LYS A 1 37  ? 18.416  -1.281  3.991   1.00 32.68 ? 38  LYS A NZ  1 
ATOM   275  N  N   . ASP A 1 38  ? 13.664  -1.858  -0.713  1.00 24.65 ? 39  ASP A N   1 
ATOM   276  C  CA  . ASP A 1 38  ? 13.580  -2.473  -2.028  1.00 24.10 ? 39  ASP A CA  1 
ATOM   277  C  C   . ASP A 1 38  ? 12.290  -2.057  -2.751  1.00 23.25 ? 39  ASP A C   1 
ATOM   278  O  O   . ASP A 1 38  ? 11.457  -1.355  -2.176  1.00 23.69 ? 39  ASP A O   1 
ATOM   279  C  CB  . ASP A 1 38  ? 13.652  -3.994  -1.895  1.00 24.26 ? 39  ASP A CB  1 
ATOM   280  C  CG  . ASP A 1 38  ? 12.399  -4.593  -1.302  1.00 24.25 ? 39  ASP A CG  1 
ATOM   281  O  OD1 . ASP A 1 38  ? 11.512  -3.826  -0.859  1.00 24.22 ? 39  ASP A OD1 1 
ATOM   282  O  OD2 . ASP A 1 38  ? 12.215  -5.831  -1.246  1.00 25.71 ? 39  ASP A OD2 1 
ATOM   283  N  N   . ALA A 1 39  ? 12.147  -2.457  -4.013  1.00 22.15 ? 40  ALA A N   1 
ATOM   284  C  CA  . ALA A 1 39  ? 10.960  -2.123  -4.817  1.00 21.29 ? 40  ALA A CA  1 
ATOM   285  C  C   . ALA A 1 39  ? 9.622   -2.177  -4.061  1.00 20.73 ? 40  ALA A C   1 
ATOM   286  O  O   . ALA A 1 39  ? 8.814   -1.251  -4.165  1.00 19.87 ? 40  ALA A O   1 
ATOM   287  C  CB  . ALA A 1 39  ? 10.890  -3.002  -6.049  1.00 21.33 ? 40  ALA A CB  1 
ATOM   288  N  N   . THR A 1 40  ? 9.374   -3.273  -3.352  1.00 19.99 ? 41  THR A N   1 
ATOM   289  C  CA  . THR A 1 40  ? 8.134   -3.446  -2.593  1.00 19.69 ? 41  THR A CA  1 
ATOM   290  C  C   . THR A 1 40  ? 7.998   -2.381  -1.520  1.00 19.48 ? 41  THR A C   1 
ATOM   291  O  O   . THR A 1 40  ? 6.908   -1.840  -1.292  1.00 19.17 ? 41  THR A O   1 
ATOM   292  C  CB  . THR A 1 40  ? 8.087   -4.843  -1.944  1.00 19.72 ? 41  THR A CB  1 
ATOM   293  O  OG1 . THR A 1 40  ? 7.937   -5.840  -2.958  1.00 20.37 ? 41  THR A OG1 1 
ATOM   294  C  CG2 . THR A 1 40  ? 6.814   -4.991  -1.080  1.00 19.36 ? 41  THR A CG2 1 
ATOM   295  N  N   . ASP A 1 41  ? 9.110   -2.073  -0.863  1.00 19.15 ? 42  ASP A N   1 
ATOM   296  C  CA  . ASP A 1 41  ? 9.113   -1.051  0.163   1.00 19.37 ? 42  ASP A CA  1 
ATOM   297  C  C   . ASP A 1 41  ? 8.850   0.317   -0.469  1.00 19.13 ? 42  ASP A C   1 
ATOM   298  O  O   . ASP A 1 41  ? 8.184   1.156   0.118   1.00 19.18 ? 42  ASP A O   1 
ATOM   299  C  CB  . ASP A 1 41  ? 10.430  -1.058  0.931   1.00 19.06 ? 42  ASP A CB  1 
ATOM   300  C  CG  . ASP A 1 41  ? 10.303  -0.472  2.327   1.00 20.15 ? 42  ASP A CG  1 
ATOM   301  O  OD1 . ASP A 1 41  ? 9.166   -0.298  2.835   1.00 20.53 ? 42  ASP A OD1 1 
ATOM   302  O  OD2 . ASP A 1 41  ? 11.306  -0.194  3.021   1.00 18.87 ? 42  ASP A OD2 1 
ATOM   303  N  N   . ARG A 1 42  ? 9.341   0.520   -1.689  1.00 19.22 ? 43  ARG A N   1 
ATOM   304  C  CA  . ARG A 1 42  ? 9.091   1.774   -2.385  1.00 18.89 ? 43  ARG A CA  1 
ATOM   305  C  C   . ARG A 1 42  ? 7.606   1.896   -2.728  1.00 18.17 ? 43  ARG A C   1 
ATOM   306  O  O   . ARG A 1 42  ? 7.059   2.999   -2.732  1.00 18.32 ? 43  ARG A O   1 
ATOM   307  C  CB  . ARG A 1 42  ? 9.973   1.920   -3.627  1.00 18.96 ? 43  ARG A CB  1 
ATOM   308  C  CG  . ARG A 1 42  ? 11.397  2.306   -3.306  1.00 21.83 ? 43  ARG A CG  1 
ATOM   309  C  CD  . ARG A 1 42  ? 12.215  2.693   -4.527  1.00 24.50 ? 43  ARG A CD  1 
ATOM   310  N  NE  . ARG A 1 42  ? 12.477  1.550   -5.398  1.00 26.77 ? 43  ARG A NE  1 
ATOM   311  C  CZ  . ARG A 1 42  ? 13.501  0.712   -5.250  1.00 29.27 ? 43  ARG A CZ  1 
ATOM   312  N  NH1 . ARG A 1 42  ? 14.367  0.880   -4.259  1.00 29.97 ? 43  ARG A NH1 1 
ATOM   313  N  NH2 . ARG A 1 42  ? 13.662  -0.298  -6.094  1.00 30.24 ? 43  ARG A NH2 1 
ATOM   314  N  N   . CYS A 1 43  ? 6.953   0.773   -3.006  1.00 17.77 ? 44  CYS A N   1 
ATOM   315  C  CA  . CYS A 1 43  ? 5.520   0.779   -3.239  1.00 17.83 ? 44  CYS A CA  1 
ATOM   316  C  C   . CYS A 1 43  ? 4.818   1.344   -2.015  1.00 17.68 ? 44  CYS A C   1 
ATOM   317  O  O   . CYS A 1 43  ? 3.903   2.156   -2.133  1.00 17.25 ? 44  CYS A O   1 
ATOM   318  C  CB  . CYS A 1 43  ? 4.988   -0.625  -3.487  1.00 17.92 ? 44  CYS A CB  1 
ATOM   319  S  SG  . CYS A 1 43  ? 5.571   -1.432  -4.978  1.00 19.22 ? 44  CYS A SG  1 
ATOM   320  N  N   . CYS A 1 44  ? 5.256   0.913   -0.834  1.00 17.84 ? 45  CYS A N   1 
ATOM   321  C  CA  . CYS A 1 44  ? 4.652   1.392   0.408   1.00 18.26 ? 45  CYS A CA  1 
ATOM   322  C  C   . CYS A 1 44  ? 4.957   2.878   0.653   1.00 18.29 ? 45  CYS A C   1 
ATOM   323  O  O   . CYS A 1 44  ? 4.103   3.620   1.150   1.00 18.03 ? 45  CYS A O   1 
ATOM   324  C  CB  . CYS A 1 44  ? 5.102   0.524   1.572   1.00 19.02 ? 45  CYS A CB  1 
ATOM   325  S  SG  . CYS A 1 44  ? 4.420   -1.138  1.444   1.00 20.89 ? 45  CYS A SG  1 
ATOM   326  N  N   . PHE A 1 45  ? 6.176   3.309   0.336   1.00 18.09 ? 46  PHE A N   1 
ATOM   327  C  CA  . PHE A 1 45  ? 6.550   4.713   0.458   1.00 18.29 ? 46  PHE A CA  1 
ATOM   328  C  C   . PHE A 1 45  ? 5.598   5.580   -0.378  1.00 17.91 ? 46  PHE A C   1 
ATOM   329  O  O   . PHE A 1 45  ? 5.037   6.572   0.099   1.00 17.80 ? 46  PHE A O   1 
ATOM   330  C  CB  . PHE A 1 45  ? 7.995   4.961   0.011   1.00 18.16 ? 46  PHE A CB  1 
ATOM   331  C  CG  . PHE A 1 45  ? 8.402   6.415   0.095   1.00 19.69 ? 46  PHE A CG  1 
ATOM   332  C  CD1 . PHE A 1 45  ? 8.747   6.985   1.299   1.00 21.63 ? 46  PHE A CD1 1 
ATOM   333  C  CD2 . PHE A 1 45  ? 8.409   7.208   -1.042  1.00 22.30 ? 46  PHE A CD2 1 
ATOM   334  C  CE1 . PHE A 1 45  ? 9.099   8.328   1.385   1.00 22.31 ? 46  PHE A CE1 1 
ATOM   335  C  CE2 . PHE A 1 45  ? 8.771   8.553   -0.963  1.00 23.35 ? 46  PHE A CE2 1 
ATOM   336  C  CZ  . PHE A 1 45  ? 9.109   9.105   0.252   1.00 22.93 ? 46  PHE A CZ  1 
ATOM   337  N  N   . VAL A 1 46  ? 5.414   5.190   -1.629  1.00 17.39 ? 47  VAL A N   1 
ATOM   338  C  CA  . VAL A 1 46  ? 4.558   5.954   -2.532  1.00 17.38 ? 47  VAL A CA  1 
ATOM   339  C  C   . VAL A 1 46  ? 3.112   5.962   -2.035  1.00 17.43 ? 47  VAL A C   1 
ATOM   340  O  O   . VAL A 1 46  ? 2.443   7.000   -2.061  1.00 18.00 ? 47  VAL A O   1 
ATOM   341  C  CB  . VAL A 1 46  ? 4.635   5.401   -3.953  1.00 17.19 ? 47  VAL A CB  1 
ATOM   342  C  CG1 . VAL A 1 46  ? 3.615   6.081   -4.837  1.00 16.48 ? 47  VAL A CG1 1 
ATOM   343  C  CG2 . VAL A 1 46  ? 6.059   5.590   -4.504  1.00 17.40 ? 47  VAL A CG2 1 
ATOM   344  N  N   . HIS A 1 47  ? 2.660   4.814   -1.545  1.00 17.07 ? 48  HIS A N   1 
ATOM   345  C  CA  . HIS A 1 47  ? 1.314   4.666   -0.975  1.00 16.94 ? 48  HIS A CA  1 
ATOM   346  C  C   . HIS A 1 47  ? 1.125   5.599   0.240   1.00 17.43 ? 48  HIS A C   1 
ATOM   347  O  O   . HIS A 1 47  ? 0.093   6.255   0.353   1.00 17.62 ? 48  HIS A O   1 
ATOM   348  C  CB  . HIS A 1 47  ? 1.081   3.210   -0.566  1.00 16.70 ? 48  HIS A CB  1 
ATOM   349  C  CG  . HIS A 1 47  ? -0.329  2.905   -0.145  1.00 16.83 ? 48  HIS A CG  1 
ATOM   350  N  ND1 . HIS A 1 47  ? -0.656  2.526   1.140   1.00 17.18 ? 48  HIS A ND1 1 
ATOM   351  C  CD2 . HIS A 1 47  ? -1.492  2.921   -0.839  1.00 16.25 ? 48  HIS A CD2 1 
ATOM   352  C  CE1 . HIS A 1 47  ? -1.956  2.302   1.216   1.00 17.15 ? 48  HIS A CE1 1 
ATOM   353  N  NE2 . HIS A 1 47  ? -2.488  2.526   0.027   1.00 16.86 ? 48  HIS A NE2 1 
ATOM   354  N  N   . ASP A 1 48  ? 2.123   5.665   1.121   1.00 17.81 ? 49  ASP A N   1 
ATOM   355  C  CA  . ASP A 1 48  ? 2.084   6.577   2.262   1.00 18.23 ? 49  ASP A CA  1 
ATOM   356  C  C   . ASP A 1 48  ? 1.975   8.039   1.790   1.00 17.97 ? 49  ASP A C   1 
ATOM   357  O  O   . ASP A 1 48  ? 1.221   8.841   2.361   1.00 17.64 ? 49  ASP A O   1 
ATOM   358  C  CB  . ASP A 1 48  ? 3.344   6.447   3.108   1.00 19.01 ? 49  ASP A CB  1 
ATOM   359  C  CG  . ASP A 1 48  ? 3.336   5.240   4.021   1.00 21.75 ? 49  ASP A CG  1 
ATOM   360  O  OD1 . ASP A 1 48  ? 2.340   4.479   4.053   1.00 24.12 ? 49  ASP A OD1 1 
ATOM   361  O  OD2 . ASP A 1 48  ? 4.315   4.983   4.750   1.00 25.38 ? 49  ASP A OD2 1 
ATOM   362  N  N   . CYS A 1 49  ? 2.768   8.384   0.779   1.00 17.57 ? 50  CYS A N   1 
ATOM   363  C  CA  . CYS A 1 49  ? 2.759   9.715   0.188   1.00 18.27 ? 50  CYS A CA  1 
ATOM   364  C  C   . CYS A 1 49  ? 1.407   10.023  -0.461  1.00 18.02 ? 50  CYS A C   1 
ATOM   365  O  O   . CYS A 1 49  ? 0.913   11.161  -0.405  1.00 18.15 ? 50  CYS A O   1 
ATOM   366  C  CB  . CYS A 1 49  ? 3.864   9.839   -0.872  1.00 18.00 ? 50  CYS A CB  1 
ATOM   367  S  SG  . CYS A 1 49  ? 5.549   9.799   -0.222  1.00 20.63 ? 50  CYS A SG  1 
ATOM   368  N  N   . CYS A 1 50  ? 0.826   9.013   -1.099  1.00 17.82 ? 51  CYS A N   1 
ATOM   369  C  CA  . CYS A 1 50  ? -0.454  9.170   -1.739  1.00 17.76 ? 51  CYS A CA  1 
ATOM   370  C  C   . CYS A 1 50  ? -1.509  9.536   -0.688  1.00 18.23 ? 51  CYS A C   1 
ATOM   371  O  O   . CYS A 1 50  ? -2.280  10.478  -0.891  1.00 18.71 ? 51  CYS A O   1 
ATOM   372  C  CB  . CYS A 1 50  ? -0.842  7.893   -2.459  1.00 17.51 ? 51  CYS A CB  1 
ATOM   373  S  SG  . CYS A 1 50  ? -2.095  8.094   -3.742  1.00 16.25 ? 51  CYS A SG  1 
ATOM   374  N  N   . TYR A 1 51  ? -1.527  8.812   0.425   1.00 18.33 ? 52  TYR A N   1 
ATOM   375  C  CA  . TYR A 1 51  ? -2.444  9.100   1.527   1.00 18.86 ? 52  TYR A CA  1 
ATOM   376  C  C   . TYR A 1 51  ? -2.163  10.493  2.114   1.00 19.92 ? 52  TYR A C   1 
ATOM   377  O  O   . TYR A 1 51  ? -3.086  11.194  2.539   1.00 20.01 ? 52  TYR A O   1 
ATOM   378  C  CB  . TYR A 1 51  ? -2.297  8.057   2.639   1.00 18.73 ? 52  TYR A CB  1 
ATOM   379  C  CG  . TYR A 1 51  ? -3.047  6.753   2.449   1.00 17.83 ? 52  TYR A CG  1 
ATOM   380  C  CD1 . TYR A 1 51  ? -3.748  6.477   1.285   1.00 17.24 ? 52  TYR A CD1 1 
ATOM   381  C  CD2 . TYR A 1 51  ? -3.048  5.796   3.450   1.00 17.31 ? 52  TYR A CD2 1 
ATOM   382  C  CE1 . TYR A 1 51  ? -4.428  5.282   1.127   1.00 17.42 ? 52  TYR A CE1 1 
ATOM   383  C  CE2 . TYR A 1 51  ? -3.726  4.597   3.303   1.00 17.47 ? 52  TYR A CE2 1 
ATOM   384  C  CZ  . TYR A 1 51  ? -4.412  4.347   2.142   1.00 16.78 ? 52  TYR A CZ  1 
ATOM   385  O  OH  . TYR A 1 51  ? -5.092  3.151   1.998   1.00 18.81 ? 52  TYR A OH  1 
ATOM   386  N  N   . GLY A 1 52  ? -0.886  10.873  2.147   1.00 20.49 ? 53  GLY A N   1 
ATOM   387  C  CA  . GLY A 1 52  ? -0.470  12.171  2.651   1.00 21.66 ? 53  GLY A CA  1 
ATOM   388  C  C   . GLY A 1 52  ? -1.012  13.341  1.852   1.00 22.38 ? 53  GLY A C   1 
ATOM   389  O  O   . GLY A 1 52  ? -1.091  14.472  2.351   1.00 23.14 ? 53  GLY A O   1 
ATOM   390  N  N   . ASN A 1 53  ? -1.378  13.093  0.605   1.00 23.62 ? 54  ASN A N   1 
ATOM   391  C  CA  . ASN A 1 53  ? -1.960  14.128  -0.231  1.00 24.55 ? 54  ASN A CA  1 
ATOM   392  C  C   . ASN A 1 53  ? -3.438  14.339  0.117   1.00 24.84 ? 54  ASN A C   1 
ATOM   393  O  O   . ASN A 1 53  ? -4.070  15.235  -0.434  1.00 24.80 ? 54  ASN A O   1 
ATOM   394  C  CB  . ASN A 1 53  ? -1.847  13.773  -1.712  1.00 25.01 ? 54  ASN A CB  1 
ATOM   395  C  CG  . ASN A 1 53  ? -0.410  13.791  -2.234  1.00 27.03 ? 54  ASN A CG  1 
ATOM   396  O  OD1 . ASN A 1 53  ? 0.383   14.671  -1.907  1.00 30.42 ? 54  ASN A OD1 1 
ATOM   397  N  ND2 . ASN A 1 53  ? -0.093  12.827  -3.106  1.00 30.06 ? 54  ASN A ND2 1 
ATOM   398  N  N   . LEU A 1 54  ? -3.964  13.520  1.035   1.00 25.17 ? 55  LEU A N   1 
ATOM   399  C  CA  . LEU A 1 54  ? -5.373  13.553  1.451   1.00 25.58 ? 55  LEU A CA  1 
ATOM   400  C  C   . LEU A 1 54  ? -5.563  13.835  2.954   1.00 25.93 ? 55  LEU A C   1 
ATOM   401  O  O   . LEU A 1 54  ? -6.165  13.035  3.672   1.00 25.76 ? 55  LEU A O   1 
ATOM   402  C  CB  . LEU A 1 54  ? -6.023  12.197  1.132   1.00 25.67 ? 55  LEU A CB  1 
ATOM   403  C  CG  . LEU A 1 54  ? -5.645  11.578  -0.215  1.00 25.73 ? 55  LEU A CG  1 
ATOM   404  C  CD1 . LEU A 1 54  ? -6.234  10.180  -0.379  1.00 26.35 ? 55  LEU A CD1 1 
ATOM   405  C  CD2 . LEU A 1 54  ? -6.090  12.472  -1.342  1.00 26.68 ? 55  LEU A CD2 1 
ATOM   406  N  N   . PRO A 1 55  ? -5.114  14.997  3.413   1.00 26.55 ? 56  PRO A N   1 
ATOM   407  C  CA  . PRO A 1 55  ? -5.144  15.356  4.836   1.00 27.06 ? 56  PRO A CA  1 
ATOM   408  C  C   . PRO A 1 55  ? -6.543  15.303  5.464   1.00 26.99 ? 56  PRO A C   1 
ATOM   409  O  O   . PRO A 1 55  ? -6.719  15.109  6.681   1.00 27.44 ? 56  PRO A O   1 
ATOM   410  C  CB  . PRO A 1 55  ? -4.637  16.801  4.824   1.00 27.20 ? 56  PRO A CB  1 
ATOM   411  C  CG  . PRO A 1 55  ? -3.861  16.914  3.593   1.00 27.42 ? 56  PRO A CG  1 
ATOM   412  C  CD  . PRO A 1 55  ? -4.585  16.094  2.588   1.00 27.02 ? 56  PRO A CD  1 
ATOM   413  N  N   . ASP A 1 56  ? -7.602  15.609  4.703   1.00 27.92 ? 59  ASP A N   1 
ATOM   414  C  CA  . ASP A 1 56  ? -8.927  15.667  5.268   1.00 28.38 ? 59  ASP A CA  1 
ATOM   415  C  C   . ASP A 1 56  ? -9.780  14.525  4.780   1.00 27.99 ? 59  ASP A C   1 
ATOM   416  O  O   . ASP A 1 56  ? -10.995 14.632  4.670   1.00 28.02 ? 59  ASP A O   1 
ATOM   417  C  CB  . ASP A 1 56  ? -9.621  16.967  4.937   1.00 28.73 ? 59  ASP A CB  1 
ATOM   418  C  CG  . ASP A 1 56  ? -8.962  18.134  5.651   1.00 29.70 ? 59  ASP A CG  1 
ATOM   419  O  OD1 . ASP A 1 56  ? -9.117  19.282  5.173   1.00 32.71 ? 59  ASP A OD1 1 
ATOM   420  O  OD2 . ASP A 1 56  ? -8.296  17.906  6.679   1.00 30.79 ? 59  ASP A OD2 1 
ATOM   421  N  N   . CYS A 1 57  ? -9.109  13.408  4.522   1.00 17.90 ? 61  CYS A N   1 
ATOM   422  C  CA  . CYS A 1 57  ? -9.788  12.148  4.216   1.00 17.63 ? 61  CYS A CA  1 
ATOM   423  C  C   . CYS A 1 57  ? -9.298  11.150  5.290   1.00 18.07 ? 61  CYS A C   1 
ATOM   424  O  O   . CYS A 1 57  ? -8.258  11.387  5.911   1.00 18.13 ? 61  CYS A O   1 
ATOM   425  C  CB  . CYS A 1 57  ? -9.421  11.601  2.844   1.00 17.33 ? 61  CYS A CB  1 
ATOM   426  S  SG  . CYS A 1 57  ? -10.487 12.166  1.483   1.00 16.38 ? 61  CYS A SG  1 
ATOM   427  N  N   . ASN A 1 58  ? -10.048 10.058  5.495   1.00 20.09 ? 67  ASN A N   1 
ATOM   428  C  CA  . ASN A 1 58  ? -9.683  9.027   6.436   1.00 20.74 ? 67  ASN A CA  1 
ATOM   429  C  C   . ASN A 1 58  ? -9.562  7.736   5.644   1.00 21.03 ? 67  ASN A C   1 
ATOM   430  O  O   . ASN A 1 58  ? -10.543 7.050   5.445   1.00 21.76 ? 67  ASN A O   1 
ATOM   431  C  CB  . ASN A 1 58  ? -10.736 8.938   7.548   1.00 20.68 ? 67  ASN A CB  1 
ATOM   432  C  CG  . ASN A 1 58  ? -10.753 10.180  8.417   1.00 22.06 ? 67  ASN A CG  1 
ATOM   433  O  OD1 . ASN A 1 58  ? -10.061 10.261  9.420   1.00 26.88 ? 67  ASN A OD1 1 
ATOM   434  N  ND2 . ASN A 1 58  ? -11.536 11.162  8.016   1.00 21.33 ? 67  ASN A ND2 1 
ATOM   435  N  N   . PRO A 1 59  ? -8.369  7.452   5.119   1.00 21.24 ? 68  PRO A N   1 
ATOM   436  C  CA  . PRO A 1 59  ? -8.152  6.249   4.298   1.00 21.46 ? 68  PRO A CA  1 
ATOM   437  C  C   . PRO A 1 59  ? -8.218  4.898   5.000   1.00 21.80 ? 68  PRO A C   1 
ATOM   438  O  O   . PRO A 1 59  ? -8.516  3.909   4.325   1.00 21.75 ? 68  PRO A O   1 
ATOM   439  C  CB  . PRO A 1 59  ? -6.761  6.480   3.723   1.00 21.47 ? 68  PRO A CB  1 
ATOM   440  C  CG  . PRO A 1 59  ? -6.101  7.340   4.731   1.00 21.87 ? 68  PRO A CG  1 
ATOM   441  C  CD  . PRO A 1 59  ? -7.174  8.312   5.137   1.00 21.39 ? 68  PRO A CD  1 
ATOM   442  N  N   . LYS A 1 60  ? -7.955  4.834   6.300   1.00 21.96 ? 69  LYS A N   1 
ATOM   443  C  CA  . LYS A 1 60  ? -8.011  3.551   6.996   1.00 22.69 ? 69  LYS A CA  1 
ATOM   444  C  C   . LYS A 1 60  ? -9.438  3.047   7.228   1.00 22.46 ? 69  LYS A C   1 
ATOM   445  O  O   . LYS A 1 60  ? -9.690  1.836   7.189   1.00 21.78 ? 69  LYS A O   1 
ATOM   446  C  CB  . LYS A 1 60  ? -7.324  3.629   8.359   1.00 23.24 ? 69  LYS A CB  1 
ATOM   447  C  CG  . LYS A 1 60  ? -5.830  3.750   8.344   1.00 25.74 ? 69  LYS A CG  1 
ATOM   448  C  CD  . LYS A 1 60  ? -5.368  3.839   9.795   1.00 29.07 ? 69  LYS A CD  1 
ATOM   449  C  CE  . LYS A 1 60  ? -3.876  3.720   9.956   1.00 30.64 ? 69  LYS A CE  1 
ATOM   450  N  NZ  . LYS A 1 60  ? -3.540  3.584   11.428  1.00 33.21 ? 69  LYS A NZ  1 
ATOM   451  N  N   . SER A 1 61  ? -10.363 3.971   7.482   1.00 21.87 ? 70  SER A N   1 
ATOM   452  C  CA  . SER A 1 61  ? -11.729 3.607   7.861   1.00 21.94 ? 70  SER A CA  1 
ATOM   453  C  C   . SER A 1 61  ? -12.821 3.910   6.849   1.00 21.68 ? 70  SER A C   1 
ATOM   454  O  O   . SER A 1 61  ? -13.923 3.363   6.955   1.00 22.31 ? 70  SER A O   1 
ATOM   455  C  CB  . SER A 1 61  ? -12.085 4.308   9.178   1.00 22.09 ? 70  SER A CB  1 
ATOM   456  O  OG  . SER A 1 61  ? -11.901 5.708   9.057   1.00 23.16 ? 70  SER A OG  1 
ATOM   457  N  N   . ASP A 1 62  ? -12.549 4.784   5.881   1.00 21.07 ? 71  ASP A N   1 
ATOM   458  C  CA  . ASP A 1 62  ? -13.553 5.146   4.892   1.00 20.35 ? 71  ASP A CA  1 
ATOM   459  C  C   . ASP A 1 62  ? -13.618 4.083   3.798   1.00 20.51 ? 71  ASP A C   1 
ATOM   460  O  O   . ASP A 1 62  ? -12.645 3.854   3.081   1.00 19.28 ? 71  ASP A O   1 
ATOM   461  C  CB  . ASP A 1 62  ? -13.230 6.521   4.303   1.00 20.50 ? 71  ASP A CB  1 
ATOM   462  C  CG  . ASP A 1 62  ? -14.354 7.086   3.467   1.00 20.08 ? 71  ASP A CG  1 
ATOM   463  O  OD1 . ASP A 1 62  ? -15.404 6.423   3.304   1.00 18.91 ? 71  ASP A OD1 1 
ATOM   464  O  OD2 . ASP A 1 62  ? -14.267 8.206   2.917   1.00 19.69 ? 71  ASP A OD2 1 
ATOM   465  N  N   . ARG A 1 63  ? -14.777 3.449   3.656   1.00 20.49 ? 72  ARG A N   1 
ATOM   466  C  CA  . ARG A 1 63  ? -14.928 2.367   2.685   1.00 21.40 ? 72  ARG A CA  1 
ATOM   467  C  C   . ARG A 1 63  ? -15.303 2.856   1.281   1.00 21.24 ? 72  ARG A C   1 
ATOM   468  O  O   . ARG A 1 63  ? -16.119 3.763   1.118   1.00 21.63 ? 72  ARG A O   1 
ATOM   469  C  CB  . ARG A 1 63  ? -15.941 1.344   3.226   1.00 21.91 ? 72  ARG A CB  1 
ATOM   470  C  CG  . ARG A 1 63  ? -15.384 0.611   4.439   1.00 24.03 ? 72  ARG A CG  1 
ATOM   471  C  CD  . ARG A 1 63  ? -16.390 0.093   5.424   1.00 29.21 ? 72  ARG A CD  1 
ATOM   472  N  NE  . ARG A 1 63  ? -17.169 -1.024  4.922   1.00 32.67 ? 72  ARG A NE  1 
ATOM   473  C  CZ  . ARG A 1 63  ? -17.599 -2.041  5.669   1.00 34.33 ? 72  ARG A CZ  1 
ATOM   474  N  NH1 . ARG A 1 63  ? -17.306 -2.118  6.966   1.00 36.17 ? 72  ARG A NH1 1 
ATOM   475  N  NH2 . ARG A 1 63  ? -18.323 -2.990  5.112   1.00 34.69 ? 72  ARG A NH2 1 
ATOM   476  N  N   . TYR A 1 64  ? -14.663 2.282   0.267   1.00 20.96 ? 73  TYR A N   1 
ATOM   477  C  CA  . TYR A 1 64  ? -14.983 2.596   -1.121  1.00 20.51 ? 73  TYR A CA  1 
ATOM   478  C  C   . TYR A 1 64  ? -15.391 1.298   -1.814  1.00 21.15 ? 73  TYR A C   1 
ATOM   479  O  O   . TYR A 1 64  ? -15.216 0.214   -1.256  1.00 20.57 ? 73  TYR A O   1 
ATOM   480  C  CB  . TYR A 1 64  ? -13.779 3.229   -1.815  1.00 20.29 ? 73  TYR A CB  1 
ATOM   481  C  CG  . TYR A 1 64  ? -12.511 2.416   -1.753  1.00 18.99 ? 73  TYR A CG  1 
ATOM   482  C  CD1 . TYR A 1 64  ? -12.311 1.341   -2.616  1.00 19.43 ? 73  TYR A CD1 1 
ATOM   483  C  CD2 . TYR A 1 64  ? -11.509 2.713   -0.841  1.00 18.50 ? 73  TYR A CD2 1 
ATOM   484  C  CE1 . TYR A 1 64  ? -11.145 0.597   -2.583  1.00 18.78 ? 73  TYR A CE1 1 
ATOM   485  C  CE2 . TYR A 1 64  ? -10.326 1.954   -0.795  1.00 18.66 ? 73  TYR A CE2 1 
ATOM   486  C  CZ  . TYR A 1 64  ? -10.158 0.903   -1.672  1.00 18.25 ? 73  TYR A CZ  1 
ATOM   487  O  OH  . TYR A 1 64  ? -9.006  0.142   -1.632  1.00 17.97 ? 73  TYR A OH  1 
ATOM   488  N  N   . LYS A 1 65  ? -15.940 1.411   -3.015  1.00 21.77 ? 74  LYS A N   1 
ATOM   489  C  CA  . LYS A 1 65  ? -16.308 0.242   -3.797  1.00 23.18 ? 74  LYS A CA  1 
ATOM   490  C  C   . LYS A 1 65  ? -15.435 0.176   -5.036  1.00 23.25 ? 74  LYS A C   1 
ATOM   491  O  O   . LYS A 1 65  ? -15.103 1.204   -5.634  1.00 23.02 ? 74  LYS A O   1 
ATOM   492  C  CB  . LYS A 1 65  ? -17.778 0.301   -4.210  1.00 23.63 ? 74  LYS A CB  1 
ATOM   493  C  CG  . LYS A 1 65  ? -18.764 0.439   -3.044  1.00 25.73 ? 74  LYS A CG  1 
ATOM   494  C  CD  . LYS A 1 65  ? -18.862 -0.835  -2.217  1.00 29.08 ? 74  LYS A CD  1 
ATOM   495  C  CE  . LYS A 1 65  ? -20.102 -0.813  -1.330  1.00 30.53 ? 74  LYS A CE  1 
ATOM   496  N  NZ  . LYS A 1 65  ? -20.194 -2.007  -0.424  1.00 33.34 ? 74  LYS A NZ  1 
ATOM   497  N  N   . TYR A 1 66  ? -15.051 -1.037  -5.406  1.00 23.99 ? 75  TYR A N   1 
ATOM   498  C  CA  . TYR A 1 66  ? -14.281 -1.255  -6.612  1.00 24.58 ? 75  TYR A CA  1 
ATOM   499  C  C   . TYR A 1 66  ? -14.761 -2.542  -7.269  1.00 25.80 ? 75  TYR A C   1 
ATOM   500  O  O   . TYR A 1 66  ? -15.238 -3.452  -6.595  1.00 25.49 ? 75  TYR A O   1 
ATOM   501  C  CB  . TYR A 1 66  ? -12.778 -1.302  -6.319  1.00 24.37 ? 75  TYR A CB  1 
ATOM   502  C  CG  . TYR A 1 66  ? -12.241 -2.595  -5.745  1.00 23.54 ? 75  TYR A CG  1 
ATOM   503  C  CD1 . TYR A 1 66  ? -11.790 -3.616  -6.574  1.00 22.81 ? 75  TYR A CD1 1 
ATOM   504  C  CD2 . TYR A 1 66  ? -12.149 -2.784  -4.376  1.00 21.62 ? 75  TYR A CD2 1 
ATOM   505  C  CE1 . TYR A 1 66  ? -11.271 -4.790  -6.054  1.00 22.46 ? 75  TYR A CE1 1 
ATOM   506  C  CE2 . TYR A 1 66  ? -11.642 -3.957  -3.849  1.00 22.95 ? 75  TYR A CE2 1 
ATOM   507  C  CZ  . TYR A 1 66  ? -11.205 -4.959  -4.698  1.00 23.07 ? 75  TYR A CZ  1 
ATOM   508  O  OH  . TYR A 1 66  ? -10.689 -6.134  -4.186  1.00 24.59 ? 75  TYR A OH  1 
ATOM   509  N  N   . LYS A 1 67  ? -14.667 -2.594  -8.589  1.00 27.20 ? 76  LYS A N   1 
ATOM   510  C  CA  . LYS A 1 67  ? -15.049 -3.785  -9.326  1.00 28.16 ? 76  LYS A CA  1 
ATOM   511  C  C   . LYS A 1 67  ? -13.876 -4.185  -10.196 1.00 29.25 ? 76  LYS A C   1 
ATOM   512  O  O   . LYS A 1 67  ? -12.932 -3.421  -10.373 1.00 29.01 ? 76  LYS A O   1 
ATOM   513  C  CB  . LYS A 1 67  ? -16.291 -3.544  -10.181 1.00 28.20 ? 76  LYS A CB  1 
ATOM   514  C  CG  . LYS A 1 67  ? -16.133 -2.460  -11.233 1.00 29.04 ? 76  LYS A CG  1 
ATOM   515  C  CD  . LYS A 1 67  ? -17.371 -2.342  -12.102 1.00 30.75 ? 76  LYS A CD  1 
ATOM   516  C  CE  . LYS A 1 67  ? -17.294 -1.135  -13.021 1.00 31.51 ? 76  LYS A CE  1 
ATOM   517  N  NZ  . LYS A 1 67  ? -18.424 -1.076  -13.990 1.00 33.13 ? 76  LYS A NZ  1 
ATOM   518  N  N   . ARG A 1 68  ? -13.933 -5.397  -10.723 1.00 30.48 ? 77  ARG A N   1 
ATOM   519  C  CA  . ARG A 1 68  ? -12.885 -5.885  -11.588 1.00 31.63 ? 77  ARG A CA  1 
ATOM   520  C  C   . ARG A 1 68  ? -13.495 -6.105  -12.964 1.00 32.44 ? 77  ARG A C   1 
ATOM   521  O  O   . ARG A 1 68  ? -14.474 -6.829  -13.100 1.00 33.13 ? 77  ARG A O   1 
ATOM   522  C  CB  . ARG A 1 68  ? -12.289 -7.162  -11.006 1.00 31.68 ? 77  ARG A CB  1 
ATOM   523  C  CG  . ARG A 1 68  ? -11.990 -7.020  -9.519  1.00 33.26 ? 77  ARG A CG  1 
ATOM   524  C  CD  . ARG A 1 68  ? -10.777 -7.777  -9.011  1.00 34.25 ? 77  ARG A CD  1 
ATOM   525  N  NE  . ARG A 1 68  ? -9.543  -7.412  -9.703  1.00 34.73 ? 77  ARG A NE  1 
ATOM   526  C  CZ  . ARG A 1 68  ? -8.357  -7.237  -9.127  1.00 34.31 ? 77  ARG A CZ  1 
ATOM   527  N  NH1 . ARG A 1 68  ? -8.195  -7.363  -7.819  1.00 35.06 ? 77  ARG A NH1 1 
ATOM   528  N  NH2 . ARG A 1 68  ? -7.315  -6.920  -9.876  1.00 34.92 ? 77  ARG A NH2 1 
ATOM   529  N  N   . VAL A 1 69  ? -12.973 -5.393  -13.953 1.00 33.18 ? 78  VAL A N   1 
ATOM   530  C  CA  . VAL A 1 69  ? -13.416 -5.527  -15.321 1.00 33.82 ? 78  VAL A CA  1 
ATOM   531  C  C   . VAL A 1 69  ? -12.380 -6.443  -15.893 1.00 34.17 ? 78  VAL A C   1 
ATOM   532  O  O   . VAL A 1 69  ? -11.346 -6.020  -16.374 1.00 34.30 ? 78  VAL A O   1 
ATOM   533  C  CB  . VAL A 1 69  ? -13.438 -4.190  -16.056 1.00 33.75 ? 78  VAL A CB  1 
ATOM   534  C  CG1 . VAL A 1 69  ? -13.693 -4.394  -17.544 1.00 34.49 ? 78  VAL A CG1 1 
ATOM   535  C  CG2 . VAL A 1 69  ? -14.487 -3.267  -15.467 1.00 34.07 ? 78  VAL A CG2 1 
ATOM   536  N  N   . ASN A 1 70  ? -12.683 -7.726  -15.793 1.00 34.57 ? 79  ASN A N   1 
ATOM   537  C  CA  . ASN A 1 70  ? -11.709 -8.748  -16.156 1.00 34.70 ? 79  ASN A CA  1 
ATOM   538  C  C   . ASN A 1 70  ? -10.604 -8.594  -15.094 1.00 33.92 ? 79  ASN A C   1 
ATOM   539  O  O   . ASN A 1 70  ? -10.901 -8.704  -13.912 1.00 34.73 ? 79  ASN A O   1 
ATOM   540  C  CB  . ASN A 1 70  ? -11.219 -8.599  -17.595 1.00 35.09 ? 79  ASN A CB  1 
ATOM   541  C  CG  . ASN A 1 70  ? -12.213 -9.152  -18.606 1.00 36.16 ? 79  ASN A CG  1 
ATOM   542  O  OD1 . ASN A 1 70  ? -13.243 -9.724  -18.240 1.00 38.08 ? 79  ASN A OD1 1 
ATOM   543  N  ND2 . ASN A 1 70  ? -11.908 -8.981  -19.885 1.00 38.37 ? 79  ASN A ND2 1 
ATOM   544  N  N   . GLY A 1 71  ? -9.367  -8.359  -15.493 1.00 32.84 ? 80  GLY A N   1 
ATOM   545  C  CA  . GLY A 1 71  ? -8.312  -8.196  -14.507 1.00 31.68 ? 80  GLY A CA  1 
ATOM   546  C  C   . GLY A 1 71  ? -8.189  -6.800  -13.900 1.00 30.44 ? 80  GLY A C   1 
ATOM   547  O  O   . GLY A 1 71  ? -7.686  -6.640  -12.792 1.00 30.05 ? 80  GLY A O   1 
ATOM   548  N  N   . ALA A 1 72  ? -8.637  -5.799  -14.646 1.00 29.10 ? 81  ALA A N   1 
ATOM   549  C  CA  . ALA A 1 72  ? -8.486  -4.406  -14.255 1.00 28.01 ? 81  ALA A CA  1 
ATOM   550  C  C   . ALA A 1 72  ? -9.255  -4.048  -12.992 1.00 27.09 ? 81  ALA A C   1 
ATOM   551  O  O   . ALA A 1 72  ? -10.351 -4.545  -12.761 1.00 27.45 ? 81  ALA A O   1 
ATOM   552  C  CB  . ALA A 1 72  ? -8.910  -3.512  -15.404 1.00 28.13 ? 81  ALA A CB  1 
ATOM   553  N  N   . ILE A 1 73  ? -8.648  -3.215  -12.154 1.00 25.92 ? 82  ILE A N   1 
ATOM   554  C  CA  . ILE A 1 73  ? -9.308  -2.694  -10.969 1.00 24.70 ? 82  ILE A CA  1 
ATOM   555  C  C   . ILE A 1 73  ? -9.982  -1.398  -11.401 1.00 24.53 ? 82  ILE A C   1 
ATOM   556  O  O   . ILE A 1 73  ? -9.323  -0.516  -11.936 1.00 24.31 ? 82  ILE A O   1 
ATOM   557  C  CB  . ILE A 1 73  ? -8.276  -2.396  -9.858  1.00 24.23 ? 82  ILE A CB  1 
ATOM   558  C  CG1 . ILE A 1 73  ? -7.622  -3.686  -9.360  1.00 23.83 ? 82  ILE A CG1 1 
ATOM   559  C  CG2 . ILE A 1 73  ? -8.931  -1.652  -8.684  1.00 23.89 ? 82  ILE A CG2 1 
ATOM   560  C  CD1 . ILE A 1 73  ? -6.421  -3.445  -8.444  1.00 24.10 ? 82  ILE A CD1 1 
ATOM   561  N  N   . VAL A 1 74  ? -11.287 -1.285  -11.186 1.00 24.46 ? 83  VAL A N   1 
ATOM   562  C  CA  . VAL A 1 74  ? -12.006 -0.068  -11.521 1.00 24.53 ? 83  VAL A CA  1 
ATOM   563  C  C   . VAL A 1 74  ? -12.656 0.487   -10.258 1.00 24.11 ? 83  VAL A C   1 
ATOM   564  O  O   . VAL A 1 74  ? -13.473 -0.178  -9.635  1.00 24.26 ? 83  VAL A O   1 
ATOM   565  C  CB  . VAL A 1 74  ? -13.103 -0.315  -12.569 1.00 24.73 ? 83  VAL A CB  1 
ATOM   566  C  CG1 . VAL A 1 74  ? -13.814 0.978   -12.894 1.00 24.96 ? 83  VAL A CG1 1 
ATOM   567  C  CG2 . VAL A 1 74  ? -12.513 -0.943  -13.838 1.00 25.60 ? 83  VAL A CG2 1 
ATOM   568  N  N   . CYS A 1 75  ? -12.274 1.700   -9.885  1.00 24.16 ? 84  CYS A N   1 
ATOM   569  C  CA  . CYS A 1 75  ? -12.819 2.349   -8.700  1.00 23.90 ? 84  CYS A CA  1 
ATOM   570  C  C   . CYS A 1 75  ? -14.203 2.892   -9.047  1.00 24.75 ? 84  CYS A C   1 
ATOM   571  O  O   . CYS A 1 75  ? -14.367 3.605   -10.031 1.00 25.00 ? 84  CYS A O   1 
ATOM   572  C  CB  . CYS A 1 75  ? -11.890 3.486   -8.253  1.00 23.52 ? 84  CYS A CB  1 
ATOM   573  S  SG  . CYS A 1 75  ? -10.282 2.973   -7.594  1.00 21.16 ? 84  CYS A SG  1 
ATOM   574  N  N   . GLU A 1 76  ? -15.206 2.554   -8.255  1.00 25.67 ? 85  GLU A N   1 
ATOM   575  C  CA  . GLU A 1 76  ? -16.551 3.043   -8.532  1.00 26.89 ? 85  GLU A CA  1 
ATOM   576  C  C   . GLU A 1 76  ? -16.771 4.410   -7.890  1.00 27.07 ? 85  GLU A C   1 
ATOM   577  O  O   . GLU A 1 76  ? -16.085 4.764   -6.934  1.00 26.87 ? 85  GLU A O   1 
ATOM   578  C  CB  . GLU A 1 76  ? -17.576 2.030   -8.057  1.00 27.48 ? 85  GLU A CB  1 
ATOM   579  C  CG  . GLU A 1 76  ? -17.319 0.666   -8.677  1.00 30.10 ? 85  GLU A CG  1 
ATOM   580  C  CD  . GLU A 1 76  ? -18.583 -0.111  -8.940  1.00 34.13 ? 85  GLU A CD  1 
ATOM   581  O  OE1 . GLU A 1 76  ? -19.098 -0.757  -8.001  1.00 37.95 ? 85  GLU A OE1 1 
ATOM   582  O  OE2 . GLU A 1 76  ? -19.058 -0.077  -10.090 1.00 37.49 ? 85  GLU A OE2 1 
ATOM   583  N  N   . LYS A 1 77  ? -17.699 5.181   -8.446  1.00 27.42 ? 86  LYS A N   1 
ATOM   584  C  CA  . LYS A 1 77  ? -17.993 6.523   -7.955  1.00 28.05 ? 86  LYS A CA  1 
ATOM   585  C  C   . LYS A 1 77  ? -18.513 6.486   -6.527  1.00 27.29 ? 86  LYS A C   1 
ATOM   586  O  O   . LYS A 1 77  ? -19.438 5.730   -6.195  1.00 27.57 ? 86  LYS A O   1 
ATOM   587  C  CB  . LYS A 1 77  ? -19.018 7.224   -8.849  1.00 28.26 ? 86  LYS A CB  1 
ATOM   588  C  CG  . LYS A 1 77  ? -19.313 8.657   -8.453  1.00 30.77 ? 86  LYS A CG  1 
ATOM   589  C  CD  . LYS A 1 77  ? -20.743 9.046   -8.772  1.00 33.21 ? 86  LYS A CD  1 
ATOM   590  C  CE  . LYS A 1 77  ? -20.850 9.964   -9.982  1.00 34.81 ? 86  LYS A CE  1 
ATOM   591  N  NZ  . LYS A 1 77  ? -22.223 10.528  -10.134 1.00 36.06 ? 86  LYS A NZ  1 
ATOM   592  N  N   . GLY A 1 78  ? -17.904 7.328   -5.722  1.00 19.05 ? 88  GLY A N   1 
ATOM   593  C  CA  . GLY A 1 78  ? -18.256 7.499   -4.315  1.00 19.19 ? 88  GLY A CA  1 
ATOM   594  C  C   . GLY A 1 78  ? -18.049 8.974   -3.961  1.00 18.89 ? 88  GLY A C   1 
ATOM   595  O  O   . GLY A 1 78  ? -18.219 9.851   -4.824  1.00 19.59 ? 88  GLY A O   1 
ATOM   596  N  N   . THR A 1 79  ? -17.688 9.281   -2.730  1.00 19.05 ? 89  THR A N   1 
ATOM   597  C  CA  . THR A 1 79  ? -17.369 10.659  -2.372  1.00 18.62 ? 89  THR A CA  1 
ATOM   598  C  C   . THR A 1 79  ? -15.986 10.981  -2.946  1.00 19.05 ? 89  THR A C   1 
ATOM   599  O  O   . THR A 1 79  ? -15.255 10.076  -3.351  1.00 18.17 ? 89  THR A O   1 
ATOM   600  C  CB  . THR A 1 79  ? -17.320 10.850  -0.854  1.00 18.57 ? 89  THR A CB  1 
ATOM   601  O  OG1 . THR A 1 79  ? -16.223 10.104  -0.305  1.00 16.95 ? 89  THR A OG1 1 
ATOM   602  C  CG2 . THR A 1 79  ? -18.584 10.317  -0.156  1.00 18.47 ? 89  THR A CG2 1 
ATOM   603  N  N   . SER A 1 80  ? -15.604 12.253  -2.960  1.00 19.16 ? 90  SER A N   1 
ATOM   604  C  CA  . SER A 1 80  ? -14.306 12.621  -3.505  1.00 19.52 ? 90  SER A CA  1 
ATOM   605  C  C   . SER A 1 80  ? -13.170 11.892  -2.769  1.00 18.68 ? 90  SER A C   1 
ATOM   606  O  O   . SER A 1 80  ? -12.233 11.398  -3.420  1.00 18.74 ? 90  SER A O   1 
ATOM   607  C  CB  . SER A 1 80  ? -14.110 14.129  -3.464  1.00 19.81 ? 90  SER A CB  1 
ATOM   608  O  OG  . SER A 1 80  ? -13.700 14.493  -2.167  1.00 24.61 ? 90  SER A OG  1 
ATOM   609  N  N   . CYS A 1 81  ? -13.251 11.803  -1.445  1.00 17.90 ? 91  CYS A N   1 
ATOM   610  C  CA  . CYS A 1 81  ? -12.251 11.088  -0.648  1.00 17.27 ? 91  CYS A CA  1 
ATOM   611  C  C   . CYS A 1 81  ? -12.159 9.599   -1.034  1.00 16.82 ? 91  CYS A C   1 
ATOM   612  O  O   . CYS A 1 81  ? -11.070 9.080   -1.293  1.00 16.09 ? 91  CYS A O   1 
ATOM   613  C  CB  . CYS A 1 81  ? -12.560 11.207  0.856   1.00 17.21 ? 91  CYS A CB  1 
ATOM   614  S  SG  . CYS A 1 81  ? -11.897 12.703  1.636   1.00 17.22 ? 91  CYS A SG  1 
ATOM   615  N  N   . GLU A 1 82  ? -13.313 8.939   -1.080  1.00 16.51 ? 92  GLU A N   1 
ATOM   616  C  CA  . GLU A 1 82  ? -13.369 7.516   -1.413  1.00 16.85 ? 92  GLU A CA  1 
ATOM   617  C  C   . GLU A 1 82  ? -12.741 7.258   -2.790  1.00 17.09 ? 92  GLU A C   1 
ATOM   618  O  O   . GLU A 1 82  ? -12.019 6.267   -2.983  1.00 17.41 ? 92  GLU A O   1 
ATOM   619  C  CB  . GLU A 1 82  ? -14.820 7.036   -1.339  1.00 16.63 ? 92  GLU A CB  1 
ATOM   620  C  CG  . GLU A 1 82  ? -15.302 6.921   0.098   1.00 15.70 ? 92  GLU A CG  1 
ATOM   621  C  CD  . GLU A 1 82  ? -16.807 6.861   0.273   1.00 16.37 ? 92  GLU A CD  1 
ATOM   622  O  OE1 . GLU A 1 82  ? -17.543 6.937   -0.714  1.00 16.77 ? 92  GLU A OE1 1 
ATOM   623  O  OE2 . GLU A 1 82  ? -17.248 6.766   1.439   1.00 17.29 ? 92  GLU A OE2 1 
ATOM   624  N  N   . ASN A 1 83  ? -12.992 8.158   -3.733  1.00 17.33 ? 93  ASN A N   1 
ATOM   625  C  CA  . ASN A 1 83  ? -12.428 8.024   -5.079  1.00 18.06 ? 93  ASN A CA  1 
ATOM   626  C  C   . ASN A 1 83  ? -10.911 8.110   -5.049  1.00 17.70 ? 93  ASN A C   1 
ATOM   627  O  O   . ASN A 1 83  ? -10.228 7.300   -5.652  1.00 17.35 ? 93  ASN A O   1 
ATOM   628  C  CB  . ASN A 1 83  ? -12.951 9.120   -5.998  1.00 18.66 ? 93  ASN A CB  1 
ATOM   629  C  CG  . ASN A 1 83  ? -14.442 9.009   -6.262  1.00 20.81 ? 93  ASN A CG  1 
ATOM   630  O  OD1 . ASN A 1 83  ? -15.022 7.930   -6.170  1.00 22.43 ? 93  ASN A OD1 1 
ATOM   631  N  ND2 . ASN A 1 83  ? -15.067 10.134  -6.614  1.00 23.33 ? 93  ASN A ND2 1 
ATOM   632  N  N   . ARG A 1 84  ? -10.387 9.095   -4.333  1.00 17.48 ? 94  ARG A N   1 
ATOM   633  C  CA  . ARG A 1 84  ? -8.941  9.295   -4.266  1.00 17.48 ? 94  ARG A CA  1 
ATOM   634  C  C   . ARG A 1 84  ? -8.228  8.221   -3.431  1.00 17.08 ? 94  ARG A C   1 
ATOM   635  O  O   . ARG A 1 84  ? -7.095  7.843   -3.731  1.00 16.58 ? 94  ARG A O   1 
ATOM   636  C  CB  . ARG A 1 84  ? -8.642  10.685  -3.723  1.00 17.63 ? 94  ARG A CB  1 
ATOM   637  C  CG  . ARG A 1 84  ? -9.165  11.776  -4.621  1.00 18.82 ? 94  ARG A CG  1 
ATOM   638  C  CD  . ARG A 1 84  ? -9.280  13.124  -3.924  1.00 22.69 ? 94  ARG A CD  1 
ATOM   639  N  NE  . ARG A 1 84  ? -7.996  13.799  -3.869  1.00 25.42 ? 94  ARG A NE  1 
ATOM   640  C  CZ  . ARG A 1 84  ? -7.736  14.836  -3.091  1.00 27.88 ? 94  ARG A CZ  1 
ATOM   641  N  NH1 . ARG A 1 84  ? -8.664  15.300  -2.267  1.00 28.47 ? 94  ARG A NH1 1 
ATOM   642  N  NH2 . ARG A 1 84  ? -6.535  15.401  -3.124  1.00 28.92 ? 94  ARG A NH2 1 
ATOM   643  N  N   . ILE A 1 85  ? -8.888  7.733   -2.390  1.00 15.91 ? 95  ILE A N   1 
ATOM   644  C  CA  . ILE A 1 85  ? -8.315  6.663   -1.582  1.00 15.71 ? 95  ILE A CA  1 
ATOM   645  C  C   . ILE A 1 85  ? -8.190  5.397   -2.430  1.00 15.24 ? 95  ILE A C   1 
ATOM   646  O  O   . ILE A 1 85  ? -7.141  4.745   -2.461  1.00 15.34 ? 95  ILE A O   1 
ATOM   647  C  CB  . ILE A 1 85  ? -9.179  6.378   -0.314  1.00 15.49 ? 95  ILE A CB  1 
ATOM   648  C  CG1 . ILE A 1 85  ? -9.109  7.562   0.648   1.00 15.84 ? 95  ILE A CG1 1 
ATOM   649  C  CG2 . ILE A 1 85  ? -8.717  5.131   0.386   1.00 15.60 ? 95  ILE A CG2 1 
ATOM   650  C  CD1 . ILE A 1 85  ? -10.243 7.567   1.668   1.00 16.91 ? 95  ILE A CD1 1 
ATOM   651  N  N   . CYS A 1 86  ? -9.254  5.080   -3.146  1.00 15.20 ? 96  CYS A N   1 
ATOM   652  C  CA  . CYS A 1 86  ? -9.259  3.918   -4.005  1.00 15.45 ? 96  CYS A CA  1 
ATOM   653  C  C   . CYS A 1 86  ? -8.118  3.963   -5.039  1.00 15.27 ? 96  CYS A C   1 
ATOM   654  O  O   . CYS A 1 86  ? -7.467  2.945   -5.267  1.00 15.48 ? 96  CYS A O   1 
ATOM   655  C  CB  . CYS A 1 86  ? -10.600 3.779   -4.708  1.00 15.53 ? 96  CYS A CB  1 
ATOM   656  S  SG  . CYS A 1 86  ? -10.673 2.294   -5.732  1.00 17.80 ? 96  CYS A SG  1 
ATOM   657  N  N   . GLU A 1 87  ? -7.897  5.115   -5.672  1.00 15.01 ? 97  GLU A N   1 
ATOM   658  C  CA  . GLU A 1 87  ? -6.810  5.242   -6.650  1.00 15.60 ? 97  GLU A CA  1 
ATOM   659  C  C   . GLU A 1 87  ? -5.441  5.018   -5.988  1.00 15.18 ? 97  GLU A C   1 
ATOM   660  O  O   . GLU A 1 87  ? -4.573  4.408   -6.602  1.00 14.72 ? 97  GLU A O   1 
ATOM   661  C  CB  . GLU A 1 87  ? -6.825  6.591   -7.385  1.00 15.80 ? 97  GLU A CB  1 
ATOM   662  C  CG  . GLU A 1 87  ? -8.002  6.809   -8.341  1.00 18.11 ? 97  GLU A CG  1 
ATOM   663  C  CD  . GLU A 1 87  ? -8.054  5.833   -9.500  1.00 20.34 ? 97  GLU A CD  1 
ATOM   664  O  OE1 . GLU A 1 87  ? -6.990  5.371   -9.964  1.00 22.95 ? 97  GLU A OE1 1 
ATOM   665  O  OE2 . GLU A 1 87  ? -9.170  5.525   -9.958  1.00 23.33 ? 97  GLU A OE2 1 
ATOM   666  N  N   . CYS A 1 88  ? -5.241  5.504   -4.756  1.00 15.12 ? 98  CYS A N   1 
ATOM   667  C  CA  . CYS A 1 88  ? -3.986  5.248   -4.033  1.00 15.29 ? 98  CYS A CA  1 
ATOM   668  C  C   . CYS A 1 88  ? -3.767  3.749   -3.817  1.00 15.48 ? 98  CYS A C   1 
ATOM   669  O  O   . CYS A 1 88  ? -2.662  3.218   -4.047  1.00 14.16 ? 98  CYS A O   1 
ATOM   670  C  CB  . CYS A 1 88  ? -3.961  5.943   -2.667  1.00 15.49 ? 98  CYS A CB  1 
ATOM   671  S  SG  . CYS A 1 88  ? -3.831  7.740   -2.772  1.00 16.63 ? 98  CYS A SG  1 
ATOM   672  N  N   . ASP A 1 89  ? -4.824  3.083   -3.366  1.00 15.30 ? 99  ASP A N   1 
ATOM   673  C  CA  . ASP A 1 89  ? -4.777  1.651   -3.082  1.00 15.66 ? 99  ASP A CA  1 
ATOM   674  C  C   . ASP A 1 89  ? -4.563  0.812   -4.340  1.00 16.19 ? 99  ASP A C   1 
ATOM   675  O  O   . ASP A 1 89  ? -3.774  -0.133  -4.312  1.00 16.91 ? 99  ASP A O   1 
ATOM   676  C  CB  . ASP A 1 89  ? -6.057  1.198   -2.371  1.00 15.48 ? 99  ASP A CB  1 
ATOM   677  C  CG  . ASP A 1 89  ? -6.139  1.687   -0.937  1.00 15.86 ? 99  ASP A CG  1 
ATOM   678  O  OD1 . ASP A 1 89  ? -5.240  2.409   -0.433  1.00 18.38 ? 99  ASP A OD1 1 
ATOM   679  O  OD2 . ASP A 1 89  ? -7.112  1.395   -0.228  1.00 16.90 ? 99  ASP A OD2 1 
ATOM   680  N  N   . LYS A 1 90  ? -5.253  1.162   -5.427  1.00 16.86 ? 100 LYS A N   1 
ATOM   681  C  CA  . LYS A 1 90  ? -5.126  0.466   -6.704  1.00 16.83 ? 100 LYS A CA  1 
ATOM   682  C  C   . LYS A 1 90  ? -3.667  0.497   -7.171  1.00 16.76 ? 100 LYS A C   1 
ATOM   683  O  O   . LYS A 1 90  ? -3.107  -0.534  -7.588  1.00 16.24 ? 100 LYS A O   1 
ATOM   684  C  CB  . LYS A 1 90  ? -6.040  1.114   -7.757  1.00 17.23 ? 100 LYS A CB  1 
ATOM   685  C  CG  . LYS A 1 90  ? -5.771  0.679   -9.202  1.00 17.40 ? 100 LYS A CG  1 
ATOM   686  C  CD  . LYS A 1 90  ? -6.728  1.346   -10.192 1.00 20.18 ? 100 LYS A CD  1 
ATOM   687  C  CE  . LYS A 1 90  ? -6.481  0.889   -11.622 1.00 21.21 ? 100 LYS A CE  1 
ATOM   688  N  NZ  . LYS A 1 90  ? -7.486  1.454   -12.588 1.00 23.56 ? 100 LYS A NZ  1 
ATOM   689  N  N   . ALA A 1 91  ? -3.063  1.678   -7.101  1.00 15.86 ? 101 ALA A N   1 
ATOM   690  C  CA  . ALA A 1 91  ? -1.675  1.869   -7.508  1.00 16.00 ? 101 ALA A CA  1 
ATOM   691  C  C   . ALA A 1 91  ? -0.733  0.983   -6.678  1.00 15.65 ? 101 ALA A C   1 
ATOM   692  O  O   . ALA A 1 91  ? 0.172   0.347   -7.222  1.00 15.47 ? 101 ALA A O   1 
ATOM   693  C  CB  . ALA A 1 91  ? -1.286  3.347   -7.373  1.00 16.02 ? 101 ALA A CB  1 
ATOM   694  N  N   . ALA A 1 92  ? -0.949  0.935   -5.368  1.00 15.13 ? 102 ALA A N   1 
ATOM   695  C  CA  . ALA A 1 92  ? -0.114  0.124   -4.495  1.00 15.59 ? 102 ALA A CA  1 
ATOM   696  C  C   . ALA A 1 92  ? -0.252  -1.372  -4.827  1.00 16.05 ? 102 ALA A C   1 
ATOM   697  O  O   . ALA A 1 92  ? 0.744   -2.098  -4.858  1.00 15.51 ? 102 ALA A O   1 
ATOM   698  C  CB  . ALA A 1 92  ? -0.453  0.381   -3.038  1.00 15.76 ? 102 ALA A CB  1 
ATOM   699  N  N   . ALA A 1 93  ? -1.482  -1.821  -5.063  1.00 16.78 ? 103 ALA A N   1 
ATOM   700  C  CA  . ALA A 1 93  ? -1.743  -3.233  -5.362  1.00 17.33 ? 103 ALA A CA  1 
ATOM   701  C  C   . ALA A 1 93  ? -1.037  -3.652  -6.647  1.00 17.99 ? 103 ALA A C   1 
ATOM   702  O  O   . ALA A 1 93  ? -0.440  -4.727  -6.715  1.00 18.51 ? 103 ALA A O   1 
ATOM   703  C  CB  . ALA A 1 93  ? -3.227  -3.491  -5.469  1.00 17.48 ? 103 ALA A CB  1 
ATOM   704  N  N   . ILE A 1 94  ? -1.100  -2.794  -7.660  1.00 18.17 ? 104 ILE A N   1 
ATOM   705  C  CA  . ILE A 1 94  ? -0.424  -3.048  -8.927  1.00 18.37 ? 104 ILE A CA  1 
ATOM   706  C  C   . ILE A 1 94  ? 1.093   -3.018  -8.736  1.00 18.10 ? 104 ILE A C   1 
ATOM   707  O  O   . ILE A 1 94  ? 1.811   -3.853  -9.285  1.00 17.94 ? 104 ILE A O   1 
ATOM   708  C  CB  . ILE A 1 94  ? -0.841  -1.994  -9.964  1.00 18.45 ? 104 ILE A CB  1 
ATOM   709  C  CG1 . ILE A 1 94  ? -2.270  -2.262  -10.429 1.00 20.75 ? 104 ILE A CG1 1 
ATOM   710  C  CG2 . ILE A 1 94  ? 0.128   -1.983  -11.142 1.00 19.02 ? 104 ILE A CG2 1 
ATOM   711  C  CD1 . ILE A 1 94  ? -2.948  -1.041  -11.016 1.00 22.14 ? 104 ILE A CD1 1 
ATOM   712  N  N   . CYS A 1 95  ? 1.572   -2.056  -7.955  1.00 17.64 ? 105 CYS A N   1 
ATOM   713  C  CA  . CYS A 1 95  ? 2.990   -1.951  -7.660  1.00 17.76 ? 105 CYS A CA  1 
ATOM   714  C  C   . CYS A 1 95  ? 3.488   -3.243  -6.974  1.00 17.80 ? 105 CYS A C   1 
ATOM   715  O  O   . CYS A 1 95  ? 4.554   -3.765  -7.321  1.00 16.90 ? 105 CYS A O   1 
ATOM   716  C  CB  . CYS A 1 95  ? 3.250   -0.717  -6.800  1.00 17.42 ? 105 CYS A CB  1 
ATOM   717  S  SG  . CYS A 1 95  ? 4.978   -0.301  -6.538  1.00 18.24 ? 105 CYS A SG  1 
ATOM   718  N  N   . PHE A 1 96  ? 2.729   -3.747  -6.001  1.00 18.46 ? 106 PHE A N   1 
ATOM   719  C  CA  . PHE A 1 96  ? 3.077   -5.003  -5.330  1.00 19.09 ? 106 PHE A CA  1 
ATOM   720  C  C   . PHE A 1 96  ? 3.181   -6.187  -6.320  1.00 20.13 ? 106 PHE A C   1 
ATOM   721  O  O   . PHE A 1 96  ? 4.144   -6.952  -6.279  1.00 20.38 ? 106 PHE A O   1 
ATOM   722  C  CB  . PHE A 1 96  ? 2.045   -5.357  -4.258  1.00 19.17 ? 106 PHE A CB  1 
ATOM   723  C  CG  . PHE A 1 96  ? 2.066   -4.460  -3.052  1.00 19.64 ? 106 PHE A CG  1 
ATOM   724  C  CD1 . PHE A 1 96  ? 3.231   -3.851  -2.622  1.00 19.62 ? 106 PHE A CD1 1 
ATOM   725  C  CD2 . PHE A 1 96  ? 0.903   -4.241  -2.338  1.00 19.50 ? 106 PHE A CD2 1 
ATOM   726  C  CE1 . PHE A 1 96  ? 3.225   -3.041  -1.499  1.00 20.52 ? 106 PHE A CE1 1 
ATOM   727  C  CE2 . PHE A 1 96  ? 0.895   -3.440  -1.226  1.00 20.60 ? 106 PHE A CE2 1 
ATOM   728  C  CZ  . PHE A 1 96  ? 2.050   -2.832  -0.807  1.00 20.48 ? 106 PHE A CZ  1 
ATOM   729  N  N   . ARG A 1 97  ? 2.184   -6.337  -7.187  1.00 21.45 ? 107 ARG A N   1 
ATOM   730  C  CA  . ARG A 1 97  ? 2.162   -7.413  -8.190  1.00 22.34 ? 107 ARG A CA  1 
ATOM   731  C  C   . ARG A 1 97  ? 3.341   -7.286  -9.163  1.00 22.71 ? 107 ARG A C   1 
ATOM   732  O  O   . ARG A 1 97  ? 3.937   -8.288  -9.557  1.00 22.72 ? 107 ARG A O   1 
ATOM   733  C  CB  . ARG A 1 97  ? 0.806   -7.432  -8.931  1.00 23.18 ? 107 ARG A CB  1 
ATOM   734  C  CG  . ARG A 1 97  ? 0.735   -8.194  -10.282 1.00 25.63 ? 107 ARG A CG  1 
ATOM   735  C  CD  . ARG A 1 97  ? 0.662   -9.715  -10.214 1.00 29.83 ? 107 ARG A CD  1 
ATOM   736  N  NE  . ARG A 1 97  ? 1.999   -10.289 -10.110 1.00 35.53 ? 107 ARG A NE  1 
ATOM   737  C  CZ  . ARG A 1 97  ? 2.509   -11.242 -10.888 1.00 36.75 ? 107 ARG A CZ  1 
ATOM   738  N  NH1 . ARG A 1 97  ? 1.792   -11.811 -11.858 1.00 38.91 ? 107 ARG A NH1 1 
ATOM   739  N  NH2 . ARG A 1 97  ? 3.755   -11.632 -10.677 1.00 39.70 ? 107 ARG A NH2 1 
ATOM   740  N  N   . GLN A 1 98  ? 3.691   -6.056  -9.532  1.00 22.99 ? 108 GLN A N   1 
ATOM   741  C  CA  . GLN A 1 98  ? 4.791   -5.816  -10.457 1.00 23.26 ? 108 GLN A CA  1 
ATOM   742  C  C   . GLN A 1 98  ? 6.147   -6.160  -9.826  1.00 23.41 ? 108 GLN A C   1 
ATOM   743  O  O   . GLN A 1 98  ? 7.105   -6.467  -10.534 1.00 23.40 ? 108 GLN A O   1 
ATOM   744  C  CB  . GLN A 1 98  ? 4.776   -4.349  -10.924 1.00 23.94 ? 108 GLN A CB  1 
ATOM   745  C  CG  . GLN A 1 98  ? 5.642   -4.070  -12.139 1.00 26.18 ? 108 GLN A CG  1 
ATOM   746  C  CD  . GLN A 1 98  ? 5.259   -2.783  -12.856 1.00 28.51 ? 108 GLN A CD  1 
ATOM   747  O  OE1 . GLN A 1 98  ? 5.163   -1.727  -12.238 1.00 29.73 ? 108 GLN A OE1 1 
ATOM   748  N  NE2 . GLN A 1 98  ? 5.011   -2.879  -14.152 1.00 31.24 ? 108 GLN A NE2 1 
ATOM   749  N  N   . ASN A 1 99  ? 6.233   -6.119  -8.501  1.00 23.04 ? 109 ASN A N   1 
ATOM   750  C  CA  . ASN A 1 99  ? 7.498   -6.380  -7.827  1.00 23.80 ? 109 ASN A CA  1 
ATOM   751  C  C   . ASN A 1 99  ? 7.533   -7.639  -6.972  1.00 24.17 ? 109 ASN A C   1 
ATOM   752  O  O   . ASN A 1 99  ? 8.414   -7.784  -6.116  1.00 24.38 ? 109 ASN A O   1 
ATOM   753  C  CB  . ASN A 1 99  ? 7.885   -5.166  -6.994  1.00 23.75 ? 109 ASN A CB  1 
ATOM   754  C  CG  . ASN A 1 99  ? 8.198   -3.967  -7.851  1.00 24.04 ? 109 ASN A CG  1 
ATOM   755  O  OD1 . ASN A 1 99  ? 9.197   -3.956  -8.583  1.00 22.43 ? 109 ASN A OD1 1 
ATOM   756  N  ND2 . ASN A 1 99  ? 7.359   -2.936  -7.759  1.00 24.11 ? 109 ASN A ND2 1 
ATOM   757  N  N   . LEU A 1 100 ? 6.588   -8.542  -7.207  1.00 25.30 ? 110 LEU A N   1 
ATOM   758  C  CA  . LEU A 1 100 ? 6.535   -9.805  -6.478  1.00 26.49 ? 110 LEU A CA  1 
ATOM   759  C  C   . LEU A 1 100 ? 7.828   -10.577 -6.625  1.00 27.29 ? 110 LEU A C   1 
ATOM   760  O  O   . LEU A 1 100 ? 8.279   -11.223 -5.676  1.00 27.85 ? 110 LEU A O   1 
ATOM   761  C  CB  . LEU A 1 100 ? 5.397   -10.695 -6.977  1.00 26.66 ? 110 LEU A CB  1 
ATOM   762  C  CG  . LEU A 1 100 ? 4.083   -10.698 -6.199  1.00 27.46 ? 110 LEU A CG  1 
ATOM   763  C  CD1 . LEU A 1 100 ? 3.144   -11.715 -6.822  1.00 27.35 ? 110 LEU A CD1 1 
ATOM   764  C  CD2 . LEU A 1 100 ? 4.298   -11.003 -4.726  1.00 27.76 ? 110 LEU A CD2 1 
ATOM   765  N  N   . ASN A 1 101 ? 8.419   -10.511 -7.815  1.00 28.00 ? 111 ASN A N   1 
ATOM   766  C  CA  . ASN A 1 101 ? 9.636   -11.263 -8.112  1.00 28.79 ? 111 ASN A CA  1 
ATOM   767  C  C   . ASN A 1 101 ? 10.838  -10.941 -7.220  1.00 28.69 ? 111 ASN A C   1 
ATOM   768  O  O   . ASN A 1 101 ? 11.766  -11.745 -7.150  1.00 29.16 ? 111 ASN A O   1 
ATOM   769  C  CB  . ASN A 1 101 ? 10.021  -11.181 -9.604  1.00 28.93 ? 111 ASN A CB  1 
ATOM   770  C  CG  . ASN A 1 101 ? 10.413  -9.777  -10.068 1.00 31.27 ? 111 ASN A CG  1 
ATOM   771  O  OD1 . ASN A 1 101 ? 11.114  -9.636  -11.088 1.00 35.29 ? 111 ASN A OD1 1 
ATOM   772  N  ND2 . ASN A 1 101 ? 9.955   -8.742  -9.360  1.00 33.96 ? 111 ASN A ND2 1 
ATOM   773  N  N   . THR A 1 102 ? 10.834  -9.790  -6.549  1.00 28.47 ? 112 THR A N   1 
ATOM   774  C  CA  . THR A 1 102 ? 11.942  -9.437  -5.662  1.00 28.19 ? 112 THR A CA  1 
ATOM   775  C  C   . THR A 1 102 ? 11.526  -9.344  -4.200  1.00 28.13 ? 112 THR A C   1 
ATOM   776  O  O   . THR A 1 102 ? 12.328  -8.970  -3.357  1.00 28.24 ? 112 THR A O   1 
ATOM   777  C  CB  . THR A 1 102 ? 12.622  -8.123  -6.078  1.00 28.26 ? 112 THR A CB  1 
ATOM   778  O  OG1 . THR A 1 102 ? 11.696  -7.033  -6.016  1.00 27.75 ? 112 THR A OG1 1 
ATOM   779  C  CG2 . THR A 1 102 ? 13.083  -8.181  -7.533  1.00 28.69 ? 112 THR A CG2 1 
ATOM   780  N  N   . TYR A 1 103 ? 10.274  -9.665  -3.907  1.00 28.47 ? 113 TYR A N   1 
ATOM   781  C  CA  . TYR A 1 103 ? 9.799   -9.680  -2.530  1.00 28.81 ? 113 TYR A CA  1 
ATOM   782  C  C   . TYR A 1 103 ? 10.740  -10.598 -1.753  1.00 29.29 ? 113 TYR A C   1 
ATOM   783  O  O   . TYR A 1 103 ? 11.031  -11.707 -2.204  1.00 29.11 ? 113 TYR A O   1 
ATOM   784  C  CB  . TYR A 1 103 ? 8.359   -10.202 -2.470  1.00 28.71 ? 113 TYR A CB  1 
ATOM   785  C  CG  . TYR A 1 103 ? 7.775   -10.257 -1.073  1.00 28.31 ? 113 TYR A CG  1 
ATOM   786  C  CD1 . TYR A 1 103 ? 8.033   -11.333 -0.230  1.00 28.75 ? 113 TYR A CD1 1 
ATOM   787  C  CD2 . TYR A 1 103 ? 6.956   -9.245  -0.603  1.00 28.56 ? 113 TYR A CD2 1 
ATOM   788  C  CE1 . TYR A 1 103 ? 7.504   -11.389 1.052   1.00 29.41 ? 113 TYR A CE1 1 
ATOM   789  C  CE2 . TYR A 1 103 ? 6.425   -9.286  0.679   1.00 28.41 ? 113 TYR A CE2 1 
ATOM   790  C  CZ  . TYR A 1 103 ? 6.697   -10.360 1.500   1.00 28.96 ? 113 TYR A CZ  1 
ATOM   791  O  OH  . TYR A 1 103 ? 6.165   -10.407 2.774   1.00 31.14 ? 113 TYR A OH  1 
ATOM   792  N  N   . SER A 1 104 ? 11.237  -10.128 -0.611  1.00 29.86 ? 114 SER A N   1 
ATOM   793  C  CA  . SER A 1 104 ? 12.164  -10.918 0.196   1.00 30.58 ? 114 SER A CA  1 
ATOM   794  C  C   . SER A 1 104 ? 11.738  -11.010 1.661   1.00 31.07 ? 114 SER A C   1 
ATOM   795  O  O   . SER A 1 104 ? 11.532  -10.000 2.333   1.00 30.46 ? 114 SER A O   1 
ATOM   796  C  CB  . SER A 1 104 ? 13.571  -10.336 0.114   1.00 30.82 ? 114 SER A CB  1 
ATOM   797  O  OG  . SER A 1 104 ? 14.470  -11.082 0.924   1.00 31.72 ? 114 SER A OG  1 
ATOM   798  N  N   . LYS A 1 105 ? 11.649  -12.236 2.160   1.00 31.93 ? 115 LYS A N   1 
ATOM   799  C  CA  . LYS A 1 105 ? 11.252  -12.474 3.540   1.00 32.52 ? 115 LYS A CA  1 
ATOM   800  C  C   . LYS A 1 105 ? 12.238  -11.910 4.563   1.00 32.80 ? 115 LYS A C   1 
ATOM   801  O  O   . LYS A 1 105 ? 11.894  -11.781 5.740   1.00 32.88 ? 115 LYS A O   1 
ATOM   802  C  CB  . LYS A 1 105 ? 11.031  -13.972 3.772   1.00 33.07 ? 115 LYS A CB  1 
ATOM   803  C  CG  . LYS A 1 105 ? 9.677   -14.454 3.254   1.00 34.63 ? 115 LYS A CG  1 
ATOM   804  C  CD  . LYS A 1 105 ? 9.452   -15.947 3.445   1.00 36.77 ? 115 LYS A CD  1 
ATOM   805  C  CE  . LYS A 1 105 ? 8.051   -16.333 2.988   1.00 37.94 ? 115 LYS A CE  1 
ATOM   806  N  NZ  . LYS A 1 105 ? 7.844   -17.812 2.987   1.00 39.22 ? 115 LYS A NZ  1 
ATOM   807  N  N   . LYS A 1 106 ? 13.443  -11.547 4.127   1.00 32.78 ? 116 LYS A N   1 
ATOM   808  C  CA  . LYS A 1 106 ? 14.436  -10.993 5.034   1.00 33.03 ? 116 LYS A CA  1 
ATOM   809  C  C   . LYS A 1 106 ? 13.994  -9.607  5.514   1.00 32.74 ? 116 LYS A C   1 
ATOM   810  O  O   . LYS A 1 106 ? 14.501  -9.098  6.513   1.00 32.66 ? 116 LYS A O   1 
ATOM   811  C  CB  . LYS A 1 106 ? 15.827  -10.927 4.387   1.00 33.45 ? 116 LYS A CB  1 
ATOM   812  C  CG  . LYS A 1 106 ? 16.114  -9.690  3.540   1.00 34.92 ? 116 LYS A CG  1 
ATOM   813  C  CD  . LYS A 1 106 ? 17.618  -9.415  3.459   1.00 36.71 ? 116 LYS A CD  1 
ATOM   814  C  CE  . LYS A 1 106 ? 17.945  -8.297  2.474   1.00 37.71 ? 116 LYS A CE  1 
ATOM   815  N  NZ  . LYS A 1 106 ? 19.334  -7.773  2.654   1.00 38.99 ? 116 LYS A NZ  1 
ATOM   816  N  N   . TYR A 1 107 ? 13.045  -9.008  4.796   1.00 31.80 ? 117 TYR A N   1 
ATOM   817  C  CA  . TYR A 1 107 ? 12.545  -7.682  5.144   1.00 31.45 ? 117 TYR A CA  1 
ATOM   818  C  C   . TYR A 1 107 ? 11.251  -7.732  5.963   1.00 30.88 ? 117 TYR A C   1 
ATOM   819  O  O   . TYR A 1 107 ? 10.688  -6.695  6.301   1.00 30.35 ? 117 TYR A O   1 
ATOM   820  C  CB  . TYR A 1 107 ? 12.366  -6.837  3.874   1.00 31.48 ? 117 TYR A CB  1 
ATOM   821  C  CG  . TYR A 1 107 ? 13.690  -6.421  3.259   1.00 31.98 ? 117 TYR A CG  1 
ATOM   822  C  CD1 . TYR A 1 107 ? 14.677  -5.810  4.025   1.00 31.90 ? 117 TYR A CD1 1 
ATOM   823  C  CD2 . TYR A 1 107 ? 13.960  -6.651  1.911   1.00 32.60 ? 117 TYR A CD2 1 
ATOM   824  C  CE1 . TYR A 1 107 ? 15.890  -5.431  3.467   1.00 32.92 ? 117 TYR A CE1 1 
ATOM   825  C  CE2 . TYR A 1 107 ? 15.168  -6.272  1.344   1.00 33.13 ? 117 TYR A CE2 1 
ATOM   826  C  CZ  . TYR A 1 107 ? 16.129  -5.667  2.122   1.00 33.19 ? 117 TYR A CZ  1 
ATOM   827  O  OH  . TYR A 1 107 ? 17.326  -5.292  1.554   1.00 34.76 ? 117 TYR A OH  1 
ATOM   828  N  N   . MET A 1 108 ? 10.783  -8.935  6.282   1.00 30.67 ? 118 MET A N   1 
ATOM   829  C  CA  . MET A 1 108 ? 9.599   -9.091  7.119   1.00 30.73 ? 118 MET A CA  1 
ATOM   830  C  C   . MET A 1 108 ? 10.016  -8.782  8.553   1.00 30.09 ? 118 MET A C   1 
ATOM   831  O  O   . MET A 1 108 ? 11.117  -9.144  8.963   1.00 30.27 ? 118 MET A O   1 
ATOM   832  C  CB  . MET A 1 108 ? 9.055   -10.516 7.047   1.00 31.29 ? 118 MET A CB  1 
ATOM   833  C  CG  . MET A 1 108 ? 8.399   -10.892 5.729   1.00 32.95 ? 118 MET A CG  1 
ATOM   834  S  SD  . MET A 1 108 ? 7.874   -12.646 5.711   1.00 38.20 ? 118 MET A SD  1 
ATOM   835  C  CE  . MET A 1 108 ? 6.325   -12.529 6.473   1.00 36.20 ? 118 MET A CE  1 
ATOM   836  N  N   . LEU A 1 109 ? 9.154   -8.113  9.310   1.00 29.26 ? 119 LEU A N   1 
ATOM   837  C  CA  . LEU A 1 109 ? 9.462   -7.783  10.701  1.00 28.74 ? 119 LEU A CA  1 
ATOM   838  C  C   . LEU A 1 109 ? 10.774  -7.020  10.819  1.00 28.15 ? 119 LEU A C   1 
ATOM   839  O  O   . LEU A 1 109 ? 11.518  -7.184  11.785  1.00 28.32 ? 119 LEU A O   1 
ATOM   840  C  CB  . LEU A 1 109 ? 9.534   -9.062  11.549  1.00 29.05 ? 119 LEU A CB  1 
ATOM   841  C  CG  . LEU A 1 109 ? 8.233   -9.865  11.635  1.00 29.80 ? 119 LEU A CG  1 
ATOM   842  C  CD1 . LEU A 1 109 ? 8.431   -11.145 12.420  1.00 30.43 ? 119 LEU A CD1 1 
ATOM   843  C  CD2 . LEU A 1 109 ? 7.147   -9.047  12.271  1.00 29.89 ? 119 LEU A CD2 1 
ATOM   844  N  N   . TYR A 1 110 ? 11.060  -6.190  9.824   1.00 26.80 ? 120 TYR A N   1 
ATOM   845  C  CA  . TYR A 1 110 ? 12.292  -5.424  9.792   1.00 26.16 ? 120 TYR A CA  1 
ATOM   846  C  C   . TYR A 1 110 ? 12.392  -4.527  11.024  1.00 25.48 ? 120 TYR A C   1 
ATOM   847  O  O   . TYR A 1 110 ? 11.441  -3.842  11.334  1.00 24.69 ? 120 TYR A O   1 
ATOM   848  C  CB  . TYR A 1 110 ? 12.285  -4.564  8.528   1.00 26.21 ? 120 TYR A CB  1 
ATOM   849  C  CG  . TYR A 1 110 ? 13.646  -4.140  8.083   1.00 26.40 ? 120 TYR A CG  1 
ATOM   850  C  CD1 . TYR A 1 110 ? 14.573  -5.077  7.655   1.00 27.42 ? 120 TYR A CD1 1 
ATOM   851  C  CD2 . TYR A 1 110 ? 14.012  -2.803  8.083   1.00 26.73 ? 120 TYR A CD2 1 
ATOM   852  C  CE1 . TYR A 1 110 ? 15.829  -4.692  7.236   1.00 27.17 ? 120 TYR A CE1 1 
ATOM   853  C  CE2 . TYR A 1 110 ? 15.258  -2.408  7.668   1.00 27.02 ? 120 TYR A CE2 1 
ATOM   854  C  CZ  . TYR A 1 110 ? 16.161  -3.357  7.243   1.00 27.87 ? 120 TYR A CZ  1 
ATOM   855  O  OH  . TYR A 1 110 ? 17.405  -2.968  6.823   1.00 28.15 ? 120 TYR A OH  1 
ATOM   856  N  N   . PRO A 1 111 ? 13.514  -4.523  11.745  1.00 25.26 ? 121 PRO A N   1 
ATOM   857  C  CA  . PRO A 1 111 ? 13.599  -3.699  12.958  1.00 25.08 ? 121 PRO A CA  1 
ATOM   858  C  C   . PRO A 1 111 ? 13.700  -2.218  12.641  1.00 24.80 ? 121 PRO A C   1 
ATOM   859  O  O   . PRO A 1 111 ? 14.320  -1.830  11.661  1.00 24.96 ? 121 PRO A O   1 
ATOM   860  C  CB  . PRO A 1 111 ? 14.875  -4.211  13.629  1.00 25.24 ? 121 PRO A CB  1 
ATOM   861  C  CG  . PRO A 1 111 ? 15.700  -4.584  12.514  1.00 25.40 ? 121 PRO A CG  1 
ATOM   862  C  CD  . PRO A 1 111 ? 14.755  -5.286  11.542  1.00 25.45 ? 121 PRO A CD  1 
ATOM   863  N  N   . ASP A 1 112 ? 13.092  -1.443  13.491  1.00 24.88 ? 122 ASP A N   1 
ATOM   864  C  CA  . ASP A 1 112 ? 13.016  -0.003  13.307  1.00 25.01 ? 122 ASP A CA  1 
ATOM   865  C  C   . ASP A 1 112 ? 14.389  0.721   13.264  1.00 25.45 ? 122 ASP A C   1 
ATOM   866  O  O   . ASP A 1 112 ? 14.534  1.719   12.565  1.00 25.62 ? 122 ASP A O   1 
ATOM   867  C  CB  . ASP A 1 112 ? 12.156  0.635   14.416  1.00 24.96 ? 122 ASP A CB  1 
ATOM   868  C  CG  . ASP A 1 112 ? 12.149  2.143   14.374  1.00 25.68 ? 122 ASP A CG  1 
ATOM   869  O  OD1 . ASP A 1 112 ? 13.114  2.759   14.868  1.00 25.08 ? 122 ASP A OD1 1 
ATOM   870  O  OD2 . ASP A 1 112 ? 11.172  2.727   13.834  1.00 27.83 ? 122 ASP A OD2 1 
ATOM   871  N  N   . PHE A 1 113 ? 15.415  0.245   14.006  1.00 30.00 ? 124 PHE A N   1 
ATOM   872  C  CA  . PHE A 1 113 ? 16.695  0.982   14.046  1.00 30.48 ? 124 PHE A CA  1 
ATOM   873  C  C   . PHE A 1 113 ? 17.452  0.977   12.700  1.00 30.85 ? 124 PHE A C   1 
ATOM   874  O  O   . PHE A 1 113 ? 18.345  1.790   12.494  1.00 30.93 ? 124 PHE A O   1 
ATOM   875  C  CB  . PHE A 1 113 ? 17.607  0.464   15.157  1.00 30.27 ? 124 PHE A CB  1 
ATOM   876  C  CG  . PHE A 1 113 ? 18.359  -0.785  14.807  1.00 30.37 ? 124 PHE A CG  1 
ATOM   877  C  CD1 . PHE A 1 113 ? 17.689  -1.993  14.750  1.00 29.43 ? 124 PHE A CD1 1 
ATOM   878  C  CD2 . PHE A 1 113 ? 19.723  -0.764  14.559  1.00 30.97 ? 124 PHE A CD2 1 
ATOM   879  C  CE1 . PHE A 1 113 ? 18.360  -3.156  14.439  1.00 29.80 ? 124 PHE A CE1 1 
ATOM   880  C  CE2 . PHE A 1 113 ? 20.403  -1.926  14.250  1.00 31.24 ? 124 PHE A CE2 1 
ATOM   881  C  CZ  . PHE A 1 113 ? 19.724  -3.125  14.191  1.00 30.37 ? 124 PHE A CZ  1 
ATOM   882  N  N   . LEU A 1 114 ? 17.076  0.068   11.798  1.00 31.34 ? 125 LEU A N   1 
ATOM   883  C  CA  . LEU A 1 114 ? 17.726  -0.026  10.497  1.00 31.91 ? 125 LEU A CA  1 
ATOM   884  C  C   . LEU A 1 114 ? 17.097  0.886   9.433   1.00 32.52 ? 125 LEU A C   1 
ATOM   885  O  O   . LEU A 1 114 ? 17.551  0.914   8.293   1.00 32.52 ? 125 LEU A O   1 
ATOM   886  C  CB  . LEU A 1 114 ? 17.723  -1.466  9.991   1.00 32.15 ? 125 LEU A CB  1 
ATOM   887  C  CG  . LEU A 1 114 ? 18.551  -2.465  10.807  1.00 32.88 ? 125 LEU A CG  1 
ATOM   888  C  CD1 . LEU A 1 114 ? 18.392  -3.855  10.240  1.00 33.22 ? 125 LEU A CD1 1 
ATOM   889  C  CD2 . LEU A 1 114 ? 20.025  -2.061  10.838  1.00 32.67 ? 125 LEU A CD2 1 
ATOM   890  N  N   . CYS A 1 115 ? 16.060  1.621   9.809   1.00 32.95 ? 126 CYS A N   1 
ATOM   891  C  CA  . CYS A 1 115 ? 15.400  2.545   8.896   1.00 33.64 ? 126 CYS A CA  1 
ATOM   892  C  C   . CYS A 1 115 ? 15.937  3.931   9.149   1.00 35.33 ? 126 CYS A C   1 
ATOM   893  O  O   . CYS A 1 115 ? 15.556  4.585   10.112  1.00 36.00 ? 126 CYS A O   1 
ATOM   894  C  CB  . CYS A 1 115 ? 13.897  2.470   9.100   1.00 32.68 ? 126 CYS A CB  1 
ATOM   895  S  SG  . CYS A 1 115 ? 13.341  0.862   8.529   1.00 28.97 ? 126 CYS A SG  1 
ATOM   896  N  N   . LYS A 1 116 ? 16.819  4.374   8.260   1.00 37.55 ? 127 LYS A N   1 
ATOM   897  C  CA  . LYS A 1 116 ? 17.549  5.613   8.468   1.00 39.22 ? 127 LYS A CA  1 
ATOM   898  C  C   . LYS A 1 116 ? 17.448  6.667   7.379   1.00 40.33 ? 127 LYS A C   1 
ATOM   899  O  O   . LYS A 1 116 ? 17.598  6.366   6.192   1.00 41.14 ? 127 LYS A O   1 
ATOM   900  C  CB  . LYS A 1 116 ? 19.018  5.259   8.610   1.00 39.28 ? 127 LYS A CB  1 
ATOM   901  C  CG  . LYS A 1 116 ? 19.639  5.831   9.846   1.00 40.63 ? 127 LYS A CG  1 
ATOM   902  C  CD  . LYS A 1 116 ? 20.964  5.159   10.107  1.00 41.72 ? 127 LYS A CD  1 
ATOM   903  C  CE  . LYS A 1 116 ? 21.491  5.525   11.463  1.00 42.39 ? 127 LYS A CE  1 
ATOM   904  N  NZ  . LYS A 1 116 ? 22.880  5.039   11.635  1.00 42.66 ? 127 LYS A NZ  1 
ATOM   905  N  N   . GLY A 1 117 ? 17.224  7.906   7.807   1.00 41.60 ? 128 GLY A N   1 
ATOM   906  C  CA  . GLY A 1 117 ? 17.219  9.052   6.914   1.00 42.33 ? 128 GLY A CA  1 
ATOM   907  C  C   . GLY A 1 117 ? 15.855  9.567   6.550   1.00 42.93 ? 128 GLY A C   1 
ATOM   908  O  O   . GLY A 1 117 ? 14.857  9.293   7.223   1.00 43.27 ? 128 GLY A O   1 
ATOM   909  N  N   . GLU A 1 118 ? 15.817  10.340  5.473   1.00 43.53 ? 129 GLU A N   1 
ATOM   910  C  CA  . GLU A 1 118 ? 14.568  10.897  4.995   1.00 43.99 ? 129 GLU A CA  1 
ATOM   911  C  C   . GLU A 1 118 ? 14.504  10.849  3.491   1.00 43.68 ? 129 GLU A C   1 
ATOM   912  O  O   . GLU A 1 118 ? 15.514  10.894  2.786   1.00 43.69 ? 129 GLU A O   1 
ATOM   913  C  CB  . GLU A 1 118 ? 14.382  12.346  5.462   1.00 44.24 ? 129 GLU A CB  1 
ATOM   914  C  CG  . GLU A 1 118 ? 13.762  12.495  6.849   1.00 45.59 ? 129 GLU A CG  1 
ATOM   915  C  CD  . GLU A 1 118 ? 12.258  12.735  6.830   1.00 47.21 ? 129 GLU A CD  1 
ATOM   916  O  OE1 . GLU A 1 118 ? 11.697  13.089  7.896   1.00 48.56 ? 129 GLU A OE1 1 
ATOM   917  O  OE2 . GLU A 1 118 ? 11.633  12.579  5.760   1.00 48.93 ? 129 GLU A OE2 1 
ATOM   918  N  N   . LEU A 1 119 ? 13.304  10.744  3.022   1.00 43.34 ? 130 LEU A N   1 
ATOM   919  C  CA  . LEU A 1 119 ? 12.955  10.783  1.658   1.00 42.80 ? 130 LEU A CA  1 
ATOM   920  C  C   . LEU A 1 119 ? 11.799  11.738  1.666   1.00 42.33 ? 130 LEU A C   1 
ATOM   921  O  O   . LEU A 1 119 ? 10.901  11.573  2.491   1.00 42.44 ? 130 LEU A O   1 
ATOM   922  C  CB  . LEU A 1 119 ? 12.471  9.416   1.155   1.00 42.78 ? 130 LEU A CB  1 
ATOM   923  C  CG  . LEU A 1 119 ? 13.112  8.802   -0.086  1.00 43.10 ? 130 LEU A CG  1 
ATOM   924  C  CD1 . LEU A 1 119 ? 12.552  7.409   -0.327  1.00 43.04 ? 130 LEU A CD1 1 
ATOM   925  C  CD2 . LEU A 1 119 ? 12.909  9.694   -1.297  1.00 43.47 ? 130 LEU A CD2 1 
ATOM   926  N  N   . LYS A 1 120 ? 11.785  12.751  0.831   1.00 41.72 ? 131 LYS A N   1 
ATOM   927  C  CA  . LYS A 1 120 ? 10.688  13.679  0.798   1.00 41.46 ? 131 LYS A CA  1 
ATOM   928  C  C   . LYS A 1 120 ? 9.702   13.283  -0.264  1.00 40.78 ? 131 LYS A C   1 
ATOM   929  O  O   . LYS A 1 120 ? 10.101  12.993  -1.392  1.00 39.65 ? 131 LYS A O   1 
ATOM   930  C  CB  . LYS A 1 120 ? 11.156  15.093  0.498   1.00 41.47 ? 131 LYS A CB  1 
ATOM   931  C  CG  . LYS A 1 120 ? 11.041  16.054  1.672   1.00 42.53 ? 131 LYS A CG  1 
ATOM   932  C  CD  . LYS A 1 120 ? 11.894  17.277  1.410   1.00 43.38 ? 131 LYS A CD  1 
ATOM   933  C  CE  . LYS A 1 120 ? 12.777  17.577  2.606   1.00 43.78 ? 131 LYS A CE  1 
ATOM   934  N  NZ  . LYS A 1 120 ? 14.130  16.967  2.465   1.00 44.09 ? 131 LYS A NZ  1 
ATOM   935  N  N   . CYS A 1 121 ? 8.411   13.236  0.048   1.00 22.41 ? 133 CYS A N   1 
ATOM   936  C  CA  . CYS A 1 121 ? 7.401   12.861  -0.976  1.00 22.82 ? 133 CYS A CA  1 
ATOM   937  C  C   . CYS A 1 121 ? 7.484   13.803  -2.170  1.00 22.93 ? 133 CYS A C   1 
ATOM   938  O  O   . CYS A 1 121 ? 7.483   13.365  -3.320  1.00 23.42 ? 133 CYS A O   1 
ATOM   939  C  CB  . CYS A 1 121 ? 5.999   12.882  -0.376  1.00 22.70 ? 133 CYS A CB  1 
ATOM   940  S  SG  . CYS A 1 121 ? 5.605   11.419  0.642   1.00 23.47 ? 133 CYS A SG  1 
HETATM 941  O  O1  . AIN B 2 .   ? -5.753  -5.226  7.116   0.50 54.50 ? 202 AIN A O1  1 
HETATM 942  C  C7  . AIN B 2 .   ? -4.889  -4.654  7.761   0.50 54.26 ? 202 AIN A C7  1 
HETATM 943  O  O2  . AIN B 2 .   ? -4.986  -4.608  8.976   0.50 54.29 ? 202 AIN A O2  1 
HETATM 944  C  C3  . AIN B 2 .   ? -3.716  -4.029  7.058   0.50 54.11 ? 202 AIN A C3  1 
HETATM 945  C  C4  . AIN B 2 .   ? -3.633  -4.107  5.674   0.50 54.10 ? 202 AIN A C4  1 
HETATM 946  C  C5  . AIN B 2 .   ? -2.559  -3.535  5.005   0.50 54.07 ? 202 AIN A C5  1 
HETATM 947  C  C6  . AIN B 2 .   ? -1.552  -2.878  5.705   0.50 54.14 ? 202 AIN A C6  1 
HETATM 948  C  C1  . AIN B 2 .   ? -1.589  -2.772  7.095   0.50 54.17 ? 202 AIN A C1  1 
HETATM 949  C  C2  . AIN B 2 .   ? -2.651  -3.311  7.812   0.50 54.24 ? 202 AIN A C2  1 
HETATM 950  O  O3  . AIN B 2 .   ? -2.690  -3.266  9.189   0.50 54.58 ? 202 AIN A O3  1 
HETATM 951  C  C8  . AIN B 2 .   ? -2.949  -2.178  10.124  0.50 54.76 ? 202 AIN A C8  1 
HETATM 952  O  O4  . AIN B 2 .   ? -2.435  -2.245  11.224  0.50 55.11 ? 202 AIN A O4  1 
HETATM 953  C  C9  . AIN B 2 .   ? -3.838  -1.013  9.815   0.50 54.85 ? 202 AIN A C9  1 
HETATM 954  CA CA  . CA  C 3 .   ? 3.614   3.389   6.375   1.00 16.99 ? 201 CA  A CA  1 
HETATM 955  S  S   . SO4 D 4 .   ? -20.700 -5.022  -1.889  1.00 76.10 ? 203 SO4 A S   1 
HETATM 956  O  O1  . SO4 D 4 .   ? -19.581 -4.267  -1.324  1.00 75.58 ? 203 SO4 A O1  1 
HETATM 957  O  O2  . SO4 D 4 .   ? -20.496 -6.445  -1.630  1.00 75.78 ? 203 SO4 A O2  1 
HETATM 958  O  O3  . SO4 D 4 .   ? -21.952 -4.591  -1.270  1.00 75.67 ? 203 SO4 A O3  1 
HETATM 959  O  O4  . SO4 D 4 .   ? -20.764 -4.794  -3.332  1.00 75.70 ? 203 SO4 A O4  1 
HETATM 960  O  O   . HOH E 5 .   ? -0.026  4.431   -4.100  1.00 16.84 ? 204 HOH A O   1 
HETATM 961  O  O   . HOH E 5 .   ? -13.096 12.347  5.653   1.00 22.35 ? 205 HOH A O   1 
HETATM 962  O  O   . HOH E 5 .   ? 2.149   2.559   -4.411  1.00 16.56 ? 206 HOH A O   1 
HETATM 963  O  O   . HOH E 5 .   ? -12.423 9.858   4.158   1.00 17.68 ? 207 HOH A O   1 
HETATM 964  O  O   . HOH E 5 .   ? -0.451  0.154   10.298  1.00 44.38 ? 208 HOH A O   1 
HETATM 965  O  O   . HOH E 5 .   ? -16.067 10.248  2.456   1.00 16.33 ? 209 HOH A O   1 
HETATM 966  O  O   . HOH E 5 .   ? -17.518 14.277  -2.042  1.00 22.41 ? 210 HOH A O   1 
HETATM 967  O  O   . HOH E 5 .   ? -12.766 16.163  3.475   1.00 22.06 ? 211 HOH A O   1 
HETATM 968  O  O   . HOH E 5 .   ? 6.640   14.602  -5.476  1.00 23.28 ? 212 HOH A O   1 
HETATM 969  O  O   . HOH E 5 .   ? 10.782  -6.072  -3.483  1.00 23.90 ? 213 HOH A O   1 
HETATM 970  O  O   . HOH E 5 .   ? 5.472   -7.308  -3.767  1.00 22.83 ? 214 HOH A O   1 
HETATM 971  O  O   . HOH E 5 .   ? -2.125  6.490   -7.374  1.00 21.53 ? 215 HOH A O   1 
HETATM 972  O  O   . HOH E 5 .   ? -5.496  9.488   -5.427  1.00 20.76 ? 216 HOH A O   1 
HETATM 973  O  O   . HOH E 5 .   ? 8.352   0.328   -6.514  1.00 28.01 ? 217 HOH A O   1 
HETATM 974  O  O   . HOH E 5 .   ? 13.984  -4.433  -5.446  1.00 26.08 ? 218 HOH A O   1 
HETATM 975  O  O   . HOH E 5 .   ? -14.830 13.758  -0.066  1.00 24.63 ? 219 HOH A O   1 
HETATM 976  O  O   . HOH E 5 .   ? -10.424 3.215   -11.384 1.00 32.98 ? 220 HOH A O   1 
HETATM 977  O  O   . HOH E 5 .   ? 4.885   0.316   -9.953  1.00 25.39 ? 221 HOH A O   1 
HETATM 978  O  O   . HOH E 5 .   ? 11.187  -5.914  -8.538  1.00 31.64 ? 222 HOH A O   1 
HETATM 979  O  O   . HOH E 5 .   ? -4.291  4.272   -9.453  1.00 21.52 ? 223 HOH A O   1 
HETATM 980  O  O   . HOH E 5 .   ? -17.333 3.945   5.014   1.00 31.20 ? 224 HOH A O   1 
HETATM 981  O  O   . HOH E 5 .   ? -7.943  15.858  1.658   1.00 24.57 ? 225 HOH A O   1 
HETATM 982  O  O   . HOH E 5 .   ? 14.253  -7.427  -2.168  1.00 27.70 ? 226 HOH A O   1 
HETATM 983  O  O   . HOH E 5 .   ? 7.569   -1.661  8.363   1.00 31.31 ? 227 HOH A O   1 
HETATM 984  O  O   . HOH E 5 .   ? 14.927  2.380   16.807  1.00 27.48 ? 228 HOH A O   1 
HETATM 985  O  O   . HOH E 5 .   ? -5.286  -9.791  2.713   1.00 32.16 ? 229 HOH A O   1 
HETATM 986  O  O   . HOH E 5 .   ? -12.843 4.732   -12.132 1.00 40.88 ? 230 HOH A O   1 
HETATM 987  O  O   . HOH E 5 .   ? 7.686   -0.259  -9.168  1.00 28.85 ? 231 HOH A O   1 
HETATM 988  O  O   . HOH E 5 .   ? 16.690  2.574   5.544   1.00 42.01 ? 232 HOH A O   1 
HETATM 989  O  O   . HOH E 5 .   ? -6.256  4.720   -12.541 1.00 38.61 ? 233 HOH A O   1 
HETATM 990  O  O   . HOH E 5 .   ? -20.664 -1.412  -15.054 1.00 66.44 ? 234 HOH A O   1 
HETATM 991  O  O   . HOH E 5 .   ? 2.358   13.429  0.198   1.00 35.23 ? 235 HOH A O   1 
HETATM 992  O  O   . HOH E 5 .   ? -16.875 4.065   -3.845  1.00 26.71 ? 236 HOH A O   1 
HETATM 993  O  O   . HOH E 5 .   ? -13.593 -1.066  7.079   1.00 41.42 ? 237 HOH A O   1 
HETATM 994  O  O   . HOH E 5 .   ? -20.126 3.502   -9.674  1.00 44.04 ? 238 HOH A O   1 
HETATM 995  O  O   . HOH E 5 .   ? -14.530 -6.261  -5.560  1.00 42.94 ? 239 HOH A O   1 
HETATM 996  O  O   . HOH E 5 .   ? -21.185 4.416   -7.714  1.00 40.44 ? 240 HOH A O   1 
HETATM 997  O  O   . HOH E 5 .   ? -13.825 6.627   -8.496  1.00 32.00 ? 241 HOH A O   1 
HETATM 998  O  O   . HOH E 5 .   ? -11.299 19.584  2.802   1.00 38.63 ? 242 HOH A O   1 
HETATM 999  O  O   . HOH E 5 .   ? 19.273  -5.114  6.369   1.00 38.82 ? 243 HOH A O   1 
HETATM 1000 O  O   . HOH E 5 .   ? -19.694 3.602   -4.787  1.00 45.36 ? 244 HOH A O   1 
HETATM 1001 O  O   . HOH E 5 .   ? 8.316   12.700  3.682   1.00 62.07 ? 245 HOH A O   1 
HETATM 1002 O  O   . HOH E 5 .   ? -11.954 -11.500 -3.414  1.00 43.66 ? 246 HOH A O   1 
HETATM 1003 O  O   . HOH E 5 .   ? -17.198 -0.604  9.763   1.00 57.09 ? 247 HOH A O   1 
HETATM 1004 O  O   . HOH E 5 .   ? -18.577 2.816   -0.325  1.00 38.14 ? 248 HOH A O   1 
HETATM 1005 O  O   . HOH E 5 .   ? -5.989  -2.730  -12.542 1.00 33.54 ? 249 HOH A O   1 
HETATM 1006 O  O   . HOH E 5 .   ? -22.820 -1.140  1.304   1.00 61.19 ? 250 HOH A O   1 
HETATM 1007 O  O   . HOH E 5 .   ? 10.350  -2.011  -9.813  1.00 36.54 ? 251 HOH A O   1 
HETATM 1008 O  O   . HOH E 5 .   ? 10.264  1.711   10.240  1.00 52.00 ? 252 HOH A O   1 
HETATM 1009 O  O   . HOH E 5 .   ? -3.539  11.277  -3.379  1.00 34.14 ? 253 HOH A O   1 
HETATM 1010 O  O   . HOH E 5 .   ? -0.350  -14.447 -11.277 1.00 49.48 ? 254 HOH A O   1 
HETATM 1011 O  O   . HOH E 5 .   ? 6.926   -9.519  -10.410 1.00 39.00 ? 255 HOH A O   1 
HETATM 1012 O  O   . HOH E 5 .   ? 20.141  0.704   7.670   1.00 76.57 ? 256 HOH A O   1 
HETATM 1013 O  O   . HOH E 5 .   ? -15.721 -3.013  -3.344  1.00 36.68 ? 257 HOH A O   1 
HETATM 1014 O  O   . HOH E 5 .   ? 0.562   9.036   5.147   1.00 38.88 ? 258 HOH A O   1 
HETATM 1015 O  O   . HOH E 5 .   ? -10.127 9.939   -7.858  1.00 41.72 ? 259 HOH A O   1 
HETATM 1016 O  O   . HOH E 5 .   ? 9.523   4.479   15.029  1.00 60.99 ? 260 HOH A O   1 
HETATM 1017 O  O   . HOH E 5 .   ? -14.307 1.093   8.413   1.00 46.28 ? 261 HOH A O   1 
HETATM 1018 O  O   . HOH E 5 .   ? 5.286   -8.042  6.810   1.00 44.60 ? 262 HOH A O   1 
HETATM 1019 O  O   . HOH E 5 .   ? 10.748  1.639   -7.477  1.00 42.55 ? 263 HOH A O   1 
HETATM 1020 O  O   . HOH E 5 .   ? 0.721   -14.327 3.004   1.00 52.01 ? 264 HOH A O   1 
HETATM 1021 O  O   . HOH E 5 .   ? -10.597 16.174  1.697   1.00 40.13 ? 265 HOH A O   1 
HETATM 1022 O  O   . HOH E 5 .   ? 17.324  12.695  3.127   1.00 65.61 ? 266 HOH A O   1 
HETATM 1023 O  O   . HOH E 5 .   ? -12.266 -9.515  -22.065 1.00 46.99 ? 267 HOH A O   1 
HETATM 1024 O  O   . HOH E 5 .   ? 12.650  -14.664 0.506   1.00 68.74 ? 268 HOH A O   1 
HETATM 1025 O  O   . HOH E 5 .   ? -9.495  6.987   -12.732 1.00 50.08 ? 269 HOH A O   1 
HETATM 1026 O  O   . HOH E 5 .   ? -16.552 -1.945  0.251   1.00 51.41 ? 270 HOH A O   1 
HETATM 1027 O  O   . HOH E 5 .   ? 17.201  -8.198  -1.411  1.00 51.18 ? 271 HOH A O   1 
HETATM 1028 O  O   . HOH E 5 .   ? -6.211  16.889  -0.664  1.00 49.54 ? 272 HOH A O   1 
HETATM 1029 O  O   . HOH E 5 .   ? 14.266  13.552  -0.209  1.00 38.73 ? 273 HOH A O   1 
HETATM 1030 O  O   . HOH E 5 .   ? -1.502  -17.787 -1.810  1.00 43.45 ? 274 HOH A O   1 
HETATM 1031 O  O   . HOH E 5 .   ? 1.242   -17.102 -1.238  1.00 57.89 ? 275 HOH A O   1 
HETATM 1032 O  O   . HOH E 5 .   ? 3.403   -16.316 0.708   1.00 52.67 ? 276 HOH A O   1 
HETATM 1033 O  O   . HOH E 5 .   ? -4.696  -9.817  6.020   1.00 40.25 ? 277 HOH A O   1 
HETATM 1034 O  O   . HOH E 5 .   ? 4.946   -13.324 2.914   1.00 47.14 ? 278 HOH A O   1 
HETATM 1035 O  O   . HOH E 5 .   ? 5.560   -1.697  10.222  1.00 52.78 ? 279 HOH A O   1 
HETATM 1036 O  O   . HOH E 5 .   ? 16.145  -1.327  -7.299  1.00 60.45 ? 280 HOH A O   1 
HETATM 1037 O  O   . HOH E 5 .   ? 14.977  2.853   -2.055  1.00 38.08 ? 281 HOH A O   1 
HETATM 1038 O  O   . HOH E 5 .   ? 17.732  3.167   -2.890  1.00 67.15 ? 282 HOH A O   1 
HETATM 1039 O  O   . HOH E 5 .   ? 10.944  1.073   -10.126 1.00 56.70 ? 283 HOH A O   1 
HETATM 1040 O  O   . HOH E 5 .   ? 11.477  -7.269  -10.981 1.00 42.63 ? 284 HOH A O   1 
HETATM 1041 O  O   . HOH E 5 .   ? -11.373 14.684  -1.296  1.00 35.30 ? 285 HOH A O   1 
HETATM 1042 O  O   . HOH E 5 .   ? -3.509  16.639  -3.732  1.00 47.96 ? 286 HOH A O   1 
HETATM 1043 O  O   . HOH E 5 .   ? -6.001  12.570  7.934   1.00 54.32 ? 287 HOH A O   1 
HETATM 1044 O  O   . HOH E 5 .   ? -18.688 -2.721  2.696   1.00 63.82 ? 288 HOH A O   1 
HETATM 1045 O  O   . HOH E 5 .   ? -19.015 4.627   -2.039  1.00 49.49 ? 289 HOH A O   1 
HETATM 1046 O  O   . HOH E 5 .   ? -18.628 -6.016  2.686   1.00 48.68 ? 290 HOH A O   1 
HETATM 1047 O  O   . HOH E 5 .   ? -20.956 -6.349  1.490   1.00 57.00 ? 291 HOH A O   1 
HETATM 1048 O  O   . HOH E 5 .   ? -23.170 -2.191  -3.117  1.00 51.49 ? 292 HOH A O   1 
HETATM 1049 O  O   . HOH E 5 .   ? -19.518 2.217   -15.762 1.00 69.18 ? 293 HOH A O   1 
HETATM 1050 O  O   . HOH E 5 .   ? -17.115 1.438   -15.277 1.00 53.86 ? 294 HOH A O   1 
HETATM 1051 O  O   . HOH E 5 .   ? -16.999 -8.118  -15.367 1.00 58.35 ? 295 HOH A O   1 
HETATM 1052 O  O   . HOH E 5 .   ? -5.352  -5.730  -12.367 1.00 39.26 ? 296 HOH A O   1 
HETATM 1053 O  O   . HOH E 5 .   ? -20.924 1.865   -6.045  1.00 49.46 ? 297 HOH A O   1 
HETATM 1054 O  O   . HOH E 5 .   ? -14.371 4.823   -4.943  1.00 53.20 ? 298 HOH A O   1 
HETATM 1055 O  O   . HOH E 5 .   ? -11.004 7.453   -9.724  1.00 55.04 ? 299 HOH A O   1 
HETATM 1056 O  O   . HOH E 5 .   ? -15.509 12.446  4.054   1.00 18.84 ? 300 HOH A O   1 
HETATM 1057 O  O   . HOH E 5 .   ? -8.681  0.232   -14.882 1.00 44.56 ? 301 HOH A O   1 
HETATM 1058 O  O   . HOH E 5 .   ? 11.049  -14.931 -7.411  1.00 43.36 ? 302 HOH A O   1 
HETATM 1059 O  O   . HOH E 5 .   ? 14.511  -12.139 -8.835  1.00 62.04 ? 303 HOH A O   1 
HETATM 1060 O  O   . HOH E 5 .   ? 13.601  -8.159  9.047   1.00 40.44 ? 304 HOH A O   1 
HETATM 1061 O  O   . HOH E 5 .   ? 18.265  -1.916  0.471   1.00 38.75 ? 305 HOH A O   1 
HETATM 1062 O  O   . HOH E 5 .   ? 18.187  0.812   0.868   1.00 55.11 ? 306 HOH A O   1 
HETATM 1063 O  O   . HOH E 5 .   ? 20.363  -2.630  3.388   1.00 49.11 ? 307 HOH A O   1 
HETATM 1064 O  O   . HOH E 5 .   ? 21.810  -4.637  3.931   1.00 75.95 ? 308 HOH A O   1 
HETATM 1065 O  O   . HOH E 5 .   ? 14.105  4.854   13.259  1.00 41.17 ? 309 HOH A O   1 
HETATM 1066 O  O   . HOH E 5 .   ? 16.561  5.093   13.004  1.00 62.24 ? 310 HOH A O   1 
HETATM 1067 O  O   . HOH E 5 .   ? -15.581 -8.818  0.216   1.00 61.16 ? 311 HOH A O   1 
HETATM 1068 O  O   . HOH E 5 .   ? 7.667   -8.605  -13.064 1.00 47.84 ? 312 HOH A O   1 
HETATM 1069 O  O   . HOH E 5 .   ? 4.552   14.701  2.155   1.00 50.45 ? 313 HOH A O   1 
HETATM 1070 O  O   . HOH E 5 .   ? -18.351 -9.207  -0.837  1.00 49.84 ? 314 HOH A O   1 
HETATM 1071 O  O   . HOH E 5 .   ? -17.380 -10.483 -2.664  1.00 55.47 ? 315 HOH A O   1 
HETATM 1072 O  O   . HOH E 5 .   ? 8.183   0.245   10.467  1.00 67.70 ? 316 HOH A O   1 
HETATM 1073 O  O   . HOH E 5 .   ? 15.652  -6.021  -4.247  1.00 47.20 ? 317 HOH A O   1 
HETATM 1074 O  O   . HOH E 5 .   ? 9.655   9.679   10.200  1.00 52.58 ? 318 HOH A O   1 
HETATM 1075 O  O   . HOH E 5 .   ? 6.208   8.451   2.797   1.00 39.13 ? 319 HOH A O   1 
HETATM 1076 O  O   . HOH E 5 .   ? -14.921 -7.154  -17.868 1.00 69.23 ? 320 HOH A O   1 
HETATM 1077 O  O   . HOH E 5 .   ? -13.324 16.206  -0.225  1.00 44.88 ? 321 HOH A O   1 
HETATM 1078 O  O   . HOH E 5 .   ? -14.667 13.141  -8.031  1.00 59.83 ? 322 HOH A O   1 
HETATM 1079 O  O   . HOH E 5 .   ? 20.986  3.033   13.100  1.00 51.56 ? 323 HOH A O   1 
HETATM 1080 O  O   . HOH E 5 .   ? -4.865  10.941  4.654   1.00 42.79 ? 324 HOH A O   1 
HETATM 1081 O  O   . HOH E 5 .   ? -1.124  17.630  -3.785  1.00 53.30 ? 325 HOH A O   1 
HETATM 1082 O  O   . HOH E 5 .   ? -16.585 3.111   -11.778 1.00 66.34 ? 326 HOH A O   1 
HETATM 1083 O  O   . HOH E 5 .   ? -18.232 0.222   -17.122 1.00 54.52 ? 327 HOH A O   1 
HETATM 1084 O  O   . HOH E 5 .   ? -6.964  9.935   8.404   1.00 50.76 ? 328 HOH A O   1 
HETATM 1085 O  O   . HOH E 5 .   ? -16.575 3.202   7.643   1.00 36.92 ? 329 HOH A O   1 
HETATM 1086 O  O   . HOH E 5 .   ? -14.798 -1.660  9.457   1.00 57.79 ? 330 HOH A O   1 
HETATM 1087 O  O   . HOH E 5 .   ? -14.910 -9.314  -15.765 1.00 47.09 ? 331 HOH A O   1 
HETATM 1088 O  O   . HOH E 5 .   ? -18.245 14.534  -4.638  1.00 41.03 ? 332 HOH A O   1 
HETATM 1089 O  O   . HOH E 5 .   ? -6.475  16.607  -5.755  1.00 62.23 ? 333 HOH A O   1 
HETATM 1090 O  O   . HOH E 5 .   ? -5.332  -1.009  -14.476 1.00 55.62 ? 334 HOH A O   1 
HETATM 1091 O  O   . HOH E 5 .   ? 12.283  5.827   15.007  1.00 50.81 ? 335 HOH A O   1 
HETATM 1092 O  O   . HOH E 5 .   ? -2.604  -6.106  -12.412 1.00 51.92 ? 336 HOH A O   1 
HETATM 1093 O  O   . HOH E 5 .   ? 13.539  -4.529  -8.269  1.00 65.50 ? 337 HOH A O   1 
HETATM 1094 O  O   . HOH E 5 .   ? -8.263  2.298   2.031   1.00 17.69 ? 338 HOH A O   1 
HETATM 1095 O  O   . HOH E 5 .   ? 1.851   1.781   2.552   1.00 32.13 ? 339 HOH A O   1 
HETATM 1096 O  O   . HOH E 5 .   ? 1.697   1.721   5.731   1.00 39.12 ? 340 HOH A O   1 
HETATM 1097 O  O   . HOH E 5 .   ? -6.713  -7.062  5.672   1.00 39.27 ? 341 HOH A O   1 
HETATM 1098 O  O   . HOH E 5 .   ? -9.011  -7.149  4.194   1.00 35.03 ? 342 HOH A O   1 
# 
